data_5EOG
#
_entry.id   5EOG
#
_cell.length_a   167.100
_cell.length_b   176.990
_cell.length_c   115.110
_cell.angle_alpha   90.00
_cell.angle_beta   126.53
_cell.angle_gamma   90.00
#
_symmetry.space_group_name_H-M   'C 1 2 1'
#
loop_
_entity.id
_entity.type
_entity.pdbx_description
1 polymer 'Protein mab-21-like 1'
2 non-polymer 'CITRIC ACID'
3 water water
#
_entity_poly.entity_id   1
_entity_poly.type   'polypeptide(L)'
_entity_poly.pdbx_seq_one_letter_code
;GAMDIAAQAKLVYHLNKYYNEKCQARKAAIAKTIREVCKVVSDVLKEVEVQEPRFISSLNEMDNRYEGLEVISPTEFEVV
LYLNQMGVFNFVDDGSLPGCAVLKLSDGRKRSMSLWVEFITASGYLSARKIRSRFQTLVAQAVDKCSYRDVVKMVADTSE
VKLRIRDRYVVQITPAFKCTGIWPRSAAHWPLPHIPWPGPNRVAEVKAEGFNLLSKECHSLAGKQSSAESDAWVLQFAEA
ENRLQMGGCRKKCLSILKTLRDRHLELPGQPLNNYHMKTLVSYECEKHPRESDWDESCLGDRLNGILLQLISCLQCRRCP
HYFLPNLDLFQGKPHSALENAAKQTWRLAREILTNPKSLEKL
;
_entity_poly.pdbx_strand_id   A,B,D,F,C
#
# COMPACT_ATOMS: atom_id res chain seq x y z
N MET A 3 -10.12 -12.94 -2.33
CA MET A 3 -9.90 -14.13 -3.14
C MET A 3 -8.47 -14.62 -3.03
N ASP A 4 -7.57 -13.64 -2.87
CA ASP A 4 -6.15 -13.92 -2.68
C ASP A 4 -5.90 -14.61 -1.34
N ILE A 5 -6.85 -14.52 -0.41
CA ILE A 5 -6.71 -15.16 0.89
C ILE A 5 -6.98 -16.65 0.78
N ALA A 6 -8.04 -17.01 0.04
CA ALA A 6 -8.46 -18.40 -0.08
C ALA A 6 -7.46 -19.25 -0.86
N ALA A 7 -6.79 -18.68 -1.86
CA ALA A 7 -5.79 -19.44 -2.59
C ALA A 7 -4.57 -19.74 -1.73
N GLN A 8 -4.21 -18.81 -0.84
CA GLN A 8 -3.12 -19.10 0.11
C GLN A 8 -3.46 -20.30 0.97
N ALA A 9 -4.71 -20.40 1.42
CA ALA A 9 -5.11 -21.53 2.25
C ALA A 9 -5.19 -22.84 1.47
N LYS A 10 -5.68 -22.80 0.22
CA LYS A 10 -5.76 -24.01 -0.59
C LYS A 10 -4.37 -24.57 -0.86
N LEU A 11 -3.40 -23.69 -1.10
CA LEU A 11 -2.03 -24.13 -1.28
C LEU A 11 -1.51 -24.83 -0.04
N VAL A 12 -1.74 -24.22 1.12
CA VAL A 12 -1.26 -24.83 2.36
C VAL A 12 -1.91 -26.18 2.61
N TYR A 13 -3.16 -26.37 2.20
CA TYR A 13 -3.83 -27.65 2.41
C TYR A 13 -3.21 -28.75 1.56
N HIS A 14 -3.04 -28.50 0.25
CA HIS A 14 -2.56 -29.54 -0.63
C HIS A 14 -1.09 -29.85 -0.39
N LEU A 15 -0.33 -28.86 0.09
CA LEU A 15 1.05 -29.10 0.51
C LEU A 15 1.10 -29.98 1.73
N ASN A 16 0.21 -29.78 2.69
CA ASN A 16 0.12 -30.71 3.81
C ASN A 16 -0.22 -32.11 3.33
N LYS A 17 -1.10 -32.25 2.35
CA LYS A 17 -1.36 -33.56 1.78
C LYS A 17 -0.10 -34.11 1.11
N TYR A 18 0.62 -33.26 0.39
CA TYR A 18 1.86 -33.72 -0.21
C TYR A 18 2.85 -34.16 0.86
N TYR A 19 2.91 -33.44 1.97
CA TYR A 19 3.81 -33.82 3.05
C TYR A 19 3.40 -35.13 3.69
N ASN A 20 2.12 -35.35 3.87
CA ASN A 20 1.63 -36.54 4.54
C ASN A 20 1.55 -37.74 3.60
N GLU A 21 1.23 -37.53 2.33
CA GLU A 21 1.11 -38.62 1.36
C GLU A 21 2.44 -38.93 0.65
N LYS A 22 3.03 -37.94 -0.01
CA LYS A 22 4.24 -38.15 -0.79
C LYS A 22 5.52 -38.02 0.03
N CYS A 23 5.61 -37.03 0.91
CA CYS A 23 6.85 -36.85 1.68
C CYS A 23 7.05 -38.00 2.64
N GLN A 24 5.98 -38.46 3.29
CA GLN A 24 6.12 -39.58 4.21
C GLN A 24 6.53 -40.84 3.48
N ALA A 25 5.97 -41.05 2.29
CA ALA A 25 6.37 -42.14 1.42
C ALA A 25 7.86 -42.08 1.11
N ARG A 26 8.38 -40.88 0.83
CA ARG A 26 9.81 -40.75 0.64
C ARG A 26 10.55 -41.26 1.87
N LYS A 27 10.26 -40.69 3.04
CA LYS A 27 10.98 -41.04 4.26
C LYS A 27 10.79 -42.51 4.60
N ALA A 28 9.71 -43.14 4.08
CA ALA A 28 9.48 -44.56 4.28
C ALA A 28 10.35 -45.42 3.35
N ALA A 29 10.32 -45.11 2.05
CA ALA A 29 11.19 -45.79 1.11
C ALA A 29 12.64 -45.57 1.47
N ILE A 30 13.00 -44.33 1.85
CA ILE A 30 14.37 -44.04 2.26
C ILE A 30 14.72 -44.87 3.49
N ALA A 31 13.78 -45.01 4.43
CA ALA A 31 14.07 -45.80 5.64
C ALA A 31 14.27 -47.28 5.31
N LYS A 32 13.49 -47.79 4.36
CA LYS A 32 13.69 -49.16 3.88
C LYS A 32 15.04 -49.27 3.21
N THR A 33 15.37 -48.31 2.35
CA THR A 33 16.68 -48.30 1.71
C THR A 33 17.81 -48.09 2.72
N ILE A 34 17.60 -47.27 3.73
CA ILE A 34 18.65 -47.02 4.71
C ILE A 34 18.86 -48.23 5.61
N ARG A 35 17.77 -48.89 6.02
CA ARG A 35 17.91 -50.06 6.89
C ARG A 35 18.67 -51.18 6.20
N GLU A 36 18.40 -51.37 4.92
CA GLU A 36 19.17 -52.31 4.09
C GLU A 36 20.62 -51.89 3.94
N VAL A 37 20.85 -50.60 3.64
CA VAL A 37 22.21 -50.08 3.51
C VAL A 37 22.96 -50.14 4.84
N CYS A 38 22.31 -49.73 5.92
CA CYS A 38 23.01 -49.60 7.19
C CYS A 38 23.45 -50.93 7.77
N LYS A 39 22.75 -52.03 7.45
CA LYS A 39 23.26 -53.34 7.86
C LYS A 39 24.57 -53.65 7.17
N VAL A 40 24.65 -53.41 5.86
CA VAL A 40 25.88 -53.67 5.12
C VAL A 40 27.05 -52.88 5.69
N VAL A 41 26.85 -51.59 5.93
CA VAL A 41 27.95 -50.75 6.42
C VAL A 41 28.37 -51.15 7.84
N SER A 42 27.40 -51.28 8.77
CA SER A 42 27.77 -51.56 10.15
C SER A 42 28.40 -52.93 10.30
N ASP A 43 27.98 -53.86 9.45
CA ASP A 43 28.59 -55.18 9.40
C ASP A 43 30.04 -55.07 8.92
N VAL A 44 30.24 -54.39 7.78
CA VAL A 44 31.59 -54.13 7.27
C VAL A 44 32.40 -53.30 8.26
N LEU A 45 31.77 -52.31 8.90
CA LEU A 45 32.48 -51.50 9.87
C LEU A 45 32.87 -52.33 11.09
N LYS A 46 32.06 -53.35 11.43
CA LYS A 46 32.43 -54.27 12.50
C LYS A 46 33.71 -55.01 12.15
N GLU A 47 33.89 -55.37 10.87
CA GLU A 47 35.10 -56.05 10.43
C GLU A 47 36.30 -55.12 10.49
N VAL A 48 36.11 -53.88 10.06
CA VAL A 48 37.14 -52.85 10.22
C VAL A 48 37.46 -52.67 11.70
N GLU A 49 36.48 -52.84 12.59
CA GLU A 49 36.76 -52.71 14.03
C GLU A 49 37.69 -53.82 14.53
N VAL A 50 37.60 -55.04 13.97
CA VAL A 50 38.46 -56.12 14.46
C VAL A 50 39.88 -55.97 13.93
N GLN A 51 40.04 -55.52 12.68
CA GLN A 51 41.39 -55.20 12.20
C GLN A 51 41.90 -53.92 12.83
N GLU A 52 41.08 -52.88 12.85
CA GLU A 52 41.44 -51.60 13.46
C GLU A 52 40.38 -51.23 14.50
N PRO A 53 40.67 -51.41 15.79
CA PRO A 53 39.66 -51.13 16.83
C PRO A 53 39.28 -49.66 16.95
N ARG A 54 40.15 -48.77 16.47
CA ARG A 54 39.89 -47.35 16.59
C ARG A 54 38.67 -46.94 15.80
N PHE A 55 38.33 -47.71 14.76
CA PHE A 55 37.11 -47.45 14.00
C PHE A 55 35.95 -48.11 14.70
N ILE A 56 34.84 -47.37 14.86
CA ILE A 56 33.66 -47.85 15.56
C ILE A 56 32.46 -47.58 14.66
N SER A 57 31.34 -48.20 14.99
CA SER A 57 30.08 -47.90 14.32
C SER A 57 29.53 -46.53 14.76
N GLU A 67 23.81 -42.85 13.31
CA GLU A 67 23.35 -41.57 13.82
C GLU A 67 23.74 -40.43 12.89
N GLY A 68 25.04 -40.12 12.85
CA GLY A 68 25.54 -39.05 12.00
C GLY A 68 25.53 -39.43 10.53
N LEU A 69 24.33 -39.63 9.98
CA LEU A 69 24.18 -39.99 8.58
C LEU A 69 23.77 -38.79 7.74
N GLU A 70 23.90 -38.92 6.42
CA GLU A 70 23.53 -37.84 5.51
C GLU A 70 22.88 -38.48 4.30
N VAL A 71 21.70 -38.00 3.96
CA VAL A 71 21.07 -38.42 2.71
C VAL A 71 21.48 -37.41 1.64
N ILE A 72 22.08 -37.92 0.58
CA ILE A 72 22.47 -37.09 -0.55
C ILE A 72 21.40 -37.11 -1.62
N SER A 73 20.89 -38.31 -1.88
CA SER A 73 19.80 -38.56 -2.81
C SER A 73 19.07 -39.78 -2.29
N PRO A 74 17.94 -40.17 -2.92
CA PRO A 74 17.26 -41.37 -2.43
C PRO A 74 18.14 -42.61 -2.41
N THR A 75 19.13 -42.66 -3.29
CA THR A 75 19.99 -43.82 -3.47
C THR A 75 21.43 -43.59 -3.06
N GLU A 76 21.74 -42.39 -2.58
CA GLU A 76 23.09 -42.03 -2.17
C GLU A 76 23.09 -41.56 -0.74
N PHE A 77 24.10 -41.97 0.03
CA PHE A 77 24.15 -41.59 1.41
C PHE A 77 25.61 -41.32 1.71
N GLU A 78 25.85 -40.58 2.78
CA GLU A 78 27.21 -40.40 3.22
C GLU A 78 27.19 -40.75 4.69
N VAL A 79 27.96 -41.77 5.06
CA VAL A 79 28.06 -42.13 6.46
C VAL A 79 29.27 -41.42 7.00
N VAL A 80 29.04 -40.63 8.01
CA VAL A 80 30.11 -40.01 8.76
C VAL A 80 30.37 -40.93 9.92
N LEU A 81 31.59 -41.38 10.04
CA LEU A 81 31.99 -42.29 11.10
C LEU A 81 32.75 -41.44 12.12
N TYR A 82 32.17 -41.28 13.30
CA TYR A 82 32.75 -40.37 14.28
C TYR A 82 33.78 -41.14 15.07
N LEU A 83 35.04 -40.80 14.86
CA LEU A 83 36.13 -41.59 15.42
C LEU A 83 36.41 -41.20 16.87
N ASN A 84 36.60 -42.20 17.73
CA ASN A 84 37.17 -41.92 19.03
C ASN A 84 38.39 -41.03 18.87
N GLN A 85 38.31 -39.83 19.44
CA GLN A 85 39.38 -38.86 19.31
C GLN A 85 40.13 -38.73 20.63
N MET A 86 41.17 -37.91 20.59
CA MET A 86 41.75 -37.30 21.79
C MET A 86 41.73 -35.78 21.75
N GLY A 87 41.57 -35.17 20.57
CA GLY A 87 41.71 -33.74 20.39
C GLY A 87 42.93 -33.16 21.06
N VAL A 88 44.07 -33.80 20.86
CA VAL A 88 45.34 -33.33 21.39
C VAL A 88 45.93 -32.28 20.44
N PHE A 89 45.30 -32.12 19.28
CA PHE A 89 45.72 -31.17 18.25
C PHE A 89 44.73 -30.01 18.19
N ASN A 90 45.24 -28.78 18.15
CA ASN A 90 44.36 -27.62 18.14
C ASN A 90 44.11 -27.10 16.72
N VAL A 92 41.98 -24.49 13.58
CA VAL A 92 42.88 -23.77 12.68
C VAL A 92 42.27 -23.57 11.29
N ASP A 93 41.64 -22.40 11.08
CA ASP A 93 41.04 -22.05 9.81
C ASP A 93 41.70 -20.78 9.25
N ASP A 94 42.07 -20.82 7.97
CA ASP A 94 42.68 -19.71 7.28
C ASP A 94 42.07 -19.56 5.90
N GLY A 95 42.29 -18.39 5.29
CA GLY A 95 41.74 -18.10 3.98
C GLY A 95 42.43 -18.90 2.90
N SER A 96 43.40 -19.71 3.31
CA SER A 96 44.23 -20.45 2.37
C SER A 96 43.38 -21.23 1.37
N LEU A 97 42.57 -22.17 1.87
CA LEU A 97 41.68 -22.94 1.01
C LEU A 97 40.25 -22.82 1.52
N PRO A 98 39.32 -22.40 0.68
CA PRO A 98 37.97 -22.08 1.16
C PRO A 98 37.21 -23.33 1.58
N GLY A 99 36.42 -23.18 2.64
CA GLY A 99 35.57 -24.24 3.13
C GLY A 99 36.28 -25.43 3.71
N CYS A 100 37.61 -25.36 3.89
CA CYS A 100 38.37 -26.50 4.39
C CYS A 100 39.37 -26.01 5.42
N ALA A 101 39.69 -26.89 6.36
CA ALA A 101 40.58 -26.58 7.47
C ALA A 101 41.46 -27.78 7.78
N VAL A 102 42.47 -27.56 8.60
CA VAL A 102 43.43 -28.60 8.95
C VAL A 102 43.45 -28.88 10.46
N LEU A 105 48.07 -29.91 15.56
CA LEU A 105 48.90 -29.96 16.75
C LEU A 105 49.25 -28.56 17.22
N SER A 106 49.77 -28.44 18.44
CA SER A 106 50.24 -27.17 18.96
C SER A 106 51.76 -27.09 19.01
N ASP A 107 52.42 -27.92 19.81
CA ASP A 107 53.88 -27.89 19.91
C ASP A 107 54.47 -29.21 19.44
N GLY A 108 55.77 -29.17 19.08
CA GLY A 108 56.47 -30.35 18.62
C GLY A 108 56.63 -31.43 19.66
N ARG A 109 55.74 -31.44 20.66
CA ARG A 109 55.64 -32.44 21.71
C ARG A 109 54.36 -33.23 21.51
N LYS A 110 54.23 -34.32 22.28
CA LYS A 110 52.97 -35.05 22.45
C LYS A 110 52.45 -35.63 21.14
N ARG A 111 53.36 -35.95 20.20
CA ARG A 111 52.92 -36.72 19.05
C ARG A 111 52.40 -38.09 19.47
N SER A 112 52.91 -38.62 20.57
CA SER A 112 52.45 -39.89 21.12
C SER A 112 51.16 -39.78 21.89
N MET A 113 50.55 -38.59 21.92
CA MET A 113 49.29 -38.43 22.64
C MET A 113 48.10 -38.84 21.81
N SER A 114 48.20 -38.76 20.49
CA SER A 114 47.08 -39.11 19.64
C SER A 114 46.81 -40.61 19.67
N LEU A 115 45.53 -40.97 19.69
CA LEU A 115 45.13 -42.34 19.41
C LEU A 115 45.60 -42.74 18.02
N TRP A 116 45.71 -41.73 17.16
CA TRP A 116 46.16 -41.89 15.78
C TRP A 116 47.51 -41.18 15.67
N VAL A 117 48.37 -41.42 16.65
CA VAL A 117 49.68 -40.77 16.71
C VAL A 117 50.55 -41.04 15.49
N GLU A 118 50.59 -42.27 14.98
CA GLU A 118 51.39 -42.47 13.78
C GLU A 118 51.03 -41.50 12.67
N PHE A 119 49.77 -41.07 12.60
CA PHE A 119 49.23 -40.35 11.45
C PHE A 119 49.55 -38.85 11.43
N ILE A 120 50.14 -38.31 12.49
CA ILE A 120 50.61 -36.93 12.44
C ILE A 120 51.83 -36.86 11.53
N THR A 121 51.87 -35.85 10.66
CA THR A 121 52.92 -35.74 9.66
C THR A 121 54.24 -35.23 10.24
N ALA A 122 55.28 -35.35 9.42
CA ALA A 122 56.58 -34.79 9.76
C ALA A 122 56.47 -33.28 9.97
N SER A 123 55.71 -32.60 9.10
CA SER A 123 55.49 -31.17 9.28
C SER A 123 54.74 -30.87 10.57
N GLY A 124 54.19 -31.89 11.21
CA GLY A 124 53.42 -31.76 12.42
C GLY A 124 51.92 -31.61 12.22
N TYR A 125 51.44 -31.67 10.98
CA TYR A 125 50.00 -31.62 10.71
C TYR A 125 49.44 -33.03 10.65
N LEU A 126 48.13 -33.15 10.87
CA LEU A 126 47.44 -34.43 10.83
C LEU A 126 46.73 -34.58 9.47
N SER A 127 47.04 -35.68 8.76
CA SER A 127 46.68 -35.86 7.36
C SER A 127 45.34 -36.58 7.20
N ALA A 128 44.37 -35.90 6.57
CA ALA A 128 43.14 -36.57 6.17
C ALA A 128 43.37 -37.56 5.03
N ARG A 129 44.27 -37.22 4.10
CA ARG A 129 44.56 -38.09 2.98
C ARG A 129 45.03 -39.46 3.44
N LYS A 130 45.81 -39.48 4.52
CA LYS A 130 46.40 -40.74 4.99
C LYS A 130 45.41 -41.62 5.76
N ILE A 131 44.53 -41.02 6.58
CA ILE A 131 43.53 -41.81 7.28
C ILE A 131 42.49 -42.39 6.32
N ARG A 132 42.10 -41.60 5.32
CA ARG A 132 41.13 -42.11 4.35
C ARG A 132 41.71 -43.26 3.51
N SER A 133 42.99 -43.18 3.12
CA SER A 133 43.64 -44.29 2.40
C SER A 133 43.68 -45.55 3.26
N ARG A 134 44.16 -45.41 4.49
CA ARG A 134 44.21 -46.53 5.42
C ARG A 134 42.82 -47.12 5.63
N PHE A 135 41.80 -46.25 5.79
CA PHE A 135 40.42 -46.69 5.90
C PHE A 135 39.95 -47.33 4.59
N GLN A 136 40.34 -46.77 3.44
CA GLN A 136 39.89 -47.30 2.14
C GLN A 136 40.49 -48.67 1.85
N THR A 137 41.75 -48.86 2.22
CA THR A 137 42.37 -50.16 2.05
C THR A 137 41.62 -51.21 2.86
N LEU A 138 41.29 -50.89 4.12
CA LEU A 138 40.53 -51.78 4.99
C LEU A 138 39.16 -52.12 4.43
N VAL A 139 38.44 -51.13 3.90
CA VAL A 139 37.08 -51.37 3.39
C VAL A 139 37.11 -52.26 2.14
N ALA A 140 38.01 -51.95 1.19
CA ALA A 140 38.06 -52.74 -0.05
C ALA A 140 38.40 -54.18 0.24
N GLN A 141 39.21 -54.41 1.27
CA GLN A 141 39.54 -55.75 1.71
C GLN A 141 38.36 -56.47 2.36
N ALA A 142 37.58 -55.74 3.16
CA ALA A 142 36.48 -56.37 3.90
C ALA A 142 35.37 -56.82 2.96
N VAL A 143 35.21 -56.14 1.81
CA VAL A 143 34.18 -56.44 0.83
C VAL A 143 34.32 -57.84 0.23
N ASP A 144 35.54 -58.41 0.25
CA ASP A 144 35.83 -59.73 -0.36
C ASP A 144 35.47 -60.91 0.52
N TYR A 148 29.63 -58.58 -0.43
CA TYR A 148 30.36 -59.79 -0.08
C TYR A 148 30.64 -60.61 -1.31
N ARG A 149 29.62 -60.72 -2.17
CA ARG A 149 29.78 -61.49 -3.40
C ARG A 149 29.17 -60.72 -4.56
N ASP A 150 27.97 -60.18 -4.35
CA ASP A 150 27.22 -59.56 -5.42
C ASP A 150 26.41 -58.43 -4.83
N VAL A 151 26.21 -58.50 -3.52
CA VAL A 151 25.41 -57.50 -2.86
C VAL A 151 26.19 -56.25 -2.48
N VAL A 152 27.52 -56.32 -2.42
CA VAL A 152 28.36 -55.18 -2.08
C VAL A 152 29.45 -55.04 -3.14
N LYS A 153 29.70 -53.78 -3.53
CA LYS A 153 30.72 -53.44 -4.51
C LYS A 153 31.55 -52.28 -3.96
N MET A 154 32.80 -52.16 -4.41
CA MET A 154 33.68 -51.09 -3.96
C MET A 154 33.89 -50.08 -5.07
N VAL A 155 33.75 -48.79 -4.75
CA VAL A 155 33.90 -47.76 -5.76
C VAL A 155 35.36 -47.35 -5.81
N ALA A 156 35.96 -47.39 -7.00
CA ALA A 156 37.36 -47.04 -7.19
C ALA A 156 37.46 -45.76 -8.04
N ASP A 157 38.69 -45.29 -8.27
CA ASP A 157 39.05 -44.04 -8.93
C ASP A 157 38.65 -42.82 -8.11
N THR A 158 38.18 -43.01 -6.89
CA THR A 158 37.86 -41.91 -6.00
C THR A 158 38.69 -42.09 -4.74
N SER A 159 39.16 -40.98 -4.18
CA SER A 159 39.97 -41.05 -2.98
C SER A 159 39.14 -41.44 -1.77
N GLU A 160 37.88 -41.03 -1.74
CA GLU A 160 36.96 -41.33 -0.65
C GLU A 160 36.40 -42.74 -0.76
N VAL A 161 35.96 -43.27 0.38
CA VAL A 161 35.43 -44.62 0.44
C VAL A 161 33.97 -44.61 0.02
N LYS A 162 33.64 -45.42 -0.97
CA LYS A 162 32.27 -45.53 -1.45
C LYS A 162 31.98 -46.98 -1.78
N LEU A 163 30.81 -47.44 -1.39
CA LEU A 163 30.36 -48.82 -1.57
C LEU A 163 29.15 -48.82 -2.49
N ARG A 164 29.06 -49.80 -3.37
CA ARG A 164 27.90 -49.94 -4.24
C ARG A 164 27.17 -51.25 -3.89
N ILE A 165 25.96 -51.11 -3.31
CA ILE A 165 25.23 -52.20 -2.67
C ILE A 165 24.09 -52.63 -3.59
N ARG A 166 24.03 -53.92 -3.90
CA ARG A 166 22.98 -54.49 -4.77
C ARG A 166 22.88 -53.75 -6.09
N ASP A 167 23.96 -53.12 -6.55
CA ASP A 167 24.00 -52.41 -7.84
C ASP A 167 22.89 -51.36 -7.96
N ARG A 168 22.25 -50.98 -6.84
CA ARG A 168 21.12 -50.04 -6.84
C ARG A 168 21.43 -48.76 -6.07
N TYR A 169 22.24 -48.82 -5.02
CA TYR A 169 22.47 -47.73 -4.08
C TYR A 169 23.98 -47.50 -3.96
N VAL A 170 24.38 -46.27 -3.63
CA VAL A 170 25.78 -45.92 -3.45
C VAL A 170 25.95 -45.22 -2.11
N VAL A 171 26.82 -45.74 -1.26
CA VAL A 171 26.99 -45.17 0.07
C VAL A 171 28.44 -44.76 0.27
N GLN A 172 28.66 -43.50 0.63
CA GLN A 172 30.01 -43.00 0.89
C GLN A 172 30.24 -43.03 2.39
N ILE A 173 31.33 -43.65 2.81
CA ILE A 173 31.69 -43.68 4.22
C ILE A 173 32.87 -42.74 4.42
N THR A 174 32.63 -41.66 5.15
CA THR A 174 33.58 -40.57 5.31
C THR A 174 34.06 -40.46 6.75
N PRO A 175 35.33 -40.74 7.02
CA PRO A 175 35.83 -40.61 8.40
C PRO A 175 35.71 -39.18 8.89
N ALA A 176 35.27 -39.05 10.13
CA ALA A 176 34.92 -37.76 10.71
C ALA A 176 35.15 -37.77 12.22
N PHE A 177 35.13 -36.58 12.79
CA PHE A 177 35.06 -36.41 14.25
C PHE A 177 33.78 -35.68 14.66
N TRP A 183 33.93 -23.31 16.80
CA TRP A 183 33.08 -22.61 15.85
C TRP A 183 34.06 -21.91 14.88
N PRO A 184 33.87 -22.12 13.57
CA PRO A 184 34.91 -21.75 12.59
C PRO A 184 35.03 -20.26 12.31
N ARG A 185 36.13 -19.91 11.61
CA ARG A 185 36.46 -18.51 11.34
C ARG A 185 35.51 -17.88 10.34
N SER A 186 35.11 -18.65 9.32
CA SER A 186 34.21 -18.12 8.31
C SER A 186 32.78 -18.02 8.81
N ALA A 187 32.39 -18.90 9.73
CA ALA A 187 31.05 -18.90 10.32
C ALA A 187 30.94 -17.98 11.54
N ALA A 188 31.99 -17.22 11.85
CA ALA A 188 32.00 -16.38 13.05
C ALA A 188 30.99 -15.24 12.97
N HIS A 189 30.74 -14.71 11.76
CA HIS A 189 29.80 -13.60 11.61
C HIS A 189 28.40 -13.98 12.07
N TRP A 190 27.99 -15.22 11.79
CA TRP A 190 26.67 -15.71 12.09
C TRP A 190 26.46 -16.04 13.59
N PRO A 191 25.31 -15.59 14.16
CA PRO A 191 24.28 -14.83 13.45
C PRO A 191 24.60 -13.34 13.47
N LEU A 192 24.41 -12.67 12.36
CA LEU A 192 24.58 -11.23 12.39
C LEU A 192 23.47 -10.65 13.27
N PRO A 193 23.81 -9.85 14.29
CA PRO A 193 22.76 -9.33 15.19
C PRO A 193 21.68 -8.54 14.48
N HIS A 194 21.88 -8.27 13.18
CA HIS A 194 20.92 -7.50 12.39
C HIS A 194 19.55 -8.17 12.37
N ILE A 195 19.52 -9.48 12.20
CA ILE A 195 18.30 -10.23 11.97
C ILE A 195 17.78 -10.74 13.31
N PRO A 196 16.52 -10.50 13.66
CA PRO A 196 16.03 -10.95 14.97
C PRO A 196 16.14 -12.44 15.13
N TRP A 197 16.09 -13.16 14.02
CA TRP A 197 16.28 -14.58 14.02
C TRP A 197 17.76 -14.92 13.70
N PRO A 198 18.33 -15.88 14.43
CA PRO A 198 17.60 -16.46 15.56
C PRO A 198 17.78 -15.69 16.87
N GLY A 199 16.88 -15.95 17.82
CA GLY A 199 16.96 -15.36 19.13
C GLY A 199 18.27 -15.74 19.79
N PRO A 200 18.70 -14.98 20.79
CA PRO A 200 19.94 -15.36 21.49
C PRO A 200 19.89 -16.78 22.03
N ASN A 201 18.69 -17.26 22.38
CA ASN A 201 18.52 -18.64 22.84
C ASN A 201 18.76 -19.65 21.71
N ARG A 202 18.17 -19.44 20.53
CA ARG A 202 18.38 -20.36 19.41
C ARG A 202 19.80 -20.33 18.89
N VAL A 203 20.45 -19.17 18.95
CA VAL A 203 21.81 -19.02 18.45
C VAL A 203 22.81 -19.83 19.25
N ALA A 204 22.88 -19.56 20.56
CA ALA A 204 23.82 -20.25 21.44
C ALA A 204 23.51 -21.73 21.53
N GLU A 205 22.24 -22.10 21.33
CA GLU A 205 21.84 -23.50 21.36
C GLU A 205 22.36 -24.25 20.13
N VAL A 206 22.13 -23.68 18.93
CA VAL A 206 22.61 -24.27 17.69
C VAL A 206 24.14 -24.24 17.63
N LYS A 207 24.77 -23.19 18.17
CA LYS A 207 26.22 -23.09 18.18
C LYS A 207 26.87 -24.15 19.07
N ALA A 208 26.22 -24.53 20.17
CA ALA A 208 26.74 -25.57 21.05
C ALA A 208 26.90 -26.90 20.33
N GLU A 209 26.14 -27.11 19.24
CA GLU A 209 26.29 -28.30 18.41
C GLU A 209 27.70 -28.42 17.86
N GLY A 210 28.35 -27.31 17.58
CA GLY A 210 29.63 -27.39 16.97
C GLY A 210 29.49 -27.79 15.52
N PHE A 211 30.62 -28.21 14.97
CA PHE A 211 30.73 -28.51 13.56
C PHE A 211 31.45 -29.85 13.41
N ASN A 212 31.47 -30.37 12.20
CA ASN A 212 32.14 -31.62 11.89
C ASN A 212 33.10 -31.41 10.74
N LEU A 213 34.20 -32.16 10.78
CA LEU A 213 35.20 -32.20 9.73
C LEU A 213 35.13 -33.57 9.06
N LEU A 214 34.98 -33.56 7.73
CA LEU A 214 34.78 -34.76 6.92
C LEU A 214 36.03 -34.93 6.06
N SER A 215 36.54 -36.16 5.99
CA SER A 215 37.71 -36.48 5.20
C SER A 215 37.30 -36.67 3.74
N LYS A 216 37.38 -35.59 2.97
CA LYS A 216 37.04 -35.61 1.56
C LYS A 216 38.09 -34.80 0.80
N GLU A 217 38.07 -34.91 -0.53
CA GLU A 217 38.96 -34.08 -1.34
C GLU A 217 38.34 -32.69 -1.57
N CYS A 218 39.14 -31.78 -2.13
CA CYS A 218 38.74 -30.37 -2.29
C CYS A 218 38.85 -29.92 -3.74
N ASP A 231 45.17 -31.42 0.15
CA ASP A 231 45.20 -32.20 1.40
C ASP A 231 44.54 -31.44 2.51
N ALA A 232 43.23 -31.64 2.69
CA ALA A 232 42.48 -30.89 3.68
C ALA A 232 41.25 -31.68 4.07
N TRP A 233 40.57 -31.20 5.11
CA TRP A 233 39.31 -31.75 5.58
C TRP A 233 38.16 -30.83 5.16
N VAL A 234 37.08 -31.42 4.70
CA VAL A 234 35.91 -30.62 4.35
C VAL A 234 35.17 -30.27 5.63
N LEU A 235 34.53 -29.09 5.64
CA LEU A 235 33.69 -28.70 6.75
C LEU A 235 32.26 -29.07 6.43
N GLN A 236 31.52 -29.49 7.46
CA GLN A 236 30.13 -29.85 7.39
C GLN A 236 29.47 -29.41 8.67
N PHE A 237 28.26 -28.84 8.56
CA PHE A 237 27.49 -28.43 9.72
C PHE A 237 26.14 -29.13 9.72
N ALA A 238 26.07 -30.34 9.15
CA ALA A 238 24.78 -31.01 9.01
C ALA A 238 24.10 -31.10 10.37
N GLU A 239 24.90 -31.16 11.45
CA GLU A 239 24.35 -31.21 12.79
C GLU A 239 23.78 -29.86 13.21
N ALA A 240 24.48 -28.75 12.91
CA ALA A 240 23.94 -27.41 13.20
C ALA A 240 22.87 -27.00 12.20
N GLU A 241 23.07 -27.26 10.90
CA GLU A 241 22.09 -26.86 9.90
C GLU A 241 20.72 -27.46 10.21
N ASN A 242 20.64 -28.78 10.35
CA ASN A 242 19.35 -29.43 10.61
C ASN A 242 18.72 -28.95 11.91
N ARG A 243 19.54 -28.65 12.93
CA ARG A 243 19.00 -28.11 14.18
C ARG A 243 18.62 -26.64 14.06
N LEU A 244 19.36 -25.87 13.27
CA LEU A 244 19.04 -24.46 13.10
C LEU A 244 17.61 -24.27 12.59
N GLN A 245 17.16 -25.13 11.69
CA GLN A 245 15.86 -25.04 11.07
C GLN A 245 14.76 -25.52 11.97
N MET A 246 15.05 -25.79 13.24
CA MET A 246 13.98 -26.20 14.14
C MET A 246 13.00 -25.06 14.39
N GLY A 247 11.71 -25.41 14.42
CA GLY A 247 10.66 -24.43 14.56
C GLY A 247 9.76 -24.33 13.35
N GLY A 248 8.47 -24.20 13.62
CA GLY A 248 7.51 -23.92 12.58
C GLY A 248 7.43 -25.00 11.54
N CYS A 249 7.24 -24.57 10.28
CA CYS A 249 7.16 -25.50 9.17
C CYS A 249 8.48 -25.61 8.38
N ARG A 250 9.59 -25.08 8.91
CA ARG A 250 10.87 -25.14 8.22
C ARG A 250 11.21 -26.58 7.80
N LYS A 251 11.10 -27.53 8.73
CA LYS A 251 11.37 -28.93 8.39
C LYS A 251 10.36 -29.47 7.40
N LYS A 252 9.07 -29.16 7.58
CA LYS A 252 8.08 -29.60 6.59
C LYS A 252 8.42 -29.03 5.24
N CYS A 253 8.86 -27.77 5.22
CA CYS A 253 9.30 -27.14 3.98
C CYS A 253 10.50 -27.90 3.40
N LEU A 254 11.51 -28.21 4.22
CA LEU A 254 12.66 -28.99 3.73
C LEU A 254 12.21 -30.35 3.22
N SER A 255 11.39 -31.04 3.99
CA SER A 255 10.88 -32.34 3.59
C SER A 255 10.17 -32.25 2.24
N ILE A 256 9.36 -31.19 2.06
CA ILE A 256 8.70 -30.95 0.78
C ILE A 256 9.70 -30.60 -0.30
N LEU A 257 10.68 -29.76 0.01
CA LEU A 257 11.67 -29.40 -1.00
C LEU A 257 12.49 -30.61 -1.43
N LYS A 258 13.05 -31.35 -0.45
CA LYS A 258 13.80 -32.56 -0.78
C LYS A 258 12.99 -33.50 -1.65
N THR A 259 11.71 -33.70 -1.30
CA THR A 259 10.86 -34.63 -2.07
C THR A 259 10.64 -34.16 -3.49
N LEU A 260 10.23 -32.90 -3.67
CA LEU A 260 10.04 -32.39 -5.03
C LEU A 260 11.31 -32.52 -5.85
N ARG A 261 12.46 -32.26 -5.22
CA ARG A 261 13.72 -32.42 -5.93
C ARG A 261 13.90 -33.86 -6.41
N ASP A 262 13.60 -34.83 -5.55
CA ASP A 262 13.70 -36.23 -5.93
C ASP A 262 12.78 -36.56 -7.11
N ARG A 263 11.50 -36.27 -6.93
CA ARG A 263 10.49 -36.56 -7.95
C ARG A 263 10.54 -35.83 -9.30
N HIS A 264 10.94 -34.57 -9.29
CA HIS A 264 10.85 -33.73 -10.49
C HIS A 264 12.11 -32.95 -10.86
N LEU A 265 13.18 -32.98 -10.04
CA LEU A 265 14.37 -32.18 -10.33
C LEU A 265 15.65 -32.97 -10.37
N GLU A 266 15.61 -34.31 -10.40
CA GLU A 266 16.80 -35.08 -10.75
C GLU A 266 17.06 -34.96 -12.25
N LEU A 267 18.06 -34.17 -12.59
CA LEU A 267 18.30 -33.71 -13.94
C LEU A 267 19.72 -34.02 -14.41
N PRO A 268 19.94 -34.03 -15.74
CA PRO A 268 21.33 -34.09 -16.27
C PRO A 268 22.25 -33.09 -15.59
N GLY A 269 23.46 -33.54 -15.29
CA GLY A 269 24.42 -32.70 -14.58
C GLY A 269 24.26 -32.71 -13.08
N GLN A 270 23.22 -33.36 -12.56
CA GLN A 270 22.87 -33.38 -11.14
C GLN A 270 23.01 -31.96 -10.60
N PRO A 271 22.33 -30.98 -11.22
CA PRO A 271 22.48 -29.60 -10.76
C PRO A 271 21.95 -29.39 -9.37
N LEU A 272 20.98 -30.20 -8.93
CA LEU A 272 20.25 -29.90 -7.70
C LEU A 272 20.39 -31.03 -6.69
N ASN A 273 20.76 -30.67 -5.47
CA ASN A 273 21.00 -31.61 -4.38
C ASN A 273 20.01 -31.39 -3.26
N ASN A 274 19.84 -32.41 -2.42
CA ASN A 274 19.17 -32.21 -1.15
C ASN A 274 19.89 -31.12 -0.37
N TYR A 275 21.19 -30.95 -0.60
CA TYR A 275 21.90 -29.91 0.12
C TYR A 275 21.54 -28.51 -0.37
N HIS A 276 21.27 -28.37 -1.68
CA HIS A 276 20.78 -27.09 -2.19
C HIS A 276 19.49 -26.69 -1.50
N MET A 277 18.52 -27.60 -1.40
CA MET A 277 17.29 -27.27 -0.70
C MET A 277 17.56 -26.96 0.76
N LYS A 278 18.36 -27.81 1.41
CA LYS A 278 18.66 -27.60 2.82
C LYS A 278 19.28 -26.23 3.04
N THR A 279 20.25 -25.87 2.19
CA THR A 279 20.96 -24.62 2.37
C THR A 279 20.07 -23.40 2.05
N LEU A 280 19.11 -23.55 1.12
CA LEU A 280 18.18 -22.45 0.83
C LEU A 280 17.24 -22.20 1.99
N VAL A 281 16.65 -23.26 2.57
CA VAL A 281 15.72 -23.10 3.69
C VAL A 281 16.33 -22.26 4.79
N SER A 282 17.62 -22.44 5.06
CA SER A 282 18.28 -21.60 6.04
C SER A 282 18.30 -20.13 5.60
N TYR A 283 18.60 -19.86 4.32
CA TYR A 283 18.60 -18.48 3.84
C TYR A 283 17.22 -17.85 3.96
N GLU A 284 16.18 -18.58 3.54
CA GLU A 284 14.82 -18.08 3.70
C GLU A 284 14.50 -17.83 5.16
N CYS A 285 15.11 -18.58 6.08
CA CYS A 285 14.89 -18.31 7.50
C CYS A 285 15.37 -16.92 7.88
N GLU A 286 16.53 -16.53 7.35
CA GLU A 286 17.02 -15.19 7.60
C GLU A 286 16.10 -14.13 6.98
N LYS A 287 15.79 -14.26 5.68
CA LYS A 287 14.96 -13.27 5.02
C LYS A 287 13.63 -13.10 5.75
N HIS A 288 13.12 -14.16 6.32
CA HIS A 288 11.94 -13.96 7.14
C HIS A 288 12.26 -14.32 8.58
N PRO A 289 12.82 -13.34 9.31
CA PRO A 289 13.38 -13.62 10.63
C PRO A 289 12.33 -14.00 11.64
N ARG A 290 11.16 -13.41 11.55
CA ARG A 290 10.20 -13.60 12.61
C ARG A 290 9.66 -15.02 12.53
N GLU A 291 9.52 -15.66 13.70
CA GLU A 291 8.96 -17.00 13.73
C GLU A 291 7.55 -16.99 13.16
N SER A 292 6.86 -15.86 13.29
CA SER A 292 5.52 -15.74 12.70
C SER A 292 5.56 -15.98 11.20
N ASP A 293 6.66 -15.62 10.52
CA ASP A 293 6.78 -15.91 9.10
C ASP A 293 6.85 -17.39 8.83
N TRP A 294 7.11 -18.19 9.86
CA TRP A 294 7.24 -19.62 9.72
C TRP A 294 6.07 -20.40 10.33
N ASP A 295 4.99 -19.74 10.73
CA ASP A 295 3.79 -20.44 11.14
C ASP A 295 3.28 -21.35 10.02
N GLU A 296 2.45 -22.32 10.41
CA GLU A 296 1.93 -23.29 9.44
C GLU A 296 1.08 -22.62 8.38
N SER A 297 0.45 -21.52 8.74
CA SER A 297 -0.26 -20.68 7.79
C SER A 297 0.63 -20.22 6.64
N CYS A 298 1.90 -19.94 6.94
CA CYS A 298 2.87 -19.42 5.98
C CYS A 298 3.64 -20.49 5.20
N LEU A 299 3.20 -21.75 5.20
CA LEU A 299 3.96 -22.77 4.50
C LEU A 299 4.01 -22.49 2.99
N GLY A 300 2.88 -22.12 2.39
CA GLY A 300 2.86 -21.77 0.98
C GLY A 300 3.78 -20.61 0.63
N ASP A 301 3.73 -19.54 1.42
CA ASP A 301 4.61 -18.41 1.15
C ASP A 301 6.07 -18.82 1.19
N ARG A 302 6.48 -19.50 2.26
CA ARG A 302 7.90 -19.79 2.41
C ARG A 302 8.33 -20.79 1.35
N LEU A 303 7.51 -21.79 1.06
CA LEU A 303 7.86 -22.71 -0.02
C LEU A 303 7.94 -21.96 -1.36
N ASN A 304 6.94 -21.14 -1.65
CA ASN A 304 6.96 -20.38 -2.91
C ASN A 304 8.14 -19.44 -2.97
N GLY A 305 8.46 -18.77 -1.86
CA GLY A 305 9.61 -17.90 -1.84
C GLY A 305 10.90 -18.64 -2.12
N ILE A 306 11.01 -19.88 -1.64
CA ILE A 306 12.24 -20.65 -1.81
C ILE A 306 12.42 -21.12 -3.25
N LEU A 307 11.37 -21.68 -3.86
CA LEU A 307 11.53 -22.10 -5.25
C LEU A 307 12.01 -20.94 -6.13
N LEU A 308 11.47 -19.73 -5.91
CA LEU A 308 11.84 -18.54 -6.67
C LEU A 308 13.30 -18.16 -6.47
N GLN A 309 13.74 -18.11 -5.20
CA GLN A 309 15.15 -17.88 -4.92
C GLN A 309 16.00 -18.94 -5.59
N LEU A 310 15.51 -20.19 -5.66
CA LEU A 310 16.27 -21.23 -6.36
C LEU A 310 16.39 -20.91 -7.84
N ILE A 311 15.27 -20.56 -8.47
CA ILE A 311 15.29 -20.21 -9.88
C ILE A 311 16.27 -19.08 -10.15
N SER A 312 16.33 -18.12 -9.22
CA SER A 312 17.32 -17.06 -9.34
C SER A 312 18.73 -17.62 -9.29
N CYS A 313 19.02 -18.47 -8.29
CA CYS A 313 20.36 -19.02 -8.15
C CYS A 313 20.80 -19.76 -9.40
N LEU A 314 19.89 -20.54 -9.99
CA LEU A 314 20.17 -21.21 -11.25
C LEU A 314 20.48 -20.20 -12.35
N GLN A 315 19.67 -19.14 -12.44
CA GLN A 315 19.83 -18.18 -13.53
C GLN A 315 21.01 -17.26 -13.28
N CYS A 316 21.20 -16.85 -12.04
CA CYS A 316 22.38 -16.10 -11.64
C CYS A 316 23.66 -16.94 -11.70
N ARG A 317 23.53 -18.28 -11.76
CA ARG A 317 24.63 -19.24 -11.89
C ARG A 317 25.43 -19.33 -10.60
N ARG A 318 24.88 -18.85 -9.48
CA ARG A 318 25.61 -18.83 -8.22
C ARG A 318 24.67 -19.21 -7.10
N CYS A 319 25.14 -20.10 -6.23
CA CYS A 319 24.40 -20.54 -5.03
C CYS A 319 25.36 -20.73 -3.87
N PRO A 320 25.41 -19.80 -2.93
CA PRO A 320 26.44 -19.84 -1.90
C PRO A 320 26.07 -20.73 -0.71
N HIS A 321 27.12 -21.23 -0.06
CA HIS A 321 26.95 -21.98 1.17
C HIS A 321 26.45 -21.05 2.28
N TYR A 322 25.61 -21.60 3.16
CA TYR A 322 24.99 -20.76 4.19
C TYR A 322 26.05 -20.22 5.13
N PHE A 323 26.90 -21.09 5.65
CA PHE A 323 27.86 -20.65 6.64
C PHE A 323 29.08 -19.99 5.99
N LEU A 324 29.53 -20.52 4.83
CA LEU A 324 30.75 -20.05 4.18
C LEU A 324 30.50 -19.52 2.77
N PRO A 325 30.31 -18.20 2.64
CA PRO A 325 30.07 -17.62 1.31
C PRO A 325 31.18 -17.88 0.30
N ASN A 326 32.42 -18.17 0.71
CA ASN A 326 33.48 -18.27 -0.30
C ASN A 326 33.29 -19.44 -1.25
N LEU A 327 32.55 -20.47 -0.87
CA LEU A 327 32.32 -21.64 -1.71
C LEU A 327 30.89 -21.61 -2.28
N ASP A 328 30.79 -21.86 -3.57
CA ASP A 328 29.53 -21.79 -4.32
C ASP A 328 29.04 -23.20 -4.67
N LEU A 329 27.92 -23.64 -4.09
CA LEU A 329 27.44 -24.99 -4.37
C LEU A 329 27.01 -25.26 -5.80
N PHE A 330 27.12 -24.27 -6.69
CA PHE A 330 27.05 -24.58 -8.12
C PHE A 330 28.45 -24.70 -8.75
N GLN A 331 29.51 -24.69 -7.93
CA GLN A 331 30.85 -24.76 -8.49
C GLN A 331 31.01 -26.02 -9.36
N GLY A 332 31.49 -25.80 -10.59
CA GLY A 332 31.67 -26.84 -11.58
C GLY A 332 30.43 -27.33 -12.31
N LYS A 333 29.33 -26.53 -12.35
CA LYS A 333 28.13 -27.04 -13.01
C LYS A 333 27.96 -26.44 -14.40
N PRO A 334 27.69 -27.27 -15.39
CA PRO A 334 27.59 -26.79 -16.77
C PRO A 334 26.44 -25.81 -16.96
N HIS A 335 26.71 -24.75 -17.72
CA HIS A 335 25.71 -23.72 -17.98
C HIS A 335 24.44 -24.32 -18.58
N SER A 336 24.59 -25.31 -19.47
CA SER A 336 23.41 -25.92 -20.08
C SER A 336 22.52 -26.55 -19.03
N ALA A 337 23.12 -27.21 -18.05
CA ALA A 337 22.36 -27.91 -17.02
C ALA A 337 21.77 -26.97 -16.00
N LEU A 338 22.51 -25.94 -15.61
CA LEU A 338 21.94 -24.94 -14.70
C LEU A 338 20.74 -24.25 -15.34
N GLU A 339 20.82 -23.95 -16.63
CA GLU A 339 19.69 -23.33 -17.30
C GLU A 339 18.50 -24.27 -17.35
N ASN A 340 18.68 -25.46 -17.91
CA ASN A 340 17.57 -26.42 -17.93
C ASN A 340 16.95 -26.63 -16.57
N ALA A 341 17.77 -26.68 -15.50
CA ALA A 341 17.20 -26.82 -14.18
C ALA A 341 16.30 -25.62 -13.85
N ALA A 342 16.70 -24.42 -14.28
CA ALA A 342 15.86 -23.25 -14.11
C ALA A 342 14.54 -23.41 -14.87
N LYS A 343 14.59 -23.97 -16.08
CA LYS A 343 13.35 -24.17 -16.83
C LYS A 343 12.39 -25.09 -16.08
N GLN A 344 12.90 -26.19 -15.57
CA GLN A 344 12.04 -27.18 -14.95
C GLN A 344 11.56 -26.69 -13.59
N THR A 345 12.43 -26.01 -12.85
CA THR A 345 12.00 -25.45 -11.56
C THR A 345 10.91 -24.42 -11.77
N TRP A 346 11.09 -23.54 -12.74
CA TRP A 346 10.07 -22.54 -13.03
C TRP A 346 8.76 -23.21 -13.44
N ARG A 347 8.83 -24.13 -14.43
CA ARG A 347 7.63 -24.81 -14.88
C ARG A 347 6.90 -25.47 -13.73
N LEU A 348 7.66 -25.96 -12.74
CA LEU A 348 7.07 -26.66 -11.62
C LEU A 348 6.28 -25.72 -10.73
N ALA A 349 6.85 -24.56 -10.38
CA ALA A 349 6.15 -23.60 -9.53
C ALA A 349 4.86 -23.07 -10.16
N ARG A 350 4.86 -22.88 -11.49
CA ARG A 350 3.64 -22.42 -12.17
C ARG A 350 2.53 -23.49 -12.15
N GLU A 351 2.83 -24.74 -12.52
CA GLU A 351 1.78 -25.76 -12.42
C GLU A 351 1.21 -25.80 -11.02
N ILE A 352 2.04 -25.53 -10.03
CA ILE A 352 1.60 -25.53 -8.65
C ILE A 352 0.61 -24.40 -8.40
N LEU A 353 1.01 -23.16 -8.73
CA LEU A 353 0.16 -22.01 -8.40
C LEU A 353 -1.12 -22.00 -9.22
N THR A 354 -1.02 -22.08 -10.55
CA THR A 354 -2.24 -22.11 -11.35
C THR A 354 -3.23 -23.18 -10.85
N ASN A 355 -2.73 -24.37 -10.50
CA ASN A 355 -3.60 -25.44 -10.02
C ASN A 355 -2.87 -26.17 -8.90
N PRO A 356 -3.11 -25.78 -7.64
CA PRO A 356 -2.44 -26.44 -6.51
C PRO A 356 -2.84 -27.88 -6.32
N LYS A 357 -4.02 -28.29 -6.79
CA LYS A 357 -4.41 -29.70 -6.77
C LYS A 357 -3.47 -30.53 -7.62
N SER A 358 -2.75 -29.90 -8.54
CA SER A 358 -1.79 -30.62 -9.36
C SER A 358 -0.78 -31.37 -8.51
N LEU A 359 -0.56 -30.93 -7.26
CA LEU A 359 0.32 -31.64 -6.35
C LEU A 359 -0.07 -33.11 -6.19
N GLU A 360 -1.36 -33.42 -6.23
CA GLU A 360 -1.81 -34.81 -6.14
C GLU A 360 -1.11 -35.68 -7.18
N LYS A 361 -1.06 -35.20 -8.43
CA LYS A 361 -0.43 -35.95 -9.50
C LYS A 361 1.09 -35.76 -9.57
N LEU A 362 1.66 -34.95 -8.69
CA LEU A 362 3.12 -34.83 -8.57
C LEU A 362 3.61 -35.63 -7.37
N GLY B 1 -2.85 -5.29 -11.17
CA GLY B 1 -1.53 -5.48 -10.58
C GLY B 1 -0.38 -4.90 -11.39
N ALA B 2 0.20 -5.73 -12.26
CA ALA B 2 1.20 -5.26 -13.23
C ALA B 2 0.58 -4.80 -14.54
N MET B 3 -0.54 -5.41 -14.94
CA MET B 3 -1.42 -4.79 -15.94
C MET B 3 -1.96 -3.45 -15.44
N ASP B 4 -2.08 -3.29 -14.13
CA ASP B 4 -2.47 -2.00 -13.55
C ASP B 4 -1.45 -0.92 -13.85
N ILE B 5 -0.17 -1.23 -13.66
CA ILE B 5 0.89 -0.25 -13.86
C ILE B 5 1.08 0.05 -15.35
N ALA B 6 1.05 -0.96 -16.21
CA ALA B 6 1.25 -0.70 -17.64
C ALA B 6 0.10 0.11 -18.24
N ALA B 7 -1.12 -0.03 -17.74
CA ALA B 7 -2.21 0.82 -18.23
C ALA B 7 -2.06 2.24 -17.70
N GLN B 8 -1.45 2.36 -16.52
CA GLN B 8 -1.15 3.65 -15.93
C GLN B 8 -0.14 4.33 -16.85
N ALA B 9 0.83 3.54 -17.32
CA ALA B 9 1.86 4.01 -18.25
C ALA B 9 1.31 4.28 -19.65
N LYS B 10 0.35 3.48 -20.11
CA LYS B 10 -0.24 3.76 -21.42
C LYS B 10 -0.89 5.14 -21.43
N LEU B 11 -1.50 5.50 -20.31
CA LEU B 11 -2.12 6.80 -20.12
C LEU B 11 -1.11 7.92 -20.23
N VAL B 12 0.03 7.77 -19.54
CA VAL B 12 1.05 8.83 -19.57
C VAL B 12 1.66 9.01 -20.97
N TYR B 13 1.79 7.95 -21.76
CA TYR B 13 2.34 8.12 -23.10
C TYR B 13 1.36 8.90 -23.96
N HIS B 14 0.09 8.51 -23.94
CA HIS B 14 -0.88 9.15 -24.83
C HIS B 14 -1.25 10.56 -24.38
N LEU B 15 -1.18 10.87 -23.07
CA LEU B 15 -1.41 12.26 -22.65
C LEU B 15 -0.30 13.15 -23.15
N ASN B 16 0.96 12.75 -22.92
CA ASN B 16 2.09 13.50 -23.47
C ASN B 16 2.04 13.58 -24.99
N LYS B 17 1.55 12.54 -25.68
CA LYS B 17 1.29 12.68 -27.11
C LYS B 17 0.23 13.76 -27.35
N TYR B 18 -0.81 13.81 -26.49
CA TYR B 18 -1.83 14.86 -26.53
C TYR B 18 -1.26 16.23 -26.19
N TYR B 19 -0.41 16.33 -25.17
CA TYR B 19 0.21 17.61 -24.84
C TYR B 19 1.08 18.11 -25.99
N ASN B 20 1.78 17.22 -26.67
CA ASN B 20 2.65 17.71 -27.73
C ASN B 20 1.85 18.04 -28.99
N GLU B 21 0.80 17.27 -29.28
CA GLU B 21 0.05 17.51 -30.52
C GLU B 21 -1.09 18.53 -30.32
N LYS B 22 -2.01 18.29 -29.39
CA LYS B 22 -3.18 19.16 -29.26
C LYS B 22 -2.90 20.38 -28.38
N CYS B 23 -2.17 20.20 -27.27
CA CYS B 23 -1.94 21.33 -26.37
C CYS B 23 -1.04 22.38 -27.00
N GLN B 24 0.04 21.96 -27.66
CA GLN B 24 0.92 22.93 -28.32
C GLN B 24 0.19 23.67 -29.44
N ALA B 25 -0.69 22.96 -30.15
CA ALA B 25 -1.52 23.65 -31.13
C ALA B 25 -2.38 24.72 -30.46
N ARG B 26 -2.97 24.41 -29.29
CA ARG B 26 -3.73 25.39 -28.52
C ARG B 26 -2.87 26.61 -28.18
N LYS B 27 -1.71 26.39 -27.55
CA LYS B 27 -0.88 27.51 -27.13
C LYS B 27 -0.50 28.41 -28.29
N ALA B 28 -0.56 27.89 -29.52
CA ALA B 28 -0.31 28.69 -30.71
C ALA B 28 -1.50 29.55 -31.08
N ALA B 29 -2.69 28.94 -31.18
CA ALA B 29 -3.88 29.70 -31.55
C ALA B 29 -4.20 30.81 -30.54
N ILE B 30 -4.08 30.53 -29.24
CA ILE B 30 -4.34 31.56 -28.25
C ILE B 30 -3.38 32.72 -28.44
N ALA B 31 -2.10 32.42 -28.63
CA ALA B 31 -1.10 33.47 -28.69
C ALA B 31 -1.31 34.35 -29.92
N LYS B 32 -1.74 33.76 -31.02
CA LYS B 32 -2.10 34.52 -32.20
C LYS B 32 -3.30 35.42 -31.93
N THR B 33 -4.35 34.85 -31.32
CA THR B 33 -5.51 35.65 -30.95
C THR B 33 -5.17 36.72 -29.92
N ILE B 34 -4.23 36.46 -29.02
CA ILE B 34 -3.87 37.44 -28.02
C ILE B 34 -3.15 38.61 -28.66
N ARG B 35 -2.24 38.35 -29.61
CA ARG B 35 -1.53 39.46 -30.23
C ARG B 35 -2.51 40.37 -30.96
N GLU B 36 -3.51 39.79 -31.61
CA GLU B 36 -4.54 40.60 -32.27
C GLU B 36 -5.39 41.36 -31.26
N VAL B 37 -5.87 40.66 -30.25
CA VAL B 37 -6.69 41.30 -29.24
C VAL B 37 -5.93 42.42 -28.55
N CYS B 38 -4.69 42.17 -28.16
CA CYS B 38 -3.97 43.18 -27.42
C CYS B 38 -3.62 44.39 -28.27
N LYS B 39 -3.59 44.23 -29.59
CA LYS B 39 -3.48 45.39 -30.47
C LYS B 39 -4.74 46.24 -30.43
N VAL B 40 -5.89 45.59 -30.60
CA VAL B 40 -7.17 46.27 -30.53
C VAL B 40 -7.40 46.90 -29.16
N VAL B 41 -7.16 46.13 -28.10
CA VAL B 41 -7.36 46.61 -26.76
C VAL B 41 -6.43 47.78 -26.49
N SER B 42 -5.17 47.65 -26.92
CA SER B 42 -4.24 48.74 -26.66
C SER B 42 -4.62 49.98 -27.47
N ASP B 43 -5.23 49.77 -28.64
CA ASP B 43 -5.72 50.91 -29.41
C ASP B 43 -6.81 51.64 -28.65
N VAL B 44 -7.82 50.90 -28.20
CA VAL B 44 -8.94 51.51 -27.50
C VAL B 44 -8.44 52.25 -26.28
N LEU B 45 -7.51 51.64 -25.57
CA LEU B 45 -6.94 52.27 -24.39
C LEU B 45 -6.27 53.59 -24.79
N LYS B 46 -5.60 53.62 -25.95
CA LYS B 46 -4.95 54.86 -26.37
C LYS B 46 -5.97 55.99 -26.54
N GLU B 47 -7.13 55.66 -27.09
CA GLU B 47 -8.18 56.65 -27.28
C GLU B 47 -8.81 57.02 -25.93
N VAL B 48 -9.05 56.04 -25.07
CA VAL B 48 -9.54 56.35 -23.73
C VAL B 48 -8.57 57.25 -22.99
N GLU B 49 -7.26 57.02 -23.17
CA GLU B 49 -6.26 57.84 -22.49
C GLU B 49 -6.30 59.27 -22.97
N VAL B 50 -6.79 59.50 -24.19
CA VAL B 50 -6.82 60.85 -24.73
C VAL B 50 -7.89 61.68 -24.04
N GLN B 51 -9.08 61.11 -23.85
CA GLN B 51 -10.13 61.78 -23.08
C GLN B 51 -9.84 61.79 -21.60
N GLU B 52 -9.43 60.66 -21.04
CA GLU B 52 -9.11 60.57 -19.62
C GLU B 52 -7.70 60.07 -19.38
N PRO B 53 -6.76 60.96 -19.10
CA PRO B 53 -5.38 60.52 -18.83
C PRO B 53 -5.20 59.74 -17.54
N ARG B 54 -6.13 59.80 -16.59
CA ARG B 54 -5.91 59.04 -15.37
C ARG B 54 -5.89 57.54 -15.61
N PHE B 55 -6.56 57.07 -16.67
CA PHE B 55 -6.52 55.68 -17.08
C PHE B 55 -5.34 55.46 -18.03
N ILE B 56 -4.31 54.74 -17.57
CA ILE B 56 -3.12 54.46 -18.38
C ILE B 56 -2.68 53.00 -18.20
N SER B 57 -2.56 52.27 -19.31
CA SER B 57 -2.11 50.88 -19.31
C SER B 57 -0.97 50.65 -20.29
N SER B 58 0.08 49.99 -19.83
CA SER B 58 1.23 49.70 -20.67
C SER B 58 1.43 48.20 -20.86
N LEU B 59 0.63 47.58 -21.72
CA LEU B 59 0.87 46.18 -21.95
C LEU B 59 2.27 46.22 -22.54
N ASN B 60 3.16 45.35 -22.05
CA ASN B 60 4.53 45.31 -22.53
C ASN B 60 4.84 43.93 -23.09
N GLU B 61 5.47 43.87 -24.26
CA GLU B 61 5.73 42.54 -24.79
C GLU B 61 6.96 41.91 -24.15
N ASN B 64 5.84 36.01 -26.07
CA ASN B 64 5.42 35.73 -24.69
C ASN B 64 4.00 36.23 -24.41
N ARG B 65 3.49 35.88 -23.23
CA ARG B 65 2.15 36.29 -22.83
C ARG B 65 2.15 37.72 -22.29
N TYR B 66 1.19 38.51 -22.74
CA TYR B 66 1.08 39.90 -22.29
C TYR B 66 0.94 39.99 -20.78
N GLU B 67 1.59 40.98 -20.19
CA GLU B 67 1.54 41.17 -18.74
C GLU B 67 0.14 41.59 -18.30
N GLY B 68 -0.37 40.88 -17.30
CA GLY B 68 -1.70 41.16 -16.77
C GLY B 68 -2.86 40.74 -17.65
N LEU B 69 -2.71 39.63 -18.37
CA LEU B 69 -3.72 39.13 -19.29
C LEU B 69 -4.10 37.75 -18.82
N GLU B 70 -5.41 37.49 -18.86
CA GLU B 70 -5.96 36.23 -18.38
C GLU B 70 -6.82 35.64 -19.49
N VAL B 71 -6.60 34.38 -19.77
CA VAL B 71 -7.34 33.69 -20.81
C VAL B 71 -8.51 32.98 -20.19
N ILE B 72 -9.68 33.16 -20.78
CA ILE B 72 -10.88 32.49 -20.28
C ILE B 72 -11.24 31.28 -21.14
N SER B 73 -11.13 31.45 -22.44
CA SER B 73 -11.53 30.52 -23.49
C SER B 73 -10.56 30.77 -24.61
N PRO B 74 -10.62 30.01 -25.70
CA PRO B 74 -9.89 30.49 -26.87
C PRO B 74 -10.40 31.85 -27.36
N THR B 75 -11.68 32.18 -27.17
CA THR B 75 -12.25 33.40 -27.73
C THR B 75 -12.63 34.46 -26.69
N GLU B 76 -12.27 34.28 -25.41
CA GLU B 76 -12.65 35.22 -24.37
C GLU B 76 -11.48 35.49 -23.45
N PHE B 77 -11.22 36.77 -23.20
CA PHE B 77 -10.04 37.27 -22.48
C PHE B 77 -10.46 38.36 -21.52
N GLU B 78 -9.61 38.59 -20.53
CA GLU B 78 -9.76 39.70 -19.60
C GLU B 78 -8.43 40.42 -19.47
N VAL B 79 -8.41 41.69 -19.80
CA VAL B 79 -7.22 42.49 -19.58
C VAL B 79 -7.43 43.30 -18.33
N VAL B 80 -6.48 43.20 -17.42
CA VAL B 80 -6.48 43.96 -16.18
C VAL B 80 -5.66 45.22 -16.43
N LEU B 81 -6.27 46.38 -16.19
CA LEU B 81 -5.64 47.68 -16.42
C LEU B 81 -5.21 48.23 -15.06
N TYR B 82 -3.92 48.40 -14.90
CA TYR B 82 -3.37 48.75 -13.60
C TYR B 82 -3.28 50.26 -13.45
N LEU B 83 -4.11 50.81 -12.57
CA LEU B 83 -4.09 52.23 -12.28
C LEU B 83 -2.94 52.55 -11.35
N ASN B 84 -2.50 53.80 -11.39
CA ASN B 84 -1.23 54.14 -10.77
C ASN B 84 -1.21 53.76 -9.29
N GLN B 85 -0.07 53.17 -8.91
CA GLN B 85 0.22 52.72 -7.57
C GLN B 85 0.67 53.89 -6.71
N MET B 86 0.78 53.64 -5.40
CA MET B 86 1.21 54.67 -4.46
C MET B 86 0.03 55.55 -4.04
N GLY B 87 -1.18 55.13 -4.42
CA GLY B 87 -2.36 55.89 -4.06
C GLY B 87 -2.37 55.84 -2.54
N VAL B 88 -2.70 56.95 -1.90
CA VAL B 88 -2.67 56.98 -0.43
C VAL B 88 -3.84 56.20 0.16
N PHE B 89 -4.46 55.32 -0.63
CA PHE B 89 -5.57 54.51 -0.15
C PHE B 89 -5.08 53.32 0.68
N ASN B 90 -5.69 53.15 1.85
CA ASN B 90 -5.48 51.97 2.65
C ASN B 90 -6.30 50.81 2.09
N PHE B 91 -5.74 49.62 2.22
CA PHE B 91 -6.44 48.38 1.89
C PHE B 91 -7.00 47.77 3.17
N VAL B 92 -8.28 47.42 3.15
CA VAL B 92 -8.91 46.85 4.33
C VAL B 92 -9.88 45.77 3.89
N ASP B 93 -9.55 44.53 4.21
CA ASP B 93 -10.50 43.43 4.14
C ASP B 93 -10.72 42.96 5.56
N ASP B 94 -11.97 42.97 5.98
CA ASP B 94 -12.44 42.16 7.08
C ASP B 94 -13.23 41.04 6.41
N GLY B 95 -14.07 40.39 7.19
CA GLY B 95 -14.95 39.36 6.68
C GLY B 95 -16.21 40.00 6.12
N SER B 96 -16.23 41.33 6.11
CA SER B 96 -17.36 42.11 5.62
C SER B 96 -17.91 41.51 4.35
N LEU B 97 -17.22 41.71 3.22
CA LEU B 97 -17.70 41.15 1.97
C LEU B 97 -16.79 40.01 1.54
N PRO B 98 -17.35 38.87 1.17
CA PRO B 98 -16.53 37.66 0.97
C PRO B 98 -15.85 37.70 -0.39
N GLY B 99 -14.52 37.66 -0.38
CA GLY B 99 -13.79 37.70 -1.62
C GLY B 99 -13.64 39.08 -2.24
N CYS B 100 -14.02 40.12 -1.52
CA CYS B 100 -13.91 41.50 -1.95
C CYS B 100 -13.12 42.28 -0.90
N ALA B 101 -12.85 43.54 -1.19
CA ALA B 101 -12.24 44.43 -0.22
C ALA B 101 -12.53 45.88 -0.61
N VAL B 102 -12.11 46.80 0.24
CA VAL B 102 -12.48 48.20 0.10
C VAL B 102 -11.22 49.04 0.19
N LEU B 103 -11.19 50.08 -0.63
CA LEU B 103 -10.13 51.06 -0.60
C LEU B 103 -10.71 52.36 -0.08
N LYS B 104 -9.97 53.02 0.80
CA LYS B 104 -10.29 54.33 1.32
C LYS B 104 -9.05 54.83 2.07
N LEU B 105 -8.99 56.13 2.33
CA LEU B 105 -7.88 56.70 3.10
C LEU B 105 -8.41 57.08 4.49
N SER B 106 -7.77 56.59 5.55
CA SER B 106 -8.24 56.88 6.92
C SER B 106 -8.21 58.35 7.38
N ASP B 107 -7.11 59.05 7.13
CA ASP B 107 -7.03 60.46 7.49
C ASP B 107 -7.85 61.13 6.42
N GLY B 108 -8.52 62.25 6.68
CA GLY B 108 -9.27 62.75 5.54
C GLY B 108 -8.54 63.92 4.93
N ARG B 109 -7.26 63.69 4.69
CA ARG B 109 -6.37 64.67 4.07
C ARG B 109 -6.78 64.89 2.62
N LYS B 110 -7.17 63.81 1.95
CA LYS B 110 -7.52 63.89 0.53
C LYS B 110 -9.02 64.11 0.34
N ARG B 111 -9.58 65.06 1.09
CA ARG B 111 -10.99 65.37 1.00
C ARG B 111 -11.41 65.55 -0.46
N SER B 112 -10.79 66.51 -1.13
CA SER B 112 -11.08 66.80 -2.52
C SER B 112 -9.82 67.00 -3.37
N MET B 113 -8.71 66.35 -2.98
CA MET B 113 -7.43 66.55 -3.65
C MET B 113 -6.90 65.31 -4.37
N SER B 114 -7.26 64.10 -3.96
CA SER B 114 -6.71 62.91 -4.59
C SER B 114 -7.09 62.83 -6.07
N LEU B 115 -6.26 62.11 -6.82
CA LEU B 115 -6.41 62.03 -8.27
C LEU B 115 -7.76 61.44 -8.68
N TRP B 116 -8.32 60.53 -7.89
CA TRP B 116 -9.59 59.88 -8.17
C TRP B 116 -10.71 60.40 -7.29
N VAL B 117 -10.62 61.68 -6.89
CA VAL B 117 -11.53 62.21 -5.88
C VAL B 117 -12.96 62.23 -6.39
N GLU B 118 -13.14 62.50 -7.69
CA GLU B 118 -14.48 62.48 -8.27
C GLU B 118 -15.20 61.16 -8.04
N PHE B 119 -14.44 60.06 -7.95
CA PHE B 119 -14.99 58.72 -7.82
C PHE B 119 -15.18 58.27 -6.38
N ILE B 120 -14.61 58.99 -5.42
CA ILE B 120 -14.78 58.72 -3.99
C ILE B 120 -16.16 59.13 -3.50
N THR B 121 -16.76 58.28 -2.69
CA THR B 121 -18.06 58.61 -2.12
C THR B 121 -17.89 59.56 -0.93
N ALA B 122 -19.00 60.16 -0.50
CA ALA B 122 -18.95 60.97 0.71
C ALA B 122 -18.50 60.13 1.90
N SER B 123 -19.02 58.90 1.98
CA SER B 123 -18.64 58.00 3.06
C SER B 123 -17.15 57.66 3.07
N GLY B 124 -16.39 58.09 2.04
CA GLY B 124 -14.94 57.98 1.96
C GLY B 124 -14.35 56.77 1.26
N TYR B 125 -15.16 55.89 0.69
CA TYR B 125 -14.63 54.72 0.02
C TYR B 125 -14.38 55.06 -1.45
N LEU B 126 -13.47 54.31 -2.07
CA LEU B 126 -13.22 54.46 -3.49
C LEU B 126 -14.12 53.49 -4.23
N SER B 127 -15.01 54.05 -5.05
CA SER B 127 -16.14 53.31 -5.57
C SER B 127 -15.76 52.59 -6.84
N ALA B 128 -15.79 51.26 -6.80
CA ALA B 128 -15.56 50.48 -8.00
C ALA B 128 -16.68 50.67 -9.02
N ARG B 129 -17.94 50.61 -8.58
CA ARG B 129 -19.04 50.72 -9.54
C ARG B 129 -19.03 52.07 -10.26
N LYS B 130 -18.35 53.06 -9.69
CA LYS B 130 -18.26 54.38 -10.30
C LYS B 130 -17.03 54.55 -11.17
N ILE B 131 -15.90 53.98 -10.77
CA ILE B 131 -14.74 53.99 -11.66
C ILE B 131 -15.06 53.22 -12.93
N ARG B 132 -15.72 52.08 -12.76
CA ARG B 132 -16.13 51.26 -13.90
C ARG B 132 -17.20 51.95 -14.75
N SER B 133 -18.15 52.64 -14.13
CA SER B 133 -19.18 53.31 -14.92
C SER B 133 -18.56 54.36 -15.82
N ARG B 134 -17.71 55.22 -15.24
CA ARG B 134 -17.03 56.23 -16.04
C ARG B 134 -16.13 55.59 -17.08
N PHE B 135 -15.35 54.59 -16.65
CA PHE B 135 -14.47 53.91 -17.59
C PHE B 135 -15.26 53.30 -18.73
N GLN B 136 -16.46 52.79 -18.45
CA GLN B 136 -17.24 52.19 -19.52
C GLN B 136 -17.70 53.23 -20.53
N THR B 137 -18.09 54.42 -20.07
CA THR B 137 -18.45 55.45 -21.04
C THR B 137 -17.24 55.85 -21.87
N LEU B 138 -16.08 56.02 -21.23
CA LEU B 138 -14.89 56.36 -21.99
C LEU B 138 -14.63 55.33 -23.07
N VAL B 139 -14.70 54.05 -22.70
CA VAL B 139 -14.46 52.98 -23.64
C VAL B 139 -15.58 52.93 -24.67
N ALA B 140 -16.82 53.18 -24.26
CA ALA B 140 -17.91 53.19 -25.23
C ALA B 140 -17.74 54.33 -26.23
N GLN B 141 -17.10 55.43 -25.81
CA GLN B 141 -16.69 56.47 -26.75
C GLN B 141 -15.55 55.98 -27.62
N ALA B 142 -14.54 55.36 -27.01
CA ALA B 142 -13.32 55.02 -27.73
C ALA B 142 -13.58 53.96 -28.79
N VAL B 143 -14.51 53.05 -28.51
CA VAL B 143 -14.84 52.02 -29.49
C VAL B 143 -15.38 52.62 -30.78
N ASP B 144 -15.99 53.80 -30.71
CA ASP B 144 -16.54 54.47 -31.89
C ASP B 144 -15.51 55.36 -32.56
N LYS B 145 -14.38 55.60 -31.90
CA LYS B 145 -13.35 56.55 -32.31
C LYS B 145 -12.02 55.90 -32.63
N CYS B 146 -11.79 54.69 -32.14
CA CYS B 146 -10.62 53.85 -32.41
C CYS B 146 -10.14 53.88 -33.84
N SER B 147 -8.89 53.47 -34.05
CA SER B 147 -8.50 53.11 -35.41
C SER B 147 -9.19 51.82 -35.81
N TYR B 148 -9.39 50.91 -34.87
CA TYR B 148 -10.08 49.66 -35.13
C TYR B 148 -11.59 49.79 -34.92
N ARG B 149 -12.07 51.01 -34.66
CA ARG B 149 -13.49 51.29 -34.41
C ARG B 149 -14.45 50.46 -35.24
N ASP B 150 -14.00 50.02 -36.42
CA ASP B 150 -14.85 49.31 -37.37
C ASP B 150 -15.05 47.84 -37.01
N VAL B 151 -14.14 47.25 -36.24
CA VAL B 151 -14.22 45.84 -35.85
C VAL B 151 -14.41 45.66 -34.35
N VAL B 152 -14.51 46.76 -33.59
CA VAL B 152 -14.66 46.69 -32.14
C VAL B 152 -16.01 47.28 -31.78
N LYS B 153 -16.73 46.57 -30.94
CA LYS B 153 -18.02 46.98 -30.41
C LYS B 153 -18.01 46.76 -28.92
N MET B 154 -18.94 47.37 -28.24
CA MET B 154 -19.05 47.26 -26.81
C MET B 154 -20.19 46.29 -26.47
N VAL B 155 -20.00 45.51 -25.40
CA VAL B 155 -21.00 44.55 -24.96
C VAL B 155 -21.90 45.26 -23.95
N ALA B 156 -23.21 45.21 -24.19
CA ALA B 156 -24.21 45.93 -23.42
C ALA B 156 -25.01 44.97 -22.56
N ASP B 157 -25.96 45.52 -21.80
CA ASP B 157 -26.74 44.78 -20.82
C ASP B 157 -25.85 44.31 -19.69
N THR B 158 -24.57 44.65 -19.72
CA THR B 158 -23.61 44.30 -18.68
C THR B 158 -22.93 45.56 -18.20
N SER B 159 -22.63 45.60 -16.90
CA SER B 159 -21.97 46.76 -16.32
C SER B 159 -20.49 46.83 -16.68
N GLU B 160 -19.82 45.69 -16.79
CA GLU B 160 -18.38 45.68 -16.99
C GLU B 160 -18.04 46.05 -18.42
N VAL B 161 -16.80 46.52 -18.57
CA VAL B 161 -16.31 46.99 -19.85
C VAL B 161 -15.91 45.78 -20.68
N LYS B 162 -16.53 45.62 -21.83
CA LYS B 162 -16.25 44.50 -22.69
C LYS B 162 -16.29 44.89 -24.15
N LEU B 163 -15.30 44.42 -24.90
CA LEU B 163 -15.14 44.70 -26.31
C LEU B 163 -15.34 43.39 -27.04
N ARG B 164 -16.02 43.44 -28.18
CA ARG B 164 -16.18 42.27 -29.04
C ARG B 164 -15.46 42.54 -30.36
N ILE B 165 -14.37 41.83 -30.58
CA ILE B 165 -13.43 42.13 -31.65
C ILE B 165 -13.69 41.15 -32.78
N ARG B 166 -13.62 41.66 -34.00
CA ARG B 166 -13.83 40.90 -35.24
C ARG B 166 -15.10 40.05 -35.21
N ASP B 167 -15.97 40.26 -34.23
CA ASP B 167 -17.18 39.45 -33.99
C ASP B 167 -16.88 38.05 -33.47
N ARG B 168 -15.64 37.77 -33.08
CA ARG B 168 -15.27 36.44 -32.64
C ARG B 168 -14.78 36.41 -31.21
N TYR B 169 -14.21 37.51 -30.72
CA TYR B 169 -13.49 37.52 -29.45
C TYR B 169 -14.05 38.62 -28.55
N VAL B 170 -14.01 38.40 -27.23
CA VAL B 170 -14.42 39.44 -26.27
C VAL B 170 -13.33 39.63 -25.23
N VAL B 171 -12.98 40.88 -24.97
CA VAL B 171 -11.98 41.24 -23.99
C VAL B 171 -12.65 42.08 -22.94
N GLN B 172 -12.47 41.71 -21.68
CA GLN B 172 -12.99 42.48 -20.56
C GLN B 172 -11.84 43.31 -20.03
N ILE B 173 -12.06 44.62 -19.91
CA ILE B 173 -11.02 45.52 -19.40
C ILE B 173 -11.44 45.93 -18.00
N THR B 174 -10.64 45.54 -17.03
CA THR B 174 -10.95 45.69 -15.63
C THR B 174 -9.93 46.63 -15.00
N PRO B 175 -10.30 47.84 -14.60
CA PRO B 175 -9.35 48.70 -13.89
C PRO B 175 -8.97 48.02 -12.59
N ALA B 176 -7.71 48.15 -12.20
CA ALA B 176 -7.22 47.41 -11.05
C ALA B 176 -6.12 48.16 -10.33
N PHE B 177 -5.87 47.75 -9.09
CA PHE B 177 -4.67 48.12 -8.35
C PHE B 177 -3.94 46.83 -8.03
N LYS B 178 -2.62 46.93 -7.87
CA LYS B 178 -1.75 45.78 -7.67
C LYS B 178 -0.95 45.95 -6.39
N CYS B 179 -0.95 44.92 -5.53
CA CYS B 179 -0.33 44.98 -4.21
C CYS B 179 0.78 43.94 -4.12
N THR B 180 2.04 44.38 -4.15
CA THR B 180 3.19 43.49 -4.11
C THR B 180 3.88 43.51 -2.77
N GLY B 181 4.25 42.31 -2.29
CA GLY B 181 4.81 42.07 -0.97
C GLY B 181 3.80 42.12 0.13
N ILE B 182 2.51 42.00 -0.18
CA ILE B 182 1.41 42.21 0.76
C ILE B 182 0.43 41.05 0.58
N TRP B 183 0.03 40.45 1.70
CA TRP B 183 -0.89 39.34 1.70
C TRP B 183 -2.12 39.72 2.52
N PRO B 184 -3.32 39.57 1.98
CA PRO B 184 -4.51 40.06 2.69
C PRO B 184 -4.90 39.19 3.87
N ARG B 185 -5.59 39.81 4.83
CA ARG B 185 -6.07 39.12 6.02
C ARG B 185 -7.04 38.00 5.70
N SER B 186 -7.68 38.04 4.53
CA SER B 186 -8.59 36.96 4.17
C SER B 186 -7.81 35.68 3.93
N ALA B 187 -6.66 35.78 3.26
CA ALA B 187 -5.81 34.65 2.96
C ALA B 187 -4.64 34.47 3.93
N ALA B 188 -4.58 35.24 5.02
CA ALA B 188 -3.40 35.16 5.90
C ALA B 188 -3.27 33.80 6.55
N HIS B 189 -4.40 33.15 6.82
CA HIS B 189 -4.38 31.82 7.43
C HIS B 189 -3.64 30.82 6.54
N TRP B 190 -3.76 30.97 5.23
CA TRP B 190 -3.18 30.06 4.24
C TRP B 190 -1.67 30.19 4.20
N PRO B 191 -0.94 29.05 4.14
CA PRO B 191 -1.47 27.68 4.06
C PRO B 191 -1.81 27.12 5.42
N LEU B 192 -2.92 26.42 5.52
CA LEU B 192 -3.28 25.86 6.82
C LEU B 192 -2.22 24.86 7.25
N PRO B 193 -1.69 24.97 8.46
CA PRO B 193 -0.58 24.08 8.87
C PRO B 193 -0.89 22.60 8.73
N HIS B 194 -2.13 22.23 8.43
CA HIS B 194 -2.49 20.84 8.24
C HIS B 194 -1.65 20.19 7.15
N ILE B 195 -1.38 20.91 6.06
CA ILE B 195 -0.90 20.34 4.82
C ILE B 195 0.58 20.67 4.66
N PRO B 196 1.47 19.68 4.46
CA PRO B 196 2.90 19.99 4.33
C PRO B 196 3.21 20.80 3.10
N TRP B 197 2.40 20.67 2.05
CA TRP B 197 2.54 21.44 0.84
C TRP B 197 1.68 22.70 0.85
N PRO B 198 2.24 23.83 0.38
CA PRO B 198 3.63 23.89 -0.06
C PRO B 198 4.62 24.15 1.08
N GLY B 199 5.90 23.95 0.80
CA GLY B 199 6.94 24.19 1.76
C GLY B 199 6.95 25.62 2.23
N PRO B 200 7.47 25.87 3.43
CA PRO B 200 7.55 27.26 3.93
C PRO B 200 8.29 28.21 2.99
N ASN B 201 9.22 27.66 2.20
CA ASN B 201 9.94 28.44 1.19
C ASN B 201 9.01 28.85 0.06
N ARG B 202 8.24 27.90 -0.50
CA ARG B 202 7.32 28.27 -1.57
C ARG B 202 6.21 29.16 -1.06
N VAL B 203 5.85 29.02 0.20
CA VAL B 203 4.86 29.92 0.79
C VAL B 203 5.39 31.34 0.80
N ALA B 204 6.58 31.55 1.35
CA ALA B 204 7.15 32.90 1.41
C ALA B 204 7.35 33.49 0.02
N GLU B 205 7.60 32.64 -0.98
CA GLU B 205 7.75 33.13 -2.35
C GLU B 205 6.40 33.53 -2.94
N VAL B 206 5.42 32.62 -2.86
CA VAL B 206 4.11 32.90 -3.43
C VAL B 206 3.46 34.09 -2.74
N LYS B 207 3.62 34.22 -1.42
CA LYS B 207 3.05 35.39 -0.75
C LYS B 207 3.76 36.68 -1.13
N ALA B 208 5.07 36.64 -1.38
CA ALA B 208 5.75 37.84 -1.86
C ALA B 208 5.22 38.32 -3.21
N GLU B 209 4.63 37.42 -4.02
CA GLU B 209 3.99 37.81 -5.28
C GLU B 209 2.88 38.85 -5.09
N GLY B 210 2.18 38.81 -3.96
CA GLY B 210 1.06 39.72 -3.71
C GLY B 210 -0.21 39.38 -4.48
N PHE B 211 -1.15 40.34 -4.46
CA PHE B 211 -2.48 40.21 -5.05
C PHE B 211 -2.91 41.49 -5.74
N ASN B 212 -4.07 41.43 -6.41
CA ASN B 212 -4.63 42.56 -7.16
C ASN B 212 -6.08 42.83 -6.75
N LEU B 213 -6.50 44.10 -6.83
CA LEU B 213 -7.90 44.49 -6.64
C LEU B 213 -8.48 44.91 -7.98
N LEU B 214 -9.61 44.28 -8.34
CA LEU B 214 -10.28 44.45 -9.63
C LEU B 214 -11.66 45.05 -9.43
N SER B 215 -12.04 45.97 -10.31
CA SER B 215 -13.36 46.60 -10.31
C SER B 215 -14.41 45.73 -11.01
N LYS B 216 -15.11 44.90 -10.25
CA LYS B 216 -16.21 44.10 -10.74
C LYS B 216 -17.33 43.98 -9.70
N GLU B 217 -18.44 43.39 -10.12
CA GLU B 217 -19.60 43.07 -9.31
C GLU B 217 -19.31 41.84 -8.43
N CYS B 218 -20.24 41.54 -7.51
CA CYS B 218 -20.06 40.48 -6.51
C CYS B 218 -21.20 39.47 -6.54
N SER B 227 -25.86 42.69 -5.07
CA SER B 227 -25.82 42.90 -3.62
C SER B 227 -25.90 44.38 -3.28
N ALA B 228 -26.07 44.69 -1.98
CA ALA B 228 -26.25 46.08 -1.55
C ALA B 228 -24.93 46.82 -1.42
N GLU B 229 -23.91 46.19 -0.83
CA GLU B 229 -22.56 46.74 -0.91
C GLU B 229 -21.95 46.40 -2.26
N SER B 230 -22.60 46.95 -3.29
CA SER B 230 -22.16 46.82 -4.67
C SER B 230 -20.74 47.33 -4.87
N ASP B 231 -20.30 48.22 -4.01
CA ASP B 231 -19.25 49.22 -4.16
C ASP B 231 -17.83 48.70 -3.87
N ALA B 232 -17.64 47.40 -3.69
CA ALA B 232 -16.35 46.86 -3.28
C ALA B 232 -15.49 46.44 -4.48
N TRP B 233 -14.23 46.10 -4.18
CA TRP B 233 -13.28 45.58 -5.16
C TRP B 233 -13.03 44.08 -5.00
N VAL B 234 -13.00 43.36 -6.14
CA VAL B 234 -12.74 41.92 -6.16
C VAL B 234 -11.24 41.66 -6.01
N LEU B 235 -10.89 40.56 -5.34
CA LEU B 235 -9.49 40.18 -5.17
C LEU B 235 -9.04 39.20 -6.25
N GLN B 236 -7.77 39.32 -6.63
CA GLN B 236 -7.17 38.43 -7.60
C GLN B 236 -5.75 38.08 -7.18
N PHE B 237 -5.38 36.77 -7.34
CA PHE B 237 -4.07 36.23 -6.96
C PHE B 237 -3.30 35.61 -8.12
N ALA B 238 -3.54 36.07 -9.36
CA ALA B 238 -2.97 35.39 -10.52
C ALA B 238 -1.45 35.27 -10.45
N GLU B 239 -0.79 36.26 -9.84
CA GLU B 239 0.66 36.21 -9.73
C GLU B 239 1.10 35.13 -8.76
N ALA B 240 0.36 34.99 -7.67
CA ALA B 240 0.67 33.97 -6.68
C ALA B 240 0.33 32.57 -7.19
N GLU B 241 -0.84 32.42 -7.81
CA GLU B 241 -1.23 31.12 -8.34
C GLU B 241 -0.20 30.58 -9.33
N ASN B 242 0.21 31.42 -10.29
CA ASN B 242 1.14 30.95 -11.30
C ASN B 242 2.44 30.44 -10.68
N ARG B 243 2.96 31.11 -9.64
CA ARG B 243 4.21 30.65 -9.04
C ARG B 243 3.96 29.51 -8.06
N LEU B 244 2.79 29.46 -7.44
CA LEU B 244 2.48 28.36 -6.55
C LEU B 244 2.58 27.02 -7.28
N GLN B 245 2.08 26.96 -8.50
CA GLN B 245 2.07 25.74 -9.32
C GLN B 245 3.36 25.51 -10.09
N MET B 246 4.41 26.28 -9.83
CA MET B 246 5.69 25.94 -10.44
C MET B 246 6.16 24.61 -9.88
N GLY B 247 6.75 23.80 -10.75
CA GLY B 247 7.19 22.48 -10.35
C GLY B 247 6.54 21.30 -11.06
N GLY B 248 7.35 20.27 -11.36
CA GLY B 248 6.80 19.02 -11.85
C GLY B 248 5.97 19.12 -13.12
N CYS B 249 4.96 18.25 -13.23
CA CYS B 249 4.08 18.29 -14.38
C CYS B 249 2.79 19.02 -14.07
N ARG B 250 2.78 19.80 -12.98
CA ARG B 250 1.60 20.57 -12.61
C ARG B 250 1.10 21.39 -13.78
N LYS B 251 1.97 22.25 -14.36
CA LYS B 251 1.50 23.11 -15.45
C LYS B 251 1.16 22.31 -16.71
N LYS B 252 1.91 21.25 -16.99
CA LYS B 252 1.53 20.42 -18.13
C LYS B 252 0.14 19.81 -17.93
N CYS B 253 -0.15 19.34 -16.71
CA CYS B 253 -1.49 18.83 -16.40
C CYS B 253 -2.55 19.89 -16.62
N LEU B 254 -2.31 21.11 -16.13
CA LEU B 254 -3.25 22.22 -16.31
C LEU B 254 -3.48 22.52 -17.78
N SER B 255 -2.40 22.61 -18.57
CA SER B 255 -2.53 22.84 -20.00
C SER B 255 -3.38 21.75 -20.64
N ILE B 256 -3.18 20.48 -20.23
CA ILE B 256 -3.96 19.35 -20.76
C ILE B 256 -5.42 19.52 -20.41
N LEU B 257 -5.69 20.00 -19.19
CA LEU B 257 -7.06 20.21 -18.70
C LEU B 257 -7.76 21.28 -19.50
N LYS B 258 -7.11 22.44 -19.63
CA LYS B 258 -7.63 23.58 -20.40
C LYS B 258 -7.95 23.15 -21.82
N THR B 259 -7.05 22.38 -22.44
CA THR B 259 -7.27 21.91 -23.80
C THR B 259 -8.49 21.02 -23.86
N LEU B 260 -8.54 20.03 -22.96
CA LEU B 260 -9.69 19.13 -22.89
C LEU B 260 -10.97 19.89 -22.65
N ARG B 261 -10.94 20.86 -21.72
CA ARG B 261 -12.13 21.66 -21.46
C ARG B 261 -12.56 22.44 -22.69
N ASP B 262 -11.60 23.08 -23.37
CA ASP B 262 -11.97 23.86 -24.56
C ASP B 262 -12.66 22.98 -25.59
N ARG B 263 -12.11 21.80 -25.84
CA ARG B 263 -12.60 21.00 -26.96
C ARG B 263 -13.90 20.28 -26.65
N HIS B 264 -14.12 19.85 -25.40
CA HIS B 264 -15.24 18.98 -25.08
C HIS B 264 -16.15 19.46 -23.96
N LEU B 265 -15.81 20.57 -23.31
CA LEU B 265 -16.57 21.05 -22.15
C LEU B 265 -17.07 22.49 -22.31
N GLU B 266 -17.02 23.07 -23.51
CA GLU B 266 -17.76 24.30 -23.76
C GLU B 266 -19.23 23.95 -23.84
N LEU B 267 -19.99 24.25 -22.80
CA LEU B 267 -21.35 23.75 -22.74
C LEU B 267 -22.32 24.91 -22.63
N PRO B 268 -23.58 24.70 -23.01
CA PRO B 268 -24.59 25.74 -22.78
C PRO B 268 -24.55 26.20 -21.33
N GLY B 269 -24.68 27.51 -21.13
CA GLY B 269 -24.60 28.04 -19.80
C GLY B 269 -23.20 28.36 -19.35
N GLN B 270 -22.21 28.03 -20.16
CA GLN B 270 -20.81 28.29 -19.84
C GLN B 270 -20.48 27.86 -18.41
N PRO B 271 -20.80 26.64 -17.99
CA PRO B 271 -20.50 26.21 -16.62
C PRO B 271 -19.03 26.13 -16.29
N LEU B 272 -18.14 25.93 -17.27
CA LEU B 272 -16.73 25.68 -17.00
C LEU B 272 -15.81 26.66 -17.70
N ASN B 273 -14.87 27.22 -16.92
CA ASN B 273 -13.85 28.17 -17.33
C ASN B 273 -12.48 27.56 -17.14
N ASN B 274 -11.46 28.16 -17.75
CA ASN B 274 -10.09 27.76 -17.43
C ASN B 274 -9.77 27.92 -15.96
N TYR B 275 -10.34 28.94 -15.30
CA TYR B 275 -9.99 29.20 -13.89
C TYR B 275 -10.41 28.04 -12.98
N HIS B 276 -11.47 27.33 -13.34
CA HIS B 276 -11.84 26.14 -12.59
C HIS B 276 -10.69 25.13 -12.58
N MET B 277 -10.11 24.88 -13.75
CA MET B 277 -9.02 23.92 -13.84
C MET B 277 -7.80 24.39 -13.06
N LYS B 278 -7.46 25.67 -13.19
CA LYS B 278 -6.28 26.20 -12.50
C LYS B 278 -6.40 26.01 -10.99
N THR B 279 -7.53 26.38 -10.43
CA THR B 279 -7.70 26.28 -8.98
C THR B 279 -7.77 24.81 -8.54
N LEU B 280 -8.26 23.93 -9.41
CA LEU B 280 -8.27 22.50 -9.12
C LEU B 280 -6.87 21.90 -9.07
N VAL B 281 -6.01 22.28 -10.01
CA VAL B 281 -4.63 21.81 -9.93
C VAL B 281 -4.03 22.13 -8.56
N SER B 282 -4.37 23.29 -8.01
CA SER B 282 -3.90 23.64 -6.67
C SER B 282 -4.43 22.65 -5.63
N TYR B 283 -5.69 22.26 -5.75
CA TYR B 283 -6.26 21.28 -4.84
C TYR B 283 -5.55 19.94 -4.94
N GLU B 284 -5.33 19.46 -6.16
CA GLU B 284 -4.57 18.23 -6.34
C GLU B 284 -3.17 18.37 -5.77
N CYS B 285 -2.61 19.58 -5.81
CA CYS B 285 -1.33 19.81 -5.19
C CYS B 285 -1.40 19.62 -3.68
N GLU B 286 -2.46 20.14 -3.04
CA GLU B 286 -2.63 19.94 -1.60
C GLU B 286 -2.82 18.47 -1.26
N LYS B 287 -3.80 17.81 -1.89
CA LYS B 287 -4.01 16.40 -1.60
C LYS B 287 -2.75 15.58 -1.83
N HIS B 288 -1.93 15.96 -2.80
CA HIS B 288 -0.72 15.22 -3.13
C HIS B 288 0.49 16.12 -2.90
N PRO B 289 0.98 16.21 -1.66
CA PRO B 289 1.93 17.29 -1.35
C PRO B 289 3.30 17.13 -1.98
N ARG B 290 3.87 15.93 -2.00
CA ARG B 290 5.26 15.78 -2.43
C ARG B 290 5.47 15.92 -3.93
N GLU B 291 6.66 16.39 -4.29
CA GLU B 291 7.00 16.56 -5.70
C GLU B 291 6.93 15.24 -6.44
N SER B 292 7.32 14.15 -5.80
CA SER B 292 7.25 12.84 -6.44
C SER B 292 5.84 12.52 -6.88
N ASP B 293 4.84 13.08 -6.19
CA ASP B 293 3.46 12.96 -6.65
C ASP B 293 3.24 13.73 -7.95
N TRP B 294 4.11 14.68 -8.26
CA TRP B 294 3.97 15.47 -9.48
C TRP B 294 5.04 15.15 -10.52
N ASP B 295 5.83 14.10 -10.28
CA ASP B 295 6.74 13.58 -11.27
C ASP B 295 6.01 13.25 -12.56
N GLU B 296 6.76 13.18 -13.65
CA GLU B 296 6.16 12.95 -14.96
C GLU B 296 5.50 11.59 -15.04
N SER B 297 5.96 10.62 -14.24
CA SER B 297 5.31 9.31 -14.19
C SER B 297 3.85 9.40 -13.78
N CYS B 298 3.53 10.24 -12.78
CA CYS B 298 2.18 10.34 -12.21
C CYS B 298 1.31 11.35 -12.92
N LEU B 299 1.65 11.74 -14.14
CA LEU B 299 0.79 12.68 -14.84
C LEU B 299 -0.60 12.08 -15.02
N GLY B 300 -0.68 10.79 -15.38
CA GLY B 300 -1.98 10.14 -15.51
C GLY B 300 -2.76 10.11 -14.21
N ASP B 301 -2.08 9.78 -13.12
CA ASP B 301 -2.73 9.76 -11.81
C ASP B 301 -3.28 11.13 -11.45
N ARG B 302 -2.46 12.15 -11.63
CA ARG B 302 -2.85 13.49 -11.22
C ARG B 302 -3.97 14.04 -12.09
N LEU B 303 -3.90 13.81 -13.41
CA LEU B 303 -4.99 14.27 -14.27
C LEU B 303 -6.29 13.61 -13.86
N ASN B 304 -6.24 12.31 -13.65
CA ASN B 304 -7.43 11.56 -13.28
C ASN B 304 -7.99 12.08 -11.97
N GLY B 305 -7.10 12.33 -10.99
CA GLY B 305 -7.53 12.87 -9.71
C GLY B 305 -8.25 14.20 -9.86
N ILE B 306 -7.79 15.04 -10.77
CA ILE B 306 -8.44 16.33 -10.96
C ILE B 306 -9.80 16.12 -11.61
N LEU B 307 -9.84 15.33 -12.69
CA LEU B 307 -11.10 15.09 -13.38
C LEU B 307 -12.14 14.53 -12.41
N LEU B 308 -11.72 13.62 -11.53
CA LEU B 308 -12.63 13.19 -10.48
C LEU B 308 -13.00 14.37 -9.59
N GLN B 309 -12.00 15.10 -9.08
CA GLN B 309 -12.31 16.23 -8.21
C GLN B 309 -13.28 17.18 -8.89
N LEU B 310 -13.11 17.37 -10.20
CA LEU B 310 -13.97 18.31 -10.92
C LEU B 310 -15.40 17.80 -10.98
N ILE B 311 -15.57 16.52 -11.30
CA ILE B 311 -16.91 15.94 -11.36
C ILE B 311 -17.62 16.06 -10.01
N SER B 312 -16.87 15.93 -8.92
CA SER B 312 -17.46 16.11 -7.59
C SER B 312 -17.92 17.54 -7.39
N CYS B 313 -17.05 18.50 -7.70
CA CYS B 313 -17.40 19.90 -7.51
C CYS B 313 -18.66 20.25 -8.28
N LEU B 314 -18.77 19.80 -9.53
CA LEU B 314 -19.97 20.02 -10.31
C LEU B 314 -21.18 19.40 -9.62
N GLN B 315 -21.03 18.20 -9.07
CA GLN B 315 -22.20 17.55 -8.49
C GLN B 315 -22.58 18.22 -7.18
N CYS B 316 -21.59 18.54 -6.35
CA CYS B 316 -21.80 19.22 -5.09
C CYS B 316 -22.33 20.65 -5.22
N ARG B 317 -22.34 21.20 -6.43
CA ARG B 317 -22.91 22.50 -6.76
C ARG B 317 -22.06 23.63 -6.19
N ARG B 318 -20.87 23.32 -5.67
CA ARG B 318 -20.00 24.25 -4.98
C ARG B 318 -18.57 23.93 -5.42
N CYS B 319 -17.81 24.97 -5.75
CA CYS B 319 -16.40 24.78 -6.13
C CYS B 319 -15.53 25.86 -5.50
N PRO B 320 -14.78 25.55 -4.47
CA PRO B 320 -14.07 26.59 -3.73
C PRO B 320 -12.81 27.12 -4.40
N HIS B 321 -12.56 28.38 -4.09
CA HIS B 321 -11.36 29.13 -4.42
C HIS B 321 -10.21 28.59 -3.59
N TYR B 322 -8.99 28.57 -4.16
CA TYR B 322 -7.90 27.95 -3.43
C TYR B 322 -7.51 28.77 -2.19
N PHE B 323 -7.28 30.07 -2.40
CA PHE B 323 -6.80 30.96 -1.34
C PHE B 323 -7.91 31.40 -0.41
N LEU B 324 -9.13 31.55 -0.95
CA LEU B 324 -10.28 32.04 -0.21
C LEU B 324 -11.36 30.96 -0.30
N PRO B 325 -11.37 29.98 0.61
CA PRO B 325 -12.33 28.86 0.48
C PRO B 325 -13.79 29.28 0.46
N ASN B 326 -14.16 30.41 1.05
CA ASN B 326 -15.55 30.84 1.17
C ASN B 326 -16.20 31.20 -0.17
N LEU B 327 -15.44 31.23 -1.26
CA LEU B 327 -15.93 31.66 -2.56
C LEU B 327 -16.32 30.45 -3.41
N ASP B 328 -17.49 30.51 -4.04
CA ASP B 328 -17.99 29.42 -4.91
C ASP B 328 -17.89 29.92 -6.34
N LEU B 329 -16.90 29.41 -7.08
CA LEU B 329 -16.73 29.79 -8.47
C LEU B 329 -17.86 29.27 -9.36
N PHE B 330 -18.78 28.49 -8.82
CA PHE B 330 -20.00 28.17 -9.53
C PHE B 330 -21.19 28.99 -9.06
N GLN B 331 -21.02 29.91 -8.11
CA GLN B 331 -22.17 30.65 -7.63
C GLN B 331 -22.82 31.36 -8.80
N GLY B 332 -24.15 31.24 -8.91
CA GLY B 332 -24.80 31.85 -10.05
C GLY B 332 -24.64 31.08 -11.33
N LYS B 333 -24.36 29.79 -11.24
CA LYS B 333 -24.40 28.96 -12.42
C LYS B 333 -25.65 28.12 -12.31
N PRO B 334 -26.48 28.05 -13.35
CA PRO B 334 -27.72 27.28 -13.21
C PRO B 334 -27.38 25.83 -12.94
N HIS B 335 -28.06 25.26 -11.96
CA HIS B 335 -27.75 23.88 -11.59
C HIS B 335 -27.89 22.95 -12.79
N SER B 336 -28.86 23.23 -13.66
CA SER B 336 -29.05 22.40 -14.85
C SER B 336 -27.80 22.39 -15.72
N ALA B 337 -27.07 23.49 -15.78
CA ALA B 337 -25.85 23.50 -16.58
C ALA B 337 -24.71 22.78 -15.88
N LEU B 338 -24.61 22.93 -14.56
CA LEU B 338 -23.60 22.18 -13.81
C LEU B 338 -23.80 20.67 -13.93
N GLU B 339 -25.05 20.21 -14.03
CA GLU B 339 -25.29 18.78 -14.12
C GLU B 339 -24.94 18.24 -15.49
N ASN B 340 -25.47 18.88 -16.55
CA ASN B 340 -24.99 18.56 -17.90
C ASN B 340 -23.47 18.57 -17.94
N ALA B 341 -22.84 19.51 -17.23
CA ALA B 341 -21.38 19.54 -17.18
C ALA B 341 -20.80 18.30 -16.50
N ALA B 342 -21.45 17.83 -15.43
CA ALA B 342 -20.96 16.62 -14.76
C ALA B 342 -21.15 15.39 -15.64
N LYS B 343 -22.27 15.30 -16.35
CA LYS B 343 -22.51 14.18 -17.26
C LYS B 343 -21.44 14.12 -18.35
N GLN B 344 -21.12 15.26 -18.96
CA GLN B 344 -20.16 15.26 -20.06
C GLN B 344 -18.72 15.09 -19.59
N THR B 345 -18.36 15.64 -18.43
CA THR B 345 -17.01 15.40 -17.88
C THR B 345 -16.80 13.95 -17.52
N TRP B 346 -17.79 13.31 -16.87
CA TRP B 346 -17.67 11.89 -16.55
C TRP B 346 -17.56 11.05 -17.81
N ARG B 347 -18.50 11.25 -18.76
CA ARG B 347 -18.44 10.53 -20.03
C ARG B 347 -17.06 10.67 -20.65
N LEU B 348 -16.44 11.85 -20.53
CA LEU B 348 -15.10 12.08 -21.05
C LEU B 348 -14.05 11.35 -20.22
N ALA B 349 -14.02 11.60 -18.91
CA ALA B 349 -12.99 10.99 -18.08
C ALA B 349 -13.06 9.48 -18.14
N ARG B 350 -14.27 8.94 -18.23
CA ARG B 350 -14.41 7.49 -18.37
C ARG B 350 -13.78 7.04 -19.68
N GLU B 351 -14.11 7.72 -20.78
CA GLU B 351 -13.59 7.34 -22.09
C GLU B 351 -12.06 7.35 -22.14
N ILE B 352 -11.42 8.29 -21.43
CA ILE B 352 -9.97 8.30 -21.41
C ILE B 352 -9.43 7.08 -20.70
N LEU B 353 -9.92 6.84 -19.48
CA LEU B 353 -9.39 5.74 -18.67
C LEU B 353 -9.68 4.38 -19.33
N THR B 354 -10.90 4.17 -19.83
CA THR B 354 -11.21 2.96 -20.58
C THR B 354 -10.22 2.75 -21.70
N ASN B 355 -9.93 3.79 -22.49
CA ASN B 355 -9.07 3.66 -23.65
C ASN B 355 -8.25 4.92 -23.85
N PRO B 356 -7.03 4.99 -23.28
CA PRO B 356 -6.21 6.20 -23.46
C PRO B 356 -5.81 6.50 -24.89
N LYS B 357 -5.86 5.51 -25.77
CA LYS B 357 -5.60 5.78 -27.18
C LYS B 357 -6.68 6.68 -27.76
N SER B 358 -7.86 6.72 -27.16
CA SER B 358 -8.92 7.60 -27.67
C SER B 358 -8.51 9.05 -27.67
N LEU B 359 -7.54 9.43 -26.83
CA LEU B 359 -7.07 10.80 -26.80
C LEU B 359 -6.68 11.31 -28.17
N GLU B 360 -6.09 10.45 -29.01
CA GLU B 360 -5.70 10.86 -30.35
C GLU B 360 -6.85 11.57 -31.06
N LYS B 361 -8.07 11.03 -30.97
CA LYS B 361 -9.21 11.66 -31.64
C LYS B 361 -9.86 12.77 -30.82
N LEU B 362 -9.39 13.04 -29.61
CA LEU B 362 -9.94 14.14 -28.81
C LEU B 362 -9.07 15.37 -28.97
N ALA C 2 -12.61 -3.04 -1.58
CA ALA C 2 -12.57 -3.83 -2.79
C ALA C 2 -13.88 -4.58 -2.97
N MET C 3 -13.97 -5.39 -4.04
CA MET C 3 -15.11 -6.30 -4.20
C MET C 3 -14.97 -7.55 -3.35
N ASP C 4 -13.76 -7.85 -2.88
CA ASP C 4 -13.60 -8.85 -1.84
C ASP C 4 -14.16 -8.36 -0.50
N ILE C 5 -14.48 -7.08 -0.37
CA ILE C 5 -15.13 -6.57 0.83
C ILE C 5 -16.65 -6.71 0.76
N ALA C 6 -17.25 -6.54 -0.41
CA ALA C 6 -18.67 -6.81 -0.58
C ALA C 6 -18.97 -8.30 -0.57
N ALA C 7 -17.95 -9.15 -0.60
CA ALA C 7 -18.10 -10.58 -0.44
C ALA C 7 -17.72 -11.06 0.96
N GLN C 8 -16.80 -10.36 1.64
CA GLN C 8 -16.62 -10.59 3.06
C GLN C 8 -17.88 -10.21 3.82
N ALA C 9 -18.64 -9.23 3.31
CA ALA C 9 -19.96 -8.95 3.85
C ALA C 9 -20.90 -10.13 3.58
N LYS C 10 -20.94 -10.63 2.34
CA LYS C 10 -21.83 -11.74 2.02
C LYS C 10 -21.60 -12.92 2.95
N LEU C 11 -20.39 -13.04 3.47
CA LEU C 11 -20.15 -14.11 4.43
C LEU C 11 -20.78 -13.76 5.78
N VAL C 12 -20.36 -12.64 6.38
CA VAL C 12 -20.86 -12.28 7.72
C VAL C 12 -22.38 -12.26 7.75
N TYR C 13 -23.02 -11.91 6.63
CA TYR C 13 -24.48 -12.02 6.54
C TYR C 13 -24.93 -13.44 6.77
N HIS C 14 -24.36 -14.40 6.02
CA HIS C 14 -24.98 -15.73 5.99
C HIS C 14 -24.64 -16.52 7.24
N LEU C 15 -23.52 -16.19 7.86
CA LEU C 15 -23.21 -16.75 9.17
C LEU C 15 -24.23 -16.29 10.20
N ASN C 16 -24.40 -14.97 10.34
CA ASN C 16 -25.40 -14.44 11.27
C ASN C 16 -26.77 -15.02 10.97
N LYS C 17 -27.07 -15.23 9.68
CA LYS C 17 -28.32 -15.86 9.31
C LYS C 17 -28.36 -17.33 9.74
N TYR C 18 -27.20 -18.02 9.71
CA TYR C 18 -27.08 -19.39 10.23
C TYR C 18 -27.15 -19.44 11.75
N TYR C 19 -26.42 -18.55 12.44
CA TYR C 19 -26.56 -18.41 13.89
C TYR C 19 -28.02 -18.20 14.30
N ASN C 20 -28.77 -17.39 13.53
CA ASN C 20 -30.17 -17.12 13.87
C ASN C 20 -31.05 -18.34 13.61
N GLU C 21 -30.91 -18.95 12.42
CA GLU C 21 -31.81 -20.04 12.05
C GLU C 21 -31.37 -21.41 12.62
N LYS C 22 -30.11 -21.80 12.45
CA LYS C 22 -29.69 -23.14 12.88
C LYS C 22 -29.15 -23.13 14.31
N CYS C 23 -28.19 -22.24 14.61
CA CYS C 23 -27.53 -22.25 15.90
C CYS C 23 -28.48 -22.04 17.07
N GLN C 24 -29.60 -21.33 16.86
CA GLN C 24 -30.57 -21.17 17.95
C GLN C 24 -31.50 -22.36 18.08
N ALA C 25 -31.58 -23.20 17.04
CA ALA C 25 -32.22 -24.51 17.18
C ALA C 25 -31.37 -25.45 18.02
N ARG C 26 -30.04 -25.34 17.95
CA ARG C 26 -29.17 -26.10 18.84
C ARG C 26 -29.45 -25.69 20.28
N LYS C 27 -29.21 -24.41 20.61
CA LYS C 27 -29.39 -23.94 21.98
C LYS C 27 -30.77 -24.27 22.52
N ALA C 28 -31.75 -24.54 21.65
CA ALA C 28 -33.10 -24.89 22.07
C ALA C 28 -33.25 -26.38 22.38
N ALA C 29 -32.79 -27.24 21.47
CA ALA C 29 -32.84 -28.67 21.77
C ALA C 29 -31.92 -29.02 22.92
N ILE C 30 -30.71 -28.46 22.93
CA ILE C 30 -29.77 -28.69 24.04
C ILE C 30 -30.42 -28.30 25.36
N ALA C 31 -31.21 -27.23 25.36
CA ALA C 31 -31.82 -26.75 26.60
C ALA C 31 -32.97 -27.65 27.05
N LYS C 32 -33.87 -28.00 26.13
CA LYS C 32 -34.99 -28.88 26.48
C LYS C 32 -34.50 -30.22 27.00
N THR C 33 -33.38 -30.70 26.46
CA THR C 33 -32.80 -31.94 26.93
C THR C 33 -32.03 -31.79 28.25
N ILE C 34 -31.34 -30.65 28.46
CA ILE C 34 -30.66 -30.42 29.74
C ILE C 34 -31.67 -30.44 30.90
N ARG C 35 -32.84 -29.81 30.71
CA ARG C 35 -33.84 -29.78 31.77
C ARG C 35 -34.31 -31.18 32.15
N GLU C 36 -34.53 -32.03 31.16
CA GLU C 36 -34.90 -33.40 31.44
C GLU C 36 -33.79 -34.13 32.19
N VAL C 37 -32.54 -33.87 31.81
CA VAL C 37 -31.42 -34.50 32.48
C VAL C 37 -31.11 -33.83 33.82
N CYS C 38 -31.16 -32.49 33.85
CA CYS C 38 -31.01 -31.76 35.11
C CYS C 38 -32.07 -32.17 36.13
N LYS C 39 -33.18 -32.77 35.69
CA LYS C 39 -34.23 -33.28 36.56
C LYS C 39 -34.13 -34.77 36.82
N VAL C 40 -33.62 -35.57 35.88
CA VAL C 40 -33.45 -37.00 36.12
C VAL C 40 -32.42 -37.25 37.22
N VAL C 41 -31.37 -36.42 37.27
CA VAL C 41 -30.30 -36.63 38.24
C VAL C 41 -30.69 -36.10 39.61
N SER C 42 -31.31 -34.92 39.63
CA SER C 42 -31.83 -34.37 40.88
C SER C 42 -32.81 -35.34 41.53
N ASP C 43 -33.74 -35.89 40.74
CA ASP C 43 -34.76 -36.81 41.25
C ASP C 43 -34.18 -37.94 42.07
N VAL C 44 -32.98 -38.39 41.72
CA VAL C 44 -32.39 -39.57 42.31
C VAL C 44 -31.94 -39.35 43.76
N GLY C 68 -23.53 -25.54 36.49
CA GLY C 68 -22.31 -26.35 36.56
C GLY C 68 -22.30 -27.52 35.60
N LEU C 69 -22.64 -27.25 34.34
CA LEU C 69 -22.75 -28.30 33.34
C LEU C 69 -22.17 -27.81 32.02
N GLU C 70 -21.46 -28.69 31.33
CA GLU C 70 -20.93 -28.49 30.00
C GLU C 70 -21.60 -29.46 29.03
N VAL C 71 -21.48 -29.18 27.74
CA VAL C 71 -22.02 -30.04 26.70
C VAL C 71 -20.88 -30.49 25.79
N ILE C 72 -20.89 -31.78 25.47
CA ILE C 72 -19.87 -32.40 24.63
C ILE C 72 -20.43 -32.80 23.26
N SER C 73 -21.66 -33.32 23.23
CA SER C 73 -22.43 -33.61 22.04
C SER C 73 -23.89 -33.33 22.37
N PRO C 74 -24.83 -33.38 21.40
CA PRO C 74 -26.24 -33.09 21.76
C PRO C 74 -26.91 -34.29 22.41
N THR C 75 -26.43 -35.48 22.10
CA THR C 75 -26.91 -36.66 22.79
C THR C 75 -26.36 -36.73 24.20
N GLU C 76 -25.05 -36.64 24.34
CA GLU C 76 -24.37 -36.85 25.62
C GLU C 76 -24.05 -35.53 26.30
N PHE C 77 -24.25 -35.49 27.61
CA PHE C 77 -23.95 -34.33 28.44
C PHE C 77 -22.94 -34.72 29.52
N GLU C 78 -22.68 -33.77 30.42
CA GLU C 78 -21.87 -34.03 31.59
C GLU C 78 -22.10 -32.96 32.66
N ASN C 90 -2.68 -31.47 50.61
CA ASN C 90 -2.54 -30.18 49.94
C ASN C 90 -2.61 -30.35 48.43
N PHE C 91 -2.71 -29.21 47.75
CA PHE C 91 -2.77 -29.18 46.29
C PHE C 91 -1.42 -29.57 45.73
N VAL C 92 -1.31 -30.79 45.19
CA VAL C 92 -0.04 -31.32 44.71
C VAL C 92 -0.14 -31.52 43.20
N ASP C 93 0.52 -30.63 42.46
CA ASP C 93 0.54 -30.63 41.00
C ASP C 93 1.92 -31.03 40.50
N ASP C 94 1.96 -31.70 39.34
CA ASP C 94 3.22 -32.17 38.79
C ASP C 94 3.29 -31.98 37.28
N LEU C 97 1.02 -38.00 36.41
CA LEU C 97 0.57 -37.81 35.04
C LEU C 97 0.52 -36.32 34.70
N PRO C 98 0.63 -35.99 33.40
CA PRO C 98 0.52 -34.60 32.97
C PRO C 98 -0.92 -34.20 32.66
N GLY C 99 -1.27 -32.98 33.04
CA GLY C 99 -2.68 -32.59 33.02
C GLY C 99 -3.51 -33.31 34.05
N CYS C 100 -2.89 -34.03 34.96
CA CYS C 100 -3.58 -34.72 36.05
C CYS C 100 -2.81 -34.41 37.32
N ALA C 101 -3.50 -33.95 38.35
CA ALA C 101 -2.83 -33.73 39.63
C ALA C 101 -3.79 -33.85 40.83
N VAL C 117 -12.41 -39.18 56.18
CA VAL C 117 -11.09 -39.55 56.67
C VAL C 117 -10.74 -40.97 56.22
N GLU C 118 -11.71 -41.71 55.67
CA GLU C 118 -11.48 -43.10 55.26
C GLU C 118 -10.78 -43.23 53.92
N PHE C 119 -10.90 -42.25 53.04
CA PHE C 119 -10.44 -42.43 51.67
C PHE C 119 -8.99 -42.06 51.45
N ILE C 120 -8.41 -41.20 52.28
CA ILE C 120 -7.02 -40.79 52.07
C ILE C 120 -6.12 -42.00 52.24
N THR C 121 -5.26 -42.24 51.25
CA THR C 121 -4.26 -43.28 51.38
C THR C 121 -3.30 -42.92 52.53
N ALA C 122 -2.50 -43.90 52.93
CA ALA C 122 -1.50 -43.64 53.96
C ALA C 122 -0.57 -42.51 53.53
N SER C 123 -0.23 -42.45 52.24
CA SER C 123 0.72 -41.48 51.70
C SER C 123 0.11 -40.09 51.52
N GLY C 124 -1.01 -39.80 52.18
CA GLY C 124 -1.59 -38.47 52.17
C GLY C 124 -2.29 -38.07 50.90
N TYR C 125 -2.17 -38.85 49.83
CA TYR C 125 -2.84 -38.54 48.57
C TYR C 125 -4.18 -39.27 48.53
N LEU C 126 -5.24 -38.53 48.27
CA LEU C 126 -6.53 -39.16 48.07
C LEU C 126 -6.58 -39.74 46.67
N SER C 127 -7.04 -40.99 46.57
CA SER C 127 -7.23 -41.65 45.28
C SER C 127 -8.68 -41.49 44.86
N ALA C 128 -8.89 -40.98 43.65
CA ALA C 128 -10.23 -40.82 43.09
C ALA C 128 -10.96 -42.16 42.98
N ARG C 129 -10.22 -43.23 42.66
CA ARG C 129 -10.84 -44.49 42.25
C ARG C 129 -11.78 -45.05 43.32
N LYS C 130 -11.48 -44.82 44.61
CA LYS C 130 -12.34 -45.33 45.69
C LYS C 130 -13.71 -44.67 45.70
N ILE C 131 -13.82 -43.45 45.18
CA ILE C 131 -15.07 -42.71 45.24
C ILE C 131 -15.97 -43.02 44.05
N ARG C 132 -15.39 -43.21 42.86
CA ARG C 132 -16.18 -43.48 41.66
C ARG C 132 -17.03 -44.73 41.83
N SER C 133 -16.42 -45.83 42.29
CA SER C 133 -17.10 -47.12 42.31
C SER C 133 -18.18 -47.20 43.37
N ARG C 134 -17.91 -46.68 44.58
CA ARG C 134 -18.94 -46.62 45.61
C ARG C 134 -20.19 -45.93 45.07
N PHE C 135 -19.99 -44.95 44.18
CA PHE C 135 -21.11 -44.24 43.59
C PHE C 135 -21.85 -45.10 42.56
N GLN C 136 -21.11 -45.83 41.72
CA GLN C 136 -21.76 -46.71 40.75
C GLN C 136 -22.59 -47.79 41.45
N THR C 137 -22.16 -48.24 42.63
CA THR C 137 -23.03 -49.08 43.45
C THR C 137 -24.26 -48.29 43.92
N LEU C 138 -24.07 -47.00 44.23
CA LEU C 138 -25.20 -46.17 44.65
C LEU C 138 -26.14 -45.85 43.49
N VAL C 139 -25.62 -45.74 42.26
CA VAL C 139 -26.48 -45.57 41.08
C VAL C 139 -27.37 -46.79 40.90
N ALA C 140 -26.83 -48.00 41.09
CA ALA C 140 -27.62 -49.21 40.95
C ALA C 140 -28.78 -49.25 41.94
N GLN C 141 -28.57 -48.74 43.15
CA GLN C 141 -29.58 -48.79 44.19
C GLN C 141 -30.53 -47.59 44.18
N ALA C 142 -30.11 -46.45 43.66
CA ALA C 142 -30.98 -45.28 43.54
C ALA C 142 -31.65 -45.18 42.18
N VAL C 143 -31.37 -46.12 41.27
CA VAL C 143 -32.22 -46.34 40.11
C VAL C 143 -33.35 -47.30 40.45
N ASP C 144 -33.01 -48.39 41.13
CA ASP C 144 -33.99 -49.38 41.52
C ASP C 144 -35.00 -48.80 42.51
N LYS C 145 -34.59 -47.76 43.22
CA LYS C 145 -35.45 -47.11 44.20
C LYS C 145 -36.17 -45.91 43.59
N CYS C 146 -35.45 -44.80 43.45
CA CYS C 146 -36.01 -43.58 42.89
C CYS C 146 -36.73 -43.87 41.57
N SER C 147 -37.45 -42.87 41.07
CA SER C 147 -38.19 -43.01 39.81
C SER C 147 -37.33 -43.68 38.75
N LEU C 163 -24.81 -43.37 32.77
CA LEU C 163 -26.28 -43.43 32.77
C LEU C 163 -26.86 -43.18 31.38
N ARG C 164 -27.80 -44.03 30.96
CA ARG C 164 -28.47 -43.91 29.67
C ARG C 164 -29.96 -43.71 29.94
N ILE C 165 -30.48 -42.53 29.61
CA ILE C 165 -31.89 -42.20 29.83
C ILE C 165 -32.58 -42.15 28.48
N ARG C 166 -33.64 -42.96 28.34
CA ARG C 166 -34.43 -43.15 27.13
C ARG C 166 -33.64 -43.72 25.97
N ASP C 167 -32.42 -44.21 26.22
CA ASP C 167 -31.51 -44.74 25.19
C ASP C 167 -31.19 -43.73 24.10
N ARG C 168 -31.75 -42.52 24.22
CA ARG C 168 -31.48 -41.43 23.29
C ARG C 168 -30.57 -40.35 23.88
N TYR C 169 -30.32 -40.38 25.18
CA TYR C 169 -29.56 -39.32 25.85
C TYR C 169 -28.62 -39.95 26.86
N VAL C 170 -27.32 -39.97 26.53
CA VAL C 170 -26.28 -40.38 27.47
C VAL C 170 -25.93 -39.19 28.34
N VAL C 171 -25.66 -39.43 29.63
CA VAL C 171 -25.23 -38.38 30.55
C VAL C 171 -24.23 -38.98 31.51
N GLN C 172 -23.00 -38.50 31.46
CA GLN C 172 -22.00 -38.78 32.48
C GLN C 172 -21.98 -37.63 33.47
N ILE C 173 -21.72 -37.93 34.74
CA ILE C 173 -21.61 -36.89 35.76
C ILE C 173 -20.49 -37.23 36.71
N THR C 174 -19.39 -36.48 36.63
CA THR C 174 -18.20 -36.60 37.46
C THR C 174 -17.96 -35.28 38.19
N PRO C 175 -17.29 -35.33 39.35
CA PRO C 175 -16.83 -34.14 40.06
C PRO C 175 -15.33 -34.15 40.34
N LYS C 178 -13.02 -28.82 43.54
CA LYS C 178 -13.09 -27.49 42.92
C LYS C 178 -12.27 -26.45 43.67
N CYS C 179 -11.36 -25.79 42.95
CA CYS C 179 -10.51 -24.77 43.55
C CYS C 179 -11.07 -23.38 43.28
N THR C 180 -10.52 -22.38 43.98
CA THR C 180 -10.96 -21.00 43.81
C THR C 180 -9.87 -20.03 44.21
N GLY C 181 -9.58 -19.06 43.34
CA GLY C 181 -8.56 -18.07 43.60
C GLY C 181 -7.17 -18.53 43.17
N ILE C 182 -6.87 -19.80 43.42
CA ILE C 182 -5.58 -20.37 43.05
C ILE C 182 -5.59 -20.85 41.61
N TRP C 183 -4.41 -21.17 41.08
CA TRP C 183 -4.29 -21.65 39.71
C TRP C 183 -3.24 -22.76 39.67
N PRO C 184 -3.43 -23.79 38.84
CA PRO C 184 -2.53 -24.95 38.88
C PRO C 184 -1.12 -24.65 38.37
N ARG C 185 -0.17 -25.46 38.87
CA ARG C 185 1.25 -25.18 38.65
C ARG C 185 1.63 -25.34 37.19
N SER C 186 1.17 -26.40 36.54
CA SER C 186 1.51 -26.59 35.14
C SER C 186 0.88 -25.50 34.27
N ALA C 187 -0.32 -25.08 34.63
CA ALA C 187 -1.00 -23.96 33.97
C ALA C 187 -0.66 -22.62 34.58
N ALA C 188 0.32 -22.56 35.50
CA ALA C 188 0.77 -21.28 36.04
C ALA C 188 1.49 -20.42 35.00
N HIS C 189 1.86 -21.00 33.86
CA HIS C 189 2.55 -20.27 32.81
C HIS C 189 1.64 -19.29 32.08
N TRP C 190 0.33 -19.52 32.13
CA TRP C 190 -0.63 -18.74 31.35
C TRP C 190 -0.90 -17.37 32.00
N PRO C 191 -0.86 -16.30 31.19
CA PRO C 191 -0.55 -16.30 29.76
C PRO C 191 0.93 -16.04 29.44
N LEU C 192 1.31 -16.14 28.16
CA LEU C 192 2.71 -15.98 27.78
C LEU C 192 3.08 -14.50 27.77
N PRO C 193 4.34 -14.15 28.15
CA PRO C 193 4.72 -12.74 28.30
C PRO C 193 4.76 -11.96 27.00
N HIS C 194 4.40 -12.62 25.89
CA HIS C 194 4.32 -11.94 24.60
C HIS C 194 2.94 -11.34 24.34
N ILE C 195 1.94 -11.67 25.15
CA ILE C 195 0.54 -11.23 24.98
C ILE C 195 0.38 -9.81 25.48
N PRO C 196 -0.42 -8.96 24.81
CA PRO C 196 -0.69 -7.65 25.39
C PRO C 196 -1.64 -7.75 26.59
N GLY C 199 -4.73 -10.84 27.82
CA GLY C 199 -5.30 -9.55 28.19
C GLY C 199 -5.22 -9.22 29.67
N PRO C 200 -4.58 -8.09 30.01
CA PRO C 200 -4.23 -7.83 31.42
C PRO C 200 -5.42 -7.69 32.36
N ASN C 201 -6.57 -7.18 31.91
CA ASN C 201 -7.69 -7.08 32.82
C ASN C 201 -8.52 -8.36 32.90
N ARG C 202 -8.52 -9.17 31.83
CA ARG C 202 -9.31 -10.39 31.80
C ARG C 202 -8.64 -11.55 32.53
N VAL C 203 -7.31 -11.50 32.72
CA VAL C 203 -6.60 -12.60 33.36
C VAL C 203 -7.09 -12.78 34.80
N ALA C 204 -7.22 -11.66 35.53
CA ALA C 204 -7.66 -11.75 36.92
C ALA C 204 -9.00 -12.47 37.02
N GLU C 205 -9.95 -12.13 36.15
CA GLU C 205 -11.25 -12.80 36.15
C GLU C 205 -11.12 -14.27 35.82
N VAL C 206 -10.37 -14.62 34.77
CA VAL C 206 -10.16 -16.02 34.45
C VAL C 206 -9.53 -16.75 35.63
N LYS C 207 -8.31 -16.34 36.00
CA LYS C 207 -7.65 -16.92 37.18
C LYS C 207 -8.56 -16.94 38.41
N ALA C 208 -9.46 -15.97 38.55
CA ALA C 208 -10.36 -15.94 39.71
C ALA C 208 -11.51 -16.93 39.57
N GLU C 209 -11.94 -17.24 38.35
CA GLU C 209 -12.87 -18.36 38.17
C GLU C 209 -12.28 -19.65 38.69
N GLY C 210 -10.95 -19.73 38.81
CA GLY C 210 -10.31 -20.91 39.31
C GLY C 210 -10.42 -22.05 38.31
N PHE C 211 -10.18 -23.25 38.84
CA PHE C 211 -10.20 -24.46 38.04
C PHE C 211 -10.87 -25.55 38.86
N ASN C 212 -11.39 -26.54 38.17
CA ASN C 212 -12.04 -27.65 38.83
C ASN C 212 -11.29 -28.95 38.55
N LEU C 213 -11.35 -29.87 39.51
CA LEU C 213 -10.82 -31.21 39.32
C LEU C 213 -11.58 -32.24 40.16
N TRP C 233 -5.59 -35.87 39.62
CA TRP C 233 -6.94 -35.54 39.16
C TRP C 233 -6.97 -34.76 37.85
N VAL C 234 -8.09 -34.88 37.14
CA VAL C 234 -8.24 -34.31 35.81
C VAL C 234 -8.65 -32.84 35.94
N LEU C 235 -7.93 -31.97 35.25
CA LEU C 235 -8.09 -30.52 35.38
C LEU C 235 -9.00 -29.98 34.29
N GLN C 236 -9.91 -29.10 34.67
CA GLN C 236 -10.89 -28.53 33.75
C GLN C 236 -11.14 -27.07 34.13
N PHE C 237 -11.63 -26.28 33.16
CA PHE C 237 -11.67 -24.83 33.31
C PHE C 237 -12.86 -24.20 32.59
N ALA C 238 -14.00 -24.90 32.51
CA ALA C 238 -15.09 -24.40 31.68
C ALA C 238 -15.57 -23.02 32.13
N GLU C 239 -15.42 -22.71 33.41
CA GLU C 239 -15.72 -21.36 33.89
C GLU C 239 -14.64 -20.38 33.44
N ALA C 240 -13.38 -20.67 33.77
CA ALA C 240 -12.25 -19.91 33.23
C ALA C 240 -12.27 -19.87 31.69
N GLU C 241 -12.85 -20.89 31.05
CA GLU C 241 -12.95 -20.85 29.60
C GLU C 241 -14.14 -20.02 29.15
N ASN C 242 -15.33 -20.31 29.67
CA ASN C 242 -16.50 -19.50 29.34
C ASN C 242 -16.22 -18.03 29.59
N ARG C 243 -15.47 -17.73 30.66
CA ARG C 243 -15.20 -16.34 31.03
C ARG C 243 -14.02 -15.74 30.31
N LEU C 244 -13.16 -16.57 29.72
CA LEU C 244 -12.12 -16.01 28.86
C LEU C 244 -12.66 -15.62 27.51
N GLN C 245 -13.76 -16.25 27.08
CA GLN C 245 -14.30 -16.01 25.75
C GLN C 245 -15.40 -14.98 25.72
N MET C 246 -15.67 -14.31 26.82
CA MET C 246 -16.71 -13.29 26.80
C MET C 246 -16.27 -12.11 25.95
N GLY C 247 -17.27 -11.49 25.33
CA GLY C 247 -17.04 -10.33 24.50
C GLY C 247 -17.19 -10.64 23.02
N GLY C 248 -17.29 -9.57 22.24
CA GLY C 248 -17.21 -9.62 20.81
C GLY C 248 -18.19 -10.60 20.24
N CYS C 249 -17.80 -11.24 19.15
CA CYS C 249 -18.59 -12.34 18.59
C CYS C 249 -17.87 -13.67 18.78
N ARG C 250 -17.08 -13.81 19.85
CA ARG C 250 -16.48 -15.07 20.22
C ARG C 250 -17.54 -16.14 20.50
N LYS C 251 -18.28 -16.01 21.61
CA LYS C 251 -19.28 -17.02 21.95
C LYS C 251 -20.32 -17.20 20.85
N LYS C 252 -20.53 -16.20 19.98
CA LYS C 252 -21.35 -16.43 18.80
C LYS C 252 -20.64 -17.33 17.81
N CYS C 253 -19.40 -16.98 17.50
CA CYS C 253 -18.56 -17.80 16.65
C CYS C 253 -18.57 -19.23 17.16
N LEU C 254 -18.12 -19.42 18.40
CA LEU C 254 -18.03 -20.76 18.99
C LEU C 254 -19.38 -21.47 18.97
N SER C 255 -20.49 -20.74 18.97
CA SER C 255 -21.78 -21.38 18.76
C SER C 255 -21.88 -21.96 17.35
N ILE C 256 -21.40 -21.21 16.34
CA ILE C 256 -21.46 -21.67 14.95
C ILE C 256 -20.51 -22.87 14.72
N LEU C 257 -19.33 -22.86 15.36
CA LEU C 257 -18.45 -24.01 15.26
C LEU C 257 -19.06 -25.24 15.91
N LYS C 258 -19.46 -25.16 17.18
CA LYS C 258 -20.15 -26.28 17.82
C LYS C 258 -21.27 -26.81 16.93
N THR C 259 -21.97 -25.93 16.22
CA THR C 259 -23.12 -26.35 15.43
C THR C 259 -22.70 -27.10 14.18
N LEU C 260 -21.67 -26.61 13.49
CA LEU C 260 -21.13 -27.31 12.32
C LEU C 260 -20.61 -28.68 12.70
N ARG C 261 -19.72 -28.72 13.68
CA ARG C 261 -19.18 -29.99 14.17
C ARG C 261 -20.28 -30.99 14.50
N ASP C 262 -21.47 -30.51 14.83
CA ASP C 262 -22.57 -31.41 15.14
C ASP C 262 -23.25 -31.90 13.87
N ARG C 263 -23.36 -31.02 12.88
CA ARG C 263 -24.09 -31.37 11.67
C ARG C 263 -23.20 -31.98 10.59
N HIS C 264 -21.88 -31.86 10.71
CA HIS C 264 -21.00 -32.33 9.64
C HIS C 264 -19.67 -32.93 10.08
N LEU C 265 -19.31 -32.85 11.36
CA LEU C 265 -18.05 -33.43 11.81
C LEU C 265 -18.26 -34.53 12.83
N GLU C 266 -19.48 -35.07 12.91
CA GLU C 266 -19.62 -36.27 13.71
C GLU C 266 -19.00 -37.40 12.91
N LEU C 267 -17.70 -37.64 13.09
CA LEU C 267 -16.98 -38.56 12.24
C LEU C 267 -16.60 -39.86 12.96
N PRO C 268 -16.36 -40.93 12.20
CA PRO C 268 -16.03 -42.21 12.83
C PRO C 268 -14.73 -42.10 13.61
N GLY C 269 -14.72 -42.63 14.81
CA GLY C 269 -13.52 -42.48 15.60
C GLY C 269 -13.48 -41.20 16.39
N GLN C 270 -14.54 -40.38 16.32
CA GLN C 270 -14.82 -39.27 17.23
C GLN C 270 -13.67 -38.30 17.21
N PRO C 271 -13.16 -37.89 16.05
CA PRO C 271 -11.94 -37.08 16.06
C PRO C 271 -12.23 -35.67 16.49
N LEU C 272 -13.49 -35.24 16.41
CA LEU C 272 -13.85 -33.86 16.69
C LEU C 272 -14.95 -33.79 17.73
N ASN C 273 -14.76 -32.89 18.67
CA ASN C 273 -15.70 -32.62 19.74
C ASN C 273 -15.98 -31.13 19.80
N ASN C 274 -16.97 -30.78 20.61
CA ASN C 274 -17.21 -29.38 20.87
C ASN C 274 -16.05 -28.78 21.65
N TYR C 275 -15.36 -29.57 22.48
CA TYR C 275 -14.24 -28.99 23.21
C TYR C 275 -13.09 -28.62 22.28
N HIS C 276 -12.94 -29.30 21.14
CA HIS C 276 -11.94 -28.83 20.18
C HIS C 276 -12.32 -27.46 19.65
N MET C 277 -13.63 -27.21 19.49
CA MET C 277 -14.11 -25.92 19.04
C MET C 277 -13.95 -24.84 20.12
N LYS C 278 -14.29 -25.15 21.37
CA LYS C 278 -14.00 -24.23 22.45
C LYS C 278 -12.52 -23.91 22.50
N THR C 279 -11.67 -24.94 22.44
CA THR C 279 -10.24 -24.70 22.53
C THR C 279 -9.72 -23.94 21.34
N LEU C 280 -10.34 -24.12 20.18
CA LEU C 280 -9.80 -23.51 18.99
C LEU C 280 -10.17 -22.05 18.88
N VAL C 281 -11.35 -21.70 19.42
CA VAL C 281 -11.68 -20.29 19.61
C VAL C 281 -10.67 -19.65 20.55
N SER C 282 -10.58 -20.15 21.78
CA SER C 282 -9.60 -19.64 22.75
C SER C 282 -8.20 -19.57 22.16
N TYR C 283 -7.92 -20.33 21.11
CA TYR C 283 -6.65 -20.15 20.42
C TYR C 283 -6.70 -18.99 19.43
N GLU C 284 -7.86 -18.71 18.83
CA GLU C 284 -7.96 -17.51 18.00
C GLU C 284 -8.05 -16.26 18.86
N CYS C 285 -8.54 -16.40 20.09
CA CYS C 285 -8.60 -15.25 20.98
C CYS C 285 -7.21 -14.84 21.43
N GLU C 286 -6.27 -15.79 21.47
CA GLU C 286 -4.89 -15.44 21.77
C GLU C 286 -4.17 -14.87 20.56
N LYS C 287 -4.68 -15.10 19.36
CA LYS C 287 -4.06 -14.62 18.13
C LYS C 287 -4.49 -13.21 17.75
N HIS C 288 -5.71 -12.81 18.12
CA HIS C 288 -6.21 -11.43 17.96
C HIS C 288 -6.85 -11.00 19.28
N PRO C 289 -6.08 -10.38 20.20
CA PRO C 289 -6.56 -10.29 21.59
C PRO C 289 -7.37 -9.03 21.87
N ARG C 290 -7.25 -8.05 20.97
CA ARG C 290 -7.95 -6.80 21.12
C ARG C 290 -9.35 -6.94 20.54
N GLU C 291 -10.35 -6.49 21.32
CA GLU C 291 -11.75 -6.62 20.96
C GLU C 291 -12.06 -6.00 19.61
N SER C 292 -11.16 -5.19 19.06
CA SER C 292 -11.35 -4.59 17.74
C SER C 292 -11.38 -5.62 16.62
N ASP C 293 -10.75 -6.78 16.82
CA ASP C 293 -10.78 -7.85 15.83
C ASP C 293 -12.03 -8.73 15.99
N TRP C 294 -12.68 -8.66 17.14
CA TRP C 294 -13.92 -9.36 17.41
C TRP C 294 -15.15 -8.48 17.21
N ASP C 295 -15.01 -7.38 16.47
CA ASP C 295 -16.17 -6.63 16.03
C ASP C 295 -17.16 -7.54 15.33
N GLU C 296 -18.44 -7.18 15.32
CA GLU C 296 -19.43 -7.99 14.63
C GLU C 296 -19.08 -8.14 13.15
N SER C 297 -18.43 -7.12 12.57
CA SER C 297 -18.15 -7.10 11.14
C SER C 297 -16.97 -7.98 10.78
N CYS C 298 -16.21 -8.46 11.77
CA CYS C 298 -15.15 -9.44 11.59
C CYS C 298 -15.61 -10.89 11.73
N LEU C 299 -16.92 -11.15 11.94
CA LEU C 299 -17.32 -12.49 12.33
C LEU C 299 -16.85 -13.53 11.30
N GLY C 300 -17.11 -13.29 10.03
CA GLY C 300 -16.66 -14.23 8.99
C GLY C 300 -15.15 -14.43 9.00
N ASP C 301 -14.39 -13.33 9.08
CA ASP C 301 -12.93 -13.44 9.20
C ASP C 301 -12.51 -14.45 10.27
N ARG C 302 -13.11 -14.38 11.45
CA ARG C 302 -12.67 -15.26 12.53
C ARG C 302 -13.08 -16.70 12.28
N LEU C 303 -14.23 -16.92 11.65
CA LEU C 303 -14.67 -18.29 11.49
C LEU C 303 -13.83 -18.99 10.44
N ASN C 304 -13.48 -18.28 9.38
CA ASN C 304 -12.57 -18.85 8.40
C ASN C 304 -11.22 -19.13 9.03
N GLY C 305 -10.64 -18.13 9.67
CA GLY C 305 -9.38 -18.31 10.36
C GLY C 305 -9.31 -19.51 11.27
N ILE C 306 -10.45 -19.88 11.89
CA ILE C 306 -10.49 -21.00 12.83
C ILE C 306 -10.69 -22.32 12.10
N LEU C 307 -11.74 -22.42 11.29
CA LEU C 307 -11.87 -23.53 10.36
C LEU C 307 -10.53 -23.84 9.70
N LEU C 308 -9.80 -22.82 9.25
CA LEU C 308 -8.48 -23.10 8.71
C LEU C 308 -7.55 -23.61 9.79
N GLN C 309 -7.54 -22.94 10.95
CA GLN C 309 -6.67 -23.40 12.03
C GLN C 309 -7.07 -24.77 12.54
N LEU C 310 -8.33 -25.15 12.37
CA LEU C 310 -8.76 -26.50 12.75
C LEU C 310 -8.19 -27.54 11.81
N ILE C 311 -8.18 -27.26 10.51
CA ILE C 311 -7.62 -28.19 9.54
C ILE C 311 -6.10 -28.35 9.76
N SER C 312 -5.38 -27.26 9.99
CA SER C 312 -3.96 -27.36 10.32
C SER C 312 -3.74 -28.28 11.52
N CYS C 313 -4.52 -28.09 12.59
CA CYS C 313 -4.44 -29.01 13.72
C CYS C 313 -4.70 -30.44 13.29
N LEU C 314 -5.68 -30.64 12.42
CA LEU C 314 -5.95 -31.97 11.93
C LEU C 314 -4.81 -32.47 11.03
N GLN C 315 -4.31 -31.63 10.11
CA GLN C 315 -3.18 -32.05 9.27
C GLN C 315 -1.93 -32.32 10.10
N CYS C 316 -1.68 -31.51 11.13
CA CYS C 316 -0.45 -31.59 11.91
C CYS C 316 -0.51 -32.65 12.99
N ARG C 317 -1.67 -33.29 13.17
CA ARG C 317 -1.89 -34.32 14.18
C ARG C 317 -1.71 -33.80 15.59
N ARG C 318 -1.82 -32.50 15.81
CA ARG C 318 -1.60 -31.94 17.14
C ARG C 318 -2.49 -30.74 17.41
N CYS C 319 -3.27 -30.82 18.49
CA CYS C 319 -4.06 -29.70 19.00
C CYS C 319 -3.85 -29.68 20.51
N PRO C 320 -2.92 -28.88 21.01
CA PRO C 320 -2.72 -28.84 22.46
C PRO C 320 -3.83 -28.07 23.14
N HIS C 321 -4.19 -28.53 24.34
CA HIS C 321 -5.12 -27.79 25.17
C HIS C 321 -4.63 -26.35 25.35
N TYR C 322 -5.58 -25.42 25.42
CA TYR C 322 -5.19 -24.00 25.46
C TYR C 322 -4.49 -23.65 26.76
N PHE C 323 -5.04 -24.10 27.88
CA PHE C 323 -4.40 -23.84 29.16
C PHE C 323 -3.19 -24.73 29.38
N LEU C 324 -3.20 -25.95 28.86
CA LEU C 324 -2.08 -26.87 29.06
C LEU C 324 -1.54 -27.35 27.72
N PRO C 325 -0.43 -26.78 27.22
CA PRO C 325 0.15 -27.26 25.96
C PRO C 325 0.82 -28.64 26.07
N ASN C 326 0.92 -29.18 27.29
CA ASN C 326 1.45 -30.53 27.48
C ASN C 326 0.41 -31.58 27.13
N LEU C 327 -0.81 -31.43 27.67
CA LEU C 327 -1.91 -32.22 27.18
C LEU C 327 -2.04 -31.99 25.68
N ASP C 328 -2.55 -32.98 24.98
CA ASP C 328 -2.82 -32.84 23.56
C ASP C 328 -4.20 -33.39 23.32
N LEU C 329 -5.09 -32.55 22.85
CA LEU C 329 -6.49 -32.92 22.75
C LEU C 329 -6.76 -33.89 21.61
N PHE C 330 -5.70 -34.38 20.95
CA PHE C 330 -5.82 -35.46 19.99
C PHE C 330 -5.20 -36.79 20.46
N GLN C 331 -4.52 -36.80 21.61
CA GLN C 331 -4.00 -38.05 22.16
C GLN C 331 -5.09 -39.10 22.24
N GLY C 332 -4.73 -40.35 21.90
CA GLY C 332 -5.69 -41.43 21.85
C GLY C 332 -6.53 -41.51 20.60
N LYS C 333 -6.16 -40.77 19.55
CA LYS C 333 -6.92 -40.75 18.31
C LYS C 333 -6.06 -41.25 17.17
N PRO C 334 -6.58 -42.15 16.34
CA PRO C 334 -5.85 -42.55 15.15
C PRO C 334 -5.62 -41.35 14.24
N HIS C 335 -4.40 -41.25 13.73
CA HIS C 335 -4.17 -40.29 12.66
C HIS C 335 -5.01 -40.60 11.44
N SER C 336 -5.56 -41.80 11.32
CA SER C 336 -6.41 -42.07 10.16
C SER C 336 -7.71 -41.32 10.30
N ALA C 337 -8.29 -41.36 11.49
CA ALA C 337 -9.51 -40.62 11.74
C ALA C 337 -9.24 -39.13 11.60
N LEU C 338 -8.10 -38.68 12.16
CA LEU C 338 -7.73 -37.28 12.11
C LEU C 338 -7.72 -36.76 10.69
N GLU C 339 -7.35 -37.62 9.74
CA GLU C 339 -7.31 -37.20 8.35
C GLU C 339 -8.71 -37.11 7.76
N ASN C 340 -9.51 -38.17 7.93
CA ASN C 340 -10.90 -38.10 7.50
C ASN C 340 -11.53 -36.77 7.91
N ALA C 341 -11.30 -36.38 9.17
CA ALA C 341 -11.71 -35.07 9.64
C ALA C 341 -11.20 -33.97 8.72
N ALA C 342 -9.87 -33.83 8.61
CA ALA C 342 -9.32 -32.71 7.86
C ALA C 342 -9.77 -32.70 6.40
N LYS C 343 -10.13 -33.85 5.84
CA LYS C 343 -10.74 -33.82 4.52
C LYS C 343 -12.16 -33.29 4.64
N GLN C 344 -12.95 -33.87 5.55
CA GLN C 344 -14.34 -33.45 5.71
C GLN C 344 -14.41 -31.99 6.11
N THR C 345 -13.51 -31.56 6.99
CA THR C 345 -13.54 -30.19 7.46
C THR C 345 -13.19 -29.17 6.38
N TRP C 346 -12.12 -29.43 5.63
CA TRP C 346 -11.79 -28.60 4.47
C TRP C 346 -12.99 -28.45 3.53
N ARG C 347 -13.47 -29.56 2.98
CA ARG C 347 -14.52 -29.48 1.96
C ARG C 347 -15.69 -28.61 2.43
N LEU C 348 -15.93 -28.59 3.73
CA LEU C 348 -16.94 -27.71 4.32
C LEU C 348 -16.52 -26.25 4.23
N ALA C 349 -15.38 -25.92 4.83
CA ALA C 349 -14.88 -24.55 4.77
C ALA C 349 -14.74 -24.05 3.34
N ARG C 350 -14.28 -24.89 2.42
CA ARG C 350 -14.25 -24.44 1.03
C ARG C 350 -15.64 -24.05 0.54
N GLU C 351 -16.65 -24.92 0.72
CA GLU C 351 -17.98 -24.61 0.19
C GLU C 351 -18.59 -23.37 0.85
N ILE C 352 -18.22 -23.09 2.10
CA ILE C 352 -18.67 -21.86 2.77
C ILE C 352 -18.06 -20.64 2.09
N LEU C 353 -16.74 -20.47 2.24
CA LEU C 353 -15.99 -19.44 1.53
C LEU C 353 -16.44 -19.25 0.07
N THR C 354 -16.53 -20.33 -0.71
CA THR C 354 -16.90 -20.23 -2.13
C THR C 354 -18.18 -19.44 -2.34
N ASN C 355 -19.30 -19.95 -1.82
CA ASN C 355 -20.62 -19.35 -1.99
C ASN C 355 -21.29 -19.45 -0.63
N PRO C 356 -21.13 -18.44 0.21
CA PRO C 356 -21.66 -18.54 1.58
C PRO C 356 -23.18 -18.71 1.68
N LYS C 357 -23.96 -18.64 0.58
CA LYS C 357 -25.38 -18.98 0.68
C LYS C 357 -25.60 -20.45 0.96
N SER C 358 -24.54 -21.25 0.89
CA SER C 358 -24.69 -22.69 1.11
C SER C 358 -25.32 -22.96 2.47
N LEU C 359 -24.91 -22.21 3.48
CA LEU C 359 -25.30 -22.47 4.86
C LEU C 359 -26.81 -22.54 5.06
N GLU C 360 -27.62 -22.07 4.11
CA GLU C 360 -29.06 -22.30 4.20
C GLU C 360 -29.38 -23.78 4.20
N LYS C 361 -28.72 -24.55 3.33
CA LYS C 361 -28.94 -25.98 3.22
C LYS C 361 -28.03 -26.82 4.14
N LEU C 362 -26.95 -26.25 4.66
CA LEU C 362 -26.14 -26.94 5.67
C LEU C 362 -26.85 -26.93 7.03
N GLY D 1 -7.41 -3.88 -6.69
CA GLY D 1 -6.53 -3.20 -7.64
C GLY D 1 -6.75 -1.70 -7.68
N ALA D 2 -6.38 -1.07 -8.81
CA ALA D 2 -6.66 0.34 -9.04
C ALA D 2 -7.86 0.57 -9.94
N MET D 3 -8.20 -0.39 -10.80
CA MET D 3 -9.57 -0.50 -11.33
C MET D 3 -10.58 -0.55 -10.19
N ASP D 4 -10.15 -1.08 -9.05
CA ASP D 4 -10.96 -1.10 -7.84
C ASP D 4 -11.25 0.31 -7.35
N ILE D 5 -10.35 1.26 -7.58
CA ILE D 5 -10.56 2.66 -7.18
C ILE D 5 -11.52 3.37 -8.14
N ALA D 6 -11.39 3.12 -9.45
CA ALA D 6 -12.24 3.79 -10.41
C ALA D 6 -13.71 3.39 -10.25
N ALA D 7 -13.98 2.16 -9.84
CA ALA D 7 -15.35 1.76 -9.56
C ALA D 7 -15.89 2.37 -8.27
N GLN D 8 -15.01 2.57 -7.27
CA GLN D 8 -15.43 3.28 -6.07
C GLN D 8 -15.98 4.64 -6.43
N ALA D 9 -15.33 5.32 -7.38
CA ALA D 9 -15.82 6.60 -7.89
C ALA D 9 -17.14 6.43 -8.65
N LYS D 10 -17.33 5.30 -9.35
CA LYS D 10 -18.60 5.10 -10.03
C LYS D 10 -19.76 5.11 -9.04
N LEU D 11 -19.54 4.51 -7.87
CA LEU D 11 -20.54 4.59 -6.81
C LEU D 11 -20.74 6.03 -6.37
N VAL D 12 -19.64 6.74 -6.10
CA VAL D 12 -19.72 8.09 -5.56
C VAL D 12 -20.41 9.03 -6.53
N TYR D 13 -20.26 8.82 -7.85
CA TYR D 13 -20.97 9.67 -8.79
C TYR D 13 -22.46 9.37 -8.79
N HIS D 14 -22.83 8.09 -8.88
CA HIS D 14 -24.23 7.72 -8.94
C HIS D 14 -24.94 7.94 -7.63
N LEU D 15 -24.22 7.93 -6.52
CA LEU D 15 -24.81 8.33 -5.24
C LEU D 15 -25.14 9.82 -5.27
N ASN D 16 -24.20 10.66 -5.70
CA ASN D 16 -24.47 12.09 -5.80
C ASN D 16 -25.62 12.37 -6.77
N LYS D 17 -25.76 11.59 -7.85
CA LYS D 17 -26.95 11.74 -8.68
C LYS D 17 -28.20 11.41 -7.88
N TYR D 18 -28.14 10.37 -7.06
CA TYR D 18 -29.29 10.04 -6.22
C TYR D 18 -29.61 11.17 -5.26
N TYR D 19 -28.59 11.77 -4.65
CA TYR D 19 -28.83 12.85 -3.72
C TYR D 19 -29.45 14.05 -4.43
N ASN D 20 -28.97 14.36 -5.63
CA ASN D 20 -29.56 15.48 -6.35
C ASN D 20 -30.89 15.11 -7.00
N GLU D 21 -31.04 13.85 -7.43
CA GLU D 21 -32.23 13.40 -8.13
C GLU D 21 -33.34 13.01 -7.15
N LYS D 22 -33.08 12.07 -6.25
CA LYS D 22 -34.11 11.57 -5.36
C LYS D 22 -34.16 12.29 -4.01
N CYS D 23 -33.00 12.58 -3.41
CA CYS D 23 -32.96 13.14 -2.07
C CYS D 23 -33.49 14.57 -2.05
N GLN D 24 -33.07 15.40 -3.00
CA GLN D 24 -33.51 16.78 -3.00
C GLN D 24 -35.02 16.88 -3.19
N ALA D 25 -35.59 16.03 -4.05
CA ALA D 25 -37.04 15.95 -4.19
C ALA D 25 -37.72 15.51 -2.90
N ARG D 26 -37.13 14.57 -2.16
CA ARG D 26 -37.69 14.12 -0.89
C ARG D 26 -37.85 15.27 0.10
N LYS D 27 -36.75 15.94 0.44
CA LYS D 27 -36.81 16.99 1.46
C LYS D 27 -37.78 18.09 1.06
N ALA D 28 -38.12 18.18 -0.23
CA ALA D 28 -39.15 19.09 -0.69
C ALA D 28 -40.54 18.55 -0.39
N ALA D 29 -40.82 17.30 -0.80
CA ALA D 29 -42.12 16.70 -0.56
C ALA D 29 -42.45 16.67 0.92
N ILE D 30 -41.45 16.35 1.75
CA ILE D 30 -41.64 16.37 3.20
C ILE D 30 -42.05 17.76 3.67
N ALA D 31 -41.39 18.81 3.16
CA ALA D 31 -41.63 20.15 3.63
C ALA D 31 -43.01 20.67 3.26
N LYS D 32 -43.52 20.32 2.07
CA LYS D 32 -44.91 20.66 1.76
C LYS D 32 -45.82 19.92 2.71
N THR D 33 -45.49 18.67 2.99
CA THR D 33 -46.21 17.91 4.00
C THR D 33 -46.03 18.49 5.41
N ILE D 34 -44.89 19.10 5.70
CA ILE D 34 -44.66 19.67 7.03
C ILE D 34 -45.49 20.94 7.24
N ARG D 35 -45.46 21.86 6.28
CA ARG D 35 -46.20 23.11 6.44
C ARG D 35 -47.70 22.88 6.40
N GLU D 36 -48.16 21.97 5.55
CA GLU D 36 -49.58 21.65 5.53
C GLU D 36 -50.02 21.06 6.86
N VAL D 37 -49.19 20.17 7.42
CA VAL D 37 -49.42 19.65 8.77
C VAL D 37 -49.27 20.75 9.83
N CYS D 38 -48.20 21.55 9.75
CA CYS D 38 -47.95 22.56 10.79
C CYS D 38 -48.97 23.67 10.81
N LYS D 39 -49.58 23.99 9.68
CA LYS D 39 -50.71 24.91 9.71
C LYS D 39 -51.84 24.32 10.51
N VAL D 40 -52.13 23.04 10.28
CA VAL D 40 -53.18 22.36 11.04
C VAL D 40 -52.85 22.31 12.52
N VAL D 41 -51.61 21.94 12.87
CA VAL D 41 -51.26 21.82 14.29
C VAL D 41 -51.24 23.17 14.97
N SER D 42 -50.66 24.18 14.33
CA SER D 42 -50.60 25.48 15.01
C SER D 42 -51.99 26.04 15.24
N ASP D 43 -52.94 25.77 14.33
CA ASP D 43 -54.32 26.16 14.53
C ASP D 43 -54.94 25.43 15.73
N VAL D 44 -54.78 24.12 15.80
CA VAL D 44 -55.27 23.37 16.96
C VAL D 44 -54.62 23.86 18.24
N LEU D 45 -53.30 24.08 18.20
CA LEU D 45 -52.52 24.44 19.38
C LEU D 45 -52.83 25.82 19.95
N LYS D 46 -53.37 26.74 19.16
CA LYS D 46 -53.69 28.05 19.73
C LYS D 46 -54.75 27.94 20.83
N GLU D 47 -55.75 27.07 20.65
CA GLU D 47 -56.80 26.93 21.67
C GLU D 47 -56.29 26.28 22.95
N VAL D 48 -55.46 25.24 22.84
CA VAL D 48 -54.96 24.60 24.07
C VAL D 48 -54.20 25.60 24.92
N GLU D 49 -53.55 26.58 24.29
CA GLU D 49 -52.82 27.60 25.03
C GLU D 49 -53.76 28.53 25.80
N VAL D 50 -54.97 28.77 25.28
CA VAL D 50 -55.91 29.67 25.95
C VAL D 50 -56.52 29.01 27.18
N GLN D 51 -56.82 27.71 27.11
CA GLN D 51 -57.39 27.03 28.28
C GLN D 51 -56.39 26.95 29.41
N GLU D 52 -55.14 26.61 29.10
CA GLU D 52 -54.09 26.56 30.11
C GLU D 52 -52.95 27.42 29.63
N PRO D 53 -52.76 28.61 30.19
CA PRO D 53 -51.68 29.48 29.71
C PRO D 53 -50.29 28.92 29.94
N ARG D 54 -50.12 27.94 30.85
CA ARG D 54 -48.80 27.42 31.18
C ARG D 54 -48.09 26.79 29.98
N PHE D 55 -48.83 26.43 28.94
CA PHE D 55 -48.26 25.92 27.71
C PHE D 55 -47.84 27.03 26.73
N ILE D 56 -46.94 26.70 25.80
CA ILE D 56 -46.37 27.65 24.84
C ILE D 56 -46.67 27.08 23.44
N TYR D 66 -38.89 22.52 10.86
CA TYR D 66 -39.09 23.69 11.70
C TYR D 66 -38.47 23.50 13.09
N GLU D 67 -38.46 24.55 13.89
CA GLU D 67 -37.83 24.48 15.20
C GLU D 67 -38.62 23.55 16.11
N GLY D 68 -37.90 22.62 16.73
CA GLY D 68 -38.50 21.60 17.58
C GLY D 68 -39.35 20.56 16.88
N LEU D 69 -39.01 20.19 15.65
CA LEU D 69 -39.78 19.22 14.88
C LEU D 69 -38.86 18.12 14.37
N GLU D 70 -39.37 16.90 14.38
CA GLU D 70 -38.61 15.74 13.97
C GLU D 70 -39.37 15.00 12.88
N VAL D 71 -38.69 14.62 11.82
CA VAL D 71 -39.30 13.74 10.83
C VAL D 71 -39.00 12.30 11.23
N ILE D 72 -40.06 11.50 11.34
CA ILE D 72 -39.98 10.09 11.71
C ILE D 72 -40.05 9.20 10.48
N SER D 73 -40.95 9.55 9.55
CA SER D 73 -41.34 8.92 8.30
C SER D 73 -41.73 10.08 7.41
N PRO D 74 -42.02 9.83 6.14
CA PRO D 74 -42.62 10.90 5.31
C PRO D 74 -43.94 11.42 5.86
N THR D 75 -44.69 10.61 6.59
CA THR D 75 -45.99 10.97 7.13
C THR D 75 -46.06 11.00 8.64
N GLU D 76 -44.97 10.86 9.37
CA GLU D 76 -45.05 10.77 10.82
C GLU D 76 -44.06 11.69 11.46
N PHE D 77 -44.53 12.49 12.40
CA PHE D 77 -43.72 13.55 12.95
C PHE D 77 -43.86 13.60 14.46
N GLU D 78 -42.86 14.21 15.08
CA GLU D 78 -42.90 14.50 16.50
C GLU D 78 -42.53 15.96 16.70
N VAL D 79 -43.43 16.72 17.31
CA VAL D 79 -43.15 18.09 17.69
C VAL D 79 -42.84 18.13 19.18
N VAL D 80 -41.69 18.68 19.53
CA VAL D 80 -41.38 18.92 20.93
C VAL D 80 -41.78 20.37 21.20
N LEU D 81 -42.65 20.55 22.21
CA LEU D 81 -43.25 21.82 22.57
C LEU D 81 -42.59 22.33 23.86
N TYR D 82 -41.80 23.40 23.72
CA TYR D 82 -40.91 23.87 24.79
C TYR D 82 -41.61 24.88 25.67
N LEU D 83 -41.86 24.52 26.93
CA LEU D 83 -42.52 25.45 27.84
C LEU D 83 -41.52 26.36 28.57
N PHE D 91 -34.12 17.97 37.35
CA PHE D 91 -33.28 17.06 36.59
C PHE D 91 -33.08 15.75 37.35
N VAL D 92 -33.87 14.76 36.98
CA VAL D 92 -33.91 13.47 37.69
C VAL D 92 -33.63 12.37 36.66
N ASP D 93 -32.35 12.04 36.49
CA ASP D 93 -31.93 10.84 35.77
C ASP D 93 -30.85 10.16 36.61
N ASP D 94 -31.08 8.89 36.94
CA ASP D 94 -30.15 8.15 37.79
C ASP D 94 -30.07 6.75 37.22
N GLY D 95 -29.63 5.80 38.05
CA GLY D 95 -29.87 4.41 37.73
C GLY D 95 -31.32 4.03 37.76
N SER D 96 -32.19 4.94 38.21
CA SER D 96 -33.62 4.66 38.32
C SER D 96 -34.19 4.18 37.00
N LEU D 97 -34.06 5.00 35.95
CA LEU D 97 -34.64 4.68 34.65
C LEU D 97 -33.66 5.06 33.55
N PRO D 98 -33.42 4.16 32.59
CA PRO D 98 -32.55 4.48 31.46
C PRO D 98 -33.27 5.21 30.35
N GLY D 99 -32.56 6.17 29.75
CA GLY D 99 -33.14 7.07 28.77
C GLY D 99 -34.18 8.02 29.31
N CYS D 100 -34.46 7.98 30.62
CA CYS D 100 -35.43 8.85 31.25
C CYS D 100 -34.91 9.49 32.54
N LYS D 104 -37.46 17.73 39.64
CA LYS D 104 -37.10 17.61 41.05
C LYS D 104 -37.24 18.94 41.85
N LEU D 105 -37.14 18.85 43.18
CA LEU D 105 -37.26 20.01 44.06
C LEU D 105 -36.25 19.90 45.19
N SER D 106 -35.87 21.05 45.73
CA SER D 106 -35.09 21.09 46.98
C SER D 106 -35.81 21.84 48.08
N ASP D 107 -36.52 22.93 47.75
CA ASP D 107 -37.17 23.76 48.74
C ASP D 107 -38.28 22.99 49.46
N GLY D 108 -38.39 23.25 50.77
CA GLY D 108 -39.56 22.95 51.57
C GLY D 108 -40.70 23.95 51.43
N ARG D 109 -40.56 24.90 50.49
CA ARG D 109 -41.60 25.85 50.12
C ARG D 109 -42.14 25.58 48.72
N LYS D 110 -41.40 24.82 47.91
CA LYS D 110 -41.88 24.46 46.59
C LYS D 110 -42.97 23.40 46.68
N ARG D 111 -42.86 22.49 47.65
CA ARG D 111 -43.79 21.38 47.85
C ARG D 111 -45.20 21.73 47.44
N SER D 112 -45.75 22.79 48.04
CA SER D 112 -47.09 23.29 47.74
C SER D 112 -47.08 24.50 46.82
N MET D 113 -45.94 24.82 46.21
CA MET D 113 -45.87 25.85 45.18
C MET D 113 -44.53 25.82 44.45
N LEU D 115 -45.83 26.95 40.21
CA LEU D 115 -46.70 27.10 39.05
C LEU D 115 -47.24 25.76 38.60
N TRP D 116 -46.39 24.74 38.66
CA TRP D 116 -46.81 23.39 38.29
C TRP D 116 -47.02 22.52 39.50
N VAL D 117 -47.41 23.13 40.63
CA VAL D 117 -47.44 22.39 41.87
C VAL D 117 -48.44 21.25 41.73
N GLU D 118 -49.50 21.48 40.96
CA GLU D 118 -50.50 20.43 40.74
C GLU D 118 -49.89 19.20 40.09
N PHE D 119 -48.92 19.38 39.20
CA PHE D 119 -48.33 18.25 38.50
C PHE D 119 -47.18 17.61 39.28
N ILE D 120 -46.68 18.30 40.31
CA ILE D 120 -45.67 17.76 41.20
C ILE D 120 -46.29 16.73 42.16
N THR D 121 -45.56 15.64 42.38
CA THR D 121 -46.00 14.59 43.28
C THR D 121 -45.80 15.05 44.72
N ALA D 122 -46.43 14.33 45.66
CA ALA D 122 -46.26 14.66 47.07
C ALA D 122 -44.79 14.59 47.48
N SER D 123 -44.06 13.58 46.99
CA SER D 123 -42.64 13.43 47.29
C SER D 123 -41.78 14.57 46.74
N GLY D 124 -42.34 15.45 45.93
CA GLY D 124 -41.57 16.53 45.35
C GLY D 124 -41.02 16.26 43.97
N TYR D 125 -41.43 15.19 43.32
CA TYR D 125 -41.00 14.87 41.96
C TYR D 125 -41.99 15.50 40.98
N LEU D 126 -41.50 15.84 39.80
CA LEU D 126 -42.34 16.39 38.74
C LEU D 126 -42.73 15.29 37.76
N SER D 127 -44.04 15.09 37.60
CA SER D 127 -44.58 13.94 36.89
C SER D 127 -44.79 14.28 35.42
N ALA D 128 -44.07 13.60 34.54
CA ALA D 128 -44.35 13.74 33.11
C ALA D 128 -45.71 13.17 32.74
N ARG D 129 -46.16 12.14 33.46
CA ARG D 129 -47.44 11.50 33.14
C ARG D 129 -48.60 12.47 33.36
N LYS D 130 -48.50 13.33 34.37
CA LYS D 130 -49.59 14.23 34.72
C LYS D 130 -49.70 15.40 33.73
N ILE D 131 -48.55 15.90 33.28
CA ILE D 131 -48.54 16.96 32.26
C ILE D 131 -49.06 16.44 30.92
N ARG D 132 -48.69 15.22 30.56
CA ARG D 132 -49.16 14.63 29.30
C ARG D 132 -50.65 14.38 29.33
N SER D 133 -51.16 13.88 30.45
CA SER D 133 -52.59 13.65 30.56
C SER D 133 -53.35 14.95 30.43
N ARG D 134 -52.92 15.97 31.20
CA ARG D 134 -53.56 17.27 31.14
C ARG D 134 -53.50 17.82 29.73
N PHE D 135 -52.34 17.68 29.08
CA PHE D 135 -52.15 18.13 27.70
C PHE D 135 -53.06 17.38 26.74
N GLN D 136 -53.26 16.08 26.97
CA GLN D 136 -54.10 15.33 26.04
C GLN D 136 -55.56 15.75 26.14
N THR D 137 -56.07 16.00 27.34
CA THR D 137 -57.45 16.47 27.47
C THR D 137 -57.62 17.83 26.83
N LEU D 138 -56.67 18.73 27.04
CA LEU D 138 -56.73 20.04 26.42
C LEU D 138 -56.76 19.95 24.90
N VAL D 139 -55.88 19.13 24.32
CA VAL D 139 -55.86 19.01 22.86
C VAL D 139 -57.15 18.38 22.39
N ALA D 140 -57.61 17.36 23.11
CA ALA D 140 -58.83 16.67 22.76
C ALA D 140 -60.05 17.60 22.80
N GLN D 141 -60.04 18.61 23.67
CA GLN D 141 -61.09 19.63 23.56
C GLN D 141 -60.90 20.43 22.28
N ALA D 142 -59.65 20.76 21.96
CA ALA D 142 -59.39 21.59 20.79
C ALA D 142 -59.68 20.84 19.50
N VAL D 143 -59.38 19.53 19.47
CA VAL D 143 -59.62 18.73 18.27
C VAL D 143 -61.12 18.50 18.04
N ASP D 144 -61.93 18.64 19.08
CA ASP D 144 -63.36 18.33 19.00
C ASP D 144 -64.13 19.50 18.40
N LYS D 145 -64.12 19.58 17.07
CA LYS D 145 -64.96 20.52 16.33
C LYS D 145 -65.49 19.82 15.09
N CYS D 146 -66.71 20.19 14.69
CA CYS D 146 -67.30 19.65 13.46
C CYS D 146 -66.58 20.14 12.21
N SER D 147 -65.61 21.02 12.37
CA SER D 147 -64.82 21.57 11.27
C SER D 147 -63.54 20.79 11.05
N TYR D 148 -62.99 20.21 12.12
CA TYR D 148 -61.81 19.36 12.03
C TYR D 148 -62.15 17.94 11.62
N ARG D 149 -63.44 17.56 11.62
CA ARG D 149 -63.82 16.15 11.55
C ARG D 149 -63.26 15.44 10.32
N ASP D 150 -63.10 16.15 9.20
CA ASP D 150 -62.51 15.53 8.03
C ASP D 150 -61.01 15.80 7.87
N VAL D 151 -60.49 16.91 8.40
CA VAL D 151 -59.06 17.18 8.26
C VAL D 151 -58.26 16.92 9.54
N VAL D 152 -58.91 16.74 10.69
CA VAL D 152 -58.19 16.40 11.93
C VAL D 152 -58.96 15.32 12.70
N LYS D 153 -58.24 14.30 13.15
CA LYS D 153 -58.77 13.27 14.02
C LYS D 153 -57.75 13.11 15.14
N MET D 154 -58.17 12.58 16.27
CA MET D 154 -57.26 12.38 17.40
C MET D 154 -56.91 10.90 17.53
N VAL D 155 -55.66 10.62 17.91
CA VAL D 155 -55.18 9.24 18.04
C VAL D 155 -55.36 8.79 19.48
N ALA D 156 -56.04 7.65 19.65
CA ALA D 156 -56.43 7.10 20.93
C ALA D 156 -55.67 5.82 21.25
N ASP D 157 -55.97 5.25 22.41
CA ASP D 157 -55.39 4.05 22.99
C ASP D 157 -53.93 4.27 23.40
N THR D 158 -53.41 5.50 23.30
CA THR D 158 -52.06 5.84 23.69
C THR D 158 -52.06 7.02 24.67
N SER D 159 -51.13 7.00 25.61
CA SER D 159 -51.01 8.10 26.56
C SER D 159 -50.44 9.34 25.91
N GLU D 160 -49.55 9.19 24.92
CA GLU D 160 -48.98 10.35 24.28
C GLU D 160 -49.99 11.02 23.37
N VAL D 161 -49.80 12.32 23.17
CA VAL D 161 -50.74 13.08 22.35
C VAL D 161 -50.33 12.92 20.90
N LYS D 162 -51.28 12.48 20.05
CA LYS D 162 -50.99 12.27 18.66
C LYS D 162 -52.15 12.76 17.82
N LEU D 163 -51.87 13.50 16.75
CA LEU D 163 -52.93 14.05 15.92
C LEU D 163 -52.83 13.40 14.55
N ARG D 164 -53.98 13.02 13.99
CA ARG D 164 -53.99 12.39 12.67
C ARG D 164 -54.73 13.27 11.68
N ILE D 165 -53.99 13.76 10.68
CA ILE D 165 -54.44 14.83 9.78
C ILE D 165 -54.88 14.23 8.45
N ARG D 166 -56.05 14.64 7.98
CA ARG D 166 -56.60 14.26 6.66
C ARG D 166 -56.54 12.76 6.41
N ASP D 167 -56.50 11.97 7.50
CA ASP D 167 -56.38 10.52 7.46
C ASP D 167 -55.09 10.06 6.78
N ARG D 168 -54.13 10.98 6.55
CA ARG D 168 -52.90 10.66 5.85
C ARG D 168 -51.62 10.86 6.66
N TYR D 169 -51.58 11.80 7.61
CA TYR D 169 -50.37 12.18 8.33
C TYR D 169 -50.62 12.11 9.83
N VAL D 170 -49.55 11.87 10.61
CA VAL D 170 -49.66 11.80 12.07
C VAL D 170 -48.56 12.62 12.74
N VAL D 171 -48.97 13.52 13.63
CA VAL D 171 -48.05 14.42 14.36
C VAL D 171 -48.17 14.13 15.84
N GLN D 172 -47.04 13.88 16.49
CA GLN D 172 -47.01 13.68 17.92
C GLN D 172 -46.55 14.99 18.52
N ILE D 173 -47.34 15.52 19.44
CA ILE D 173 -47.01 16.78 20.10
C ILE D 173 -46.57 16.41 21.51
N THR D 174 -45.31 16.67 21.79
CA THR D 174 -44.72 16.21 23.02
C THR D 174 -44.32 17.41 23.85
N PRO D 175 -44.94 17.60 25.01
CA PRO D 175 -44.49 18.68 25.88
C PRO D 175 -43.05 18.40 26.29
N ALA D 176 -42.23 19.44 26.26
CA ALA D 176 -40.82 19.23 26.44
C ALA D 176 -40.20 20.43 27.13
N PHE D 177 -39.05 20.20 27.75
CA PHE D 177 -38.20 21.26 28.24
C PHE D 177 -36.79 21.10 27.71
N LYS D 178 -36.17 22.20 27.33
CA LYS D 178 -34.81 22.21 26.78
C LYS D 178 -33.83 22.63 27.85
N CYS D 179 -32.76 21.83 28.02
CA CYS D 179 -31.70 22.08 29.01
C CYS D 179 -30.38 22.33 28.29
N THR D 180 -30.09 23.61 28.02
CA THR D 180 -28.88 24.00 27.32
C THR D 180 -27.71 24.12 28.29
N GLY D 181 -26.50 23.90 27.79
CA GLY D 181 -25.32 24.02 28.61
C GLY D 181 -25.21 22.90 29.64
N ILE D 182 -26.16 21.95 29.61
CA ILE D 182 -26.22 20.87 30.57
C ILE D 182 -25.97 19.55 29.86
N TRP D 183 -25.26 18.65 30.54
CA TRP D 183 -24.96 17.33 30.02
C TRP D 183 -25.38 16.26 31.03
N PRO D 184 -26.20 15.30 30.61
CA PRO D 184 -26.75 14.31 31.55
C PRO D 184 -25.71 13.27 31.96
N ARG D 185 -26.08 12.48 32.99
CA ARG D 185 -25.07 11.71 33.73
C ARG D 185 -24.52 10.55 32.92
N SER D 186 -25.37 9.84 32.18
CA SER D 186 -24.91 8.63 31.48
C SER D 186 -23.89 8.93 30.39
N ALA D 187 -23.99 10.10 29.77
CA ALA D 187 -23.13 10.44 28.64
C ALA D 187 -21.76 10.98 29.04
N ALA D 188 -21.41 10.96 30.33
CA ALA D 188 -20.14 11.54 30.75
C ALA D 188 -18.97 10.82 30.11
N HIS D 189 -19.13 9.53 29.83
CA HIS D 189 -18.09 8.78 29.13
C HIS D 189 -17.83 9.38 27.76
N TRP D 190 -18.86 9.92 27.11
CA TRP D 190 -18.71 10.52 25.79
C TRP D 190 -17.97 11.86 25.88
N PRO D 191 -16.95 12.06 25.04
CA PRO D 191 -16.47 11.05 24.11
C PRO D 191 -15.46 10.13 24.83
N LEU D 192 -15.55 8.82 24.61
CA LEU D 192 -14.60 7.93 25.25
C LEU D 192 -13.19 8.27 24.75
N PRO D 193 -12.22 8.52 25.65
CA PRO D 193 -10.88 8.97 25.21
C PRO D 193 -10.17 8.01 24.27
N HIS D 194 -10.79 6.87 23.98
CA HIS D 194 -10.20 5.90 23.06
C HIS D 194 -10.18 6.45 21.64
N ILE D 195 -11.30 7.01 21.19
CA ILE D 195 -11.46 7.47 19.82
C ILE D 195 -11.16 8.95 19.74
N PRO D 196 -10.24 9.39 18.87
CA PRO D 196 -9.91 10.83 18.80
C PRO D 196 -11.06 11.70 18.34
N TRP D 197 -12.02 11.15 17.59
CA TRP D 197 -13.16 11.93 17.08
C TRP D 197 -14.36 11.99 18.03
N PRO D 198 -15.00 13.18 18.12
CA PRO D 198 -14.57 14.38 17.42
C PRO D 198 -13.49 15.15 18.17
N GLY D 199 -12.85 16.11 17.50
CA GLY D 199 -11.83 16.91 18.12
C GLY D 199 -12.41 17.57 19.34
N PRO D 200 -11.58 17.92 20.31
CA PRO D 200 -12.09 18.57 21.53
C PRO D 200 -12.96 19.78 21.26
N ASN D 201 -12.73 20.46 20.13
CA ASN D 201 -13.56 21.59 19.76
C ASN D 201 -14.99 21.16 19.43
N ARG D 202 -15.16 20.14 18.58
CA ARG D 202 -16.50 19.68 18.24
C ARG D 202 -17.20 19.03 19.43
N VAL D 203 -16.42 18.42 20.32
CA VAL D 203 -16.98 17.80 21.51
C VAL D 203 -17.63 18.84 22.40
N ALA D 204 -16.86 19.86 22.82
CA ALA D 204 -17.38 20.91 23.69
C ALA D 204 -18.46 21.74 23.01
N GLU D 205 -18.39 21.87 21.68
CA GLU D 205 -19.38 22.65 20.95
C GLU D 205 -20.73 21.94 20.95
N VAL D 206 -20.72 20.64 20.63
CA VAL D 206 -21.95 19.87 20.57
C VAL D 206 -22.60 19.75 21.94
N LYS D 207 -21.78 19.64 22.99
CA LYS D 207 -22.29 19.57 24.35
C LYS D 207 -22.94 20.89 24.76
N ALA D 208 -22.45 22.00 24.23
CA ALA D 208 -23.02 23.31 24.53
C ALA D 208 -24.49 23.40 24.13
N GLU D 209 -24.91 22.61 23.13
CA GLU D 209 -26.33 22.52 22.79
C GLU D 209 -27.17 22.00 23.96
N GLY D 210 -26.60 21.14 24.80
CA GLY D 210 -27.50 20.61 25.80
C GLY D 210 -28.41 19.55 25.19
N PHE D 211 -29.44 19.22 25.94
CA PHE D 211 -30.36 18.15 25.61
C PHE D 211 -31.78 18.63 25.93
N ASN D 212 -32.76 17.77 25.63
CA ASN D 212 -34.16 18.05 25.88
C ASN D 212 -34.80 16.91 26.68
N LEU D 213 -35.81 17.26 27.47
CA LEU D 213 -36.62 16.32 28.24
C LEU D 213 -37.99 16.25 27.60
N LEU D 214 -38.45 15.06 27.25
CA LEU D 214 -39.70 14.90 26.50
C LEU D 214 -40.77 14.18 27.29
N SER D 215 -42.00 14.66 27.18
CA SER D 215 -43.14 14.00 27.81
C SER D 215 -43.63 12.88 26.91
N LYS D 216 -43.07 11.70 27.11
CA LYS D 216 -43.48 10.48 26.45
C LYS D 216 -43.36 9.38 27.48
N GLU D 217 -43.84 8.19 27.13
CA GLU D 217 -43.70 7.04 28.00
C GLU D 217 -42.27 6.52 27.96
N CYS D 218 -41.97 5.59 28.85
CA CYS D 218 -40.58 5.22 29.14
C CYS D 218 -40.23 3.74 28.90
N ASP D 231 -42.49 7.36 34.75
CA ASP D 231 -42.92 8.49 35.57
C ASP D 231 -41.88 9.60 35.45
N ALA D 232 -40.96 9.40 34.51
CA ALA D 232 -39.79 10.26 34.28
C ALA D 232 -39.87 10.85 32.87
N TRP D 233 -38.91 11.72 32.56
CA TRP D 233 -38.84 12.37 31.25
C TRP D 233 -37.78 11.73 30.36
N VAL D 234 -38.14 11.56 29.08
CA VAL D 234 -37.30 10.93 28.07
C VAL D 234 -36.22 11.92 27.62
N LEU D 235 -35.04 11.41 27.25
CA LEU D 235 -33.95 12.26 26.77
C LEU D 235 -33.90 12.29 25.24
N GLN D 236 -33.63 13.48 24.70
CA GLN D 236 -33.50 13.73 23.27
C GLN D 236 -32.39 14.75 23.05
N PHE D 237 -31.53 14.50 22.06
CA PHE D 237 -30.36 15.33 21.76
C PHE D 237 -30.41 15.91 20.36
N ALA D 238 -31.61 16.21 19.85
CA ALA D 238 -31.75 16.58 18.45
C ALA D 238 -30.80 17.70 18.07
N GLU D 239 -30.53 18.60 19.02
CA GLU D 239 -29.62 19.70 18.77
C GLU D 239 -28.16 19.27 18.74
N ALA D 240 -27.75 18.36 19.63
CA ALA D 240 -26.36 17.90 19.61
C ALA D 240 -26.10 16.99 18.42
N GLU D 241 -27.01 16.05 18.17
CA GLU D 241 -26.84 15.16 17.03
C GLU D 241 -26.70 15.96 15.74
N ASN D 242 -27.67 16.84 15.49
CA ASN D 242 -27.66 17.64 14.26
C ASN D 242 -26.40 18.50 14.18
N ARG D 243 -25.90 18.96 15.32
CA ARG D 243 -24.62 19.69 15.31
C ARG D 243 -23.43 18.74 15.19
N LEU D 244 -23.50 17.57 15.84
CA LEU D 244 -22.38 16.64 15.81
C LEU D 244 -22.09 16.16 14.40
N GLN D 245 -23.13 15.93 13.61
CA GLN D 245 -22.95 15.41 12.27
C GLN D 245 -22.60 16.49 11.26
N MET D 246 -22.31 17.70 11.71
CA MET D 246 -21.91 18.75 10.79
C MET D 246 -20.56 18.44 10.17
N GLY D 247 -20.44 18.72 8.87
CA GLY D 247 -19.21 18.47 8.15
C GLY D 247 -19.28 17.46 7.02
N GLY D 248 -18.61 17.79 5.92
CA GLY D 248 -18.40 16.86 4.82
C GLY D 248 -19.66 16.34 4.18
N CYS D 249 -19.67 15.04 3.91
CA CYS D 249 -20.81 14.36 3.32
C CYS D 249 -21.68 13.66 4.34
N ARG D 250 -21.46 13.90 5.63
CA ARG D 250 -22.28 13.24 6.65
C ARG D 250 -23.77 13.48 6.42
N LYS D 251 -24.19 14.73 6.35
CA LYS D 251 -25.61 14.98 6.14
C LYS D 251 -26.06 14.48 4.76
N LYS D 252 -25.22 14.66 3.74
CA LYS D 252 -25.56 14.13 2.41
C LYS D 252 -25.70 12.63 2.44
N CYS D 253 -24.78 11.97 3.14
CA CYS D 253 -24.91 10.54 3.40
C CYS D 253 -26.21 10.22 4.15
N LEU D 254 -26.49 10.96 5.24
CA LEU D 254 -27.71 10.73 6.03
C LEU D 254 -28.96 10.90 5.19
N SER D 255 -29.03 11.96 4.39
CA SER D 255 -30.18 12.15 3.51
C SER D 255 -30.36 10.98 2.56
N ILE D 256 -29.25 10.48 2.00
CA ILE D 256 -29.34 9.33 1.10
C ILE D 256 -29.89 8.13 1.86
N LEU D 257 -29.40 7.90 3.08
CA LEU D 257 -29.88 6.80 3.88
C LEU D 257 -31.37 6.97 4.18
N LYS D 258 -31.76 8.17 4.65
CA LYS D 258 -33.17 8.46 4.88
C LYS D 258 -33.99 8.15 3.64
N THR D 259 -33.51 8.59 2.49
CA THR D 259 -34.25 8.41 1.24
C THR D 259 -34.41 6.94 0.92
N LEU D 260 -33.30 6.18 1.05
CA LEU D 260 -33.34 4.75 0.79
C LEU D 260 -34.34 4.06 1.69
N ARG D 261 -34.38 4.46 2.97
CA ARG D 261 -35.34 3.89 3.91
C ARG D 261 -36.76 4.18 3.48
N ASP D 262 -37.04 5.42 3.10
CA ASP D 262 -38.40 5.80 2.69
C ASP D 262 -38.84 5.00 1.48
N ARG D 263 -37.96 4.84 0.49
CA ARG D 263 -38.33 4.25 -0.79
C ARG D 263 -38.39 2.72 -0.76
N HIS D 264 -37.56 2.04 0.04
CA HIS D 264 -37.50 0.57 0.02
C HIS D 264 -37.58 -0.13 1.37
N LEU D 265 -37.57 0.59 2.48
CA LEU D 265 -37.50 -0.06 3.79
C LEU D 265 -38.63 0.36 4.72
N GLU D 266 -39.68 0.99 4.20
CA GLU D 266 -40.92 1.11 4.96
C GLU D 266 -41.53 -0.28 4.97
N LEU D 267 -41.38 -0.97 6.09
CA LEU D 267 -41.74 -2.38 6.09
C LEU D 267 -42.74 -2.64 7.20
N PRO D 268 -43.56 -3.69 7.07
CA PRO D 268 -44.48 -4.02 8.17
C PRO D 268 -43.74 -4.11 9.50
N GLY D 269 -44.36 -3.53 10.52
CA GLY D 269 -43.80 -3.43 11.84
C GLY D 269 -42.94 -2.23 12.06
N GLN D 270 -42.66 -1.48 11.00
CA GLN D 270 -41.80 -0.30 10.98
C GLN D 270 -40.51 -0.55 11.74
N PRO D 271 -39.74 -1.59 11.37
CA PRO D 271 -38.48 -1.87 12.10
C PRO D 271 -37.48 -0.75 12.02
N LEU D 272 -37.53 0.08 10.97
CA LEU D 272 -36.53 1.10 10.72
C LEU D 272 -37.14 2.49 10.57
N ASN D 273 -36.63 3.44 11.34
CA ASN D 273 -37.07 4.83 11.33
C ASN D 273 -35.89 5.72 10.96
N ASN D 274 -36.20 6.95 10.59
CA ASN D 274 -35.14 7.93 10.33
C ASN D 274 -34.17 8.03 11.50
N TYR D 275 -34.62 7.84 12.73
CA TYR D 275 -33.68 7.96 13.83
C TYR D 275 -32.66 6.81 13.81
N HIS D 276 -33.07 5.63 13.33
CA HIS D 276 -32.08 4.57 13.12
C HIS D 276 -30.99 5.01 12.19
N MET D 277 -31.35 5.58 11.03
CA MET D 277 -30.34 6.03 10.09
C MET D 277 -29.48 7.14 10.67
N LYS D 278 -30.10 8.12 11.34
CA LYS D 278 -29.33 9.20 11.95
C LYS D 278 -28.30 8.64 12.92
N THR D 279 -28.73 7.69 13.75
CA THR D 279 -27.85 7.21 14.81
C THR D 279 -26.68 6.38 14.26
N LEU D 280 -26.87 5.69 13.12
CA LEU D 280 -25.79 4.91 12.51
C LEU D 280 -24.71 5.81 11.91
N VAL D 281 -25.10 6.87 11.19
CA VAL D 281 -24.16 7.86 10.69
C VAL D 281 -23.25 8.35 11.82
N SER D 282 -23.81 8.53 13.01
CA SER D 282 -22.96 8.89 14.14
C SER D 282 -21.93 7.82 14.43
N TYR D 283 -22.34 6.55 14.40
CA TYR D 283 -21.41 5.48 14.64
C TYR D 283 -20.29 5.48 13.62
N GLU D 284 -20.63 5.64 12.34
CA GLU D 284 -19.60 5.66 11.31
C GLU D 284 -18.58 6.76 11.55
N CYS D 285 -19.01 7.87 12.16
CA CYS D 285 -18.10 8.94 12.50
C CYS D 285 -17.06 8.50 13.51
N GLU D 286 -17.50 7.80 14.57
CA GLU D 286 -16.58 7.28 15.58
C GLU D 286 -15.64 6.23 14.99
N LYS D 287 -16.22 5.21 14.35
CA LYS D 287 -15.44 4.12 13.80
C LYS D 287 -14.37 4.62 12.85
N HIS D 288 -14.68 5.65 12.12
CA HIS D 288 -13.70 6.25 11.24
C HIS D 288 -13.44 7.63 11.79
N PRO D 289 -12.58 7.73 12.81
CA PRO D 289 -12.49 8.98 13.56
C PRO D 289 -11.99 10.12 12.72
N ARG D 290 -11.14 9.84 11.75
CA ARG D 290 -10.46 10.89 11.04
C ARG D 290 -11.42 11.66 10.14
N GLU D 291 -11.25 12.98 10.11
CA GLU D 291 -12.02 13.83 9.21
C GLU D 291 -11.70 13.56 7.76
N SER D 292 -10.43 13.25 7.47
CA SER D 292 -10.01 12.95 6.10
C SER D 292 -10.79 11.77 5.53
N ASP D 293 -11.20 10.84 6.39
CA ASP D 293 -12.03 9.72 5.95
C ASP D 293 -13.40 10.18 5.46
N TRP D 294 -13.79 11.42 5.76
CA TRP D 294 -15.10 11.94 5.40
C TRP D 294 -15.11 12.88 4.21
N ASP D 295 -14.01 12.96 3.46
CA ASP D 295 -14.01 13.71 2.22
C ASP D 295 -15.17 13.23 1.34
N GLU D 296 -15.62 14.04 0.39
CA GLU D 296 -16.69 13.62 -0.51
C GLU D 296 -16.26 12.42 -1.35
N SER D 297 -14.95 12.25 -1.56
CA SER D 297 -14.41 11.09 -2.25
C SER D 297 -14.82 9.79 -1.58
N CYS D 298 -14.83 9.77 -0.24
CA CYS D 298 -15.13 8.58 0.52
C CYS D 298 -16.62 8.41 0.82
N LEU D 299 -17.50 9.10 0.09
CA LEU D 299 -18.93 9.02 0.38
C LEU D 299 -19.46 7.60 0.23
N GLY D 300 -19.11 6.93 -0.87
CA GLY D 300 -19.53 5.57 -1.06
C GLY D 300 -18.99 4.67 0.03
N ASP D 301 -17.72 4.86 0.40
CA ASP D 301 -17.13 4.06 1.46
C ASP D 301 -17.94 4.17 2.73
N ARG D 302 -18.27 5.40 3.12
CA ARG D 302 -19.01 5.61 4.36
C ARG D 302 -20.42 5.06 4.26
N LEU D 303 -21.08 5.29 3.13
CA LEU D 303 -22.42 4.74 2.95
C LEU D 303 -22.42 3.22 3.08
N ASN D 304 -21.43 2.57 2.46
CA ASN D 304 -21.33 1.11 2.52
C ASN D 304 -21.10 0.61 3.94
N GLY D 305 -20.15 1.22 4.65
CA GLY D 305 -19.90 0.82 6.02
C GLY D 305 -21.16 0.91 6.86
N ILE D 306 -21.99 1.92 6.59
CA ILE D 306 -23.21 2.11 7.35
C ILE D 306 -24.27 1.07 6.96
N LEU D 307 -24.56 0.95 5.67
CA LEU D 307 -25.50 -0.07 5.22
C LEU D 307 -25.08 -1.45 5.71
N LEU D 308 -23.78 -1.73 5.70
CA LEU D 308 -23.35 -2.98 6.31
C LEU D 308 -23.64 -2.97 7.80
N GLN D 309 -23.17 -1.93 8.49
CA GLN D 309 -23.39 -1.81 9.92
C GLN D 309 -24.87 -1.93 10.26
N LEU D 310 -25.75 -1.40 9.41
CA LEU D 310 -27.19 -1.52 9.66
C LEU D 310 -27.67 -2.97 9.59
N ILE D 311 -27.26 -3.69 8.56
CA ILE D 311 -27.64 -5.09 8.45
C ILE D 311 -27.13 -5.87 9.65
N SER D 312 -25.93 -5.53 10.12
CA SER D 312 -25.42 -6.18 11.32
C SER D 312 -26.31 -5.86 12.51
N CYS D 313 -26.64 -4.58 12.69
CA CYS D 313 -27.52 -4.16 13.76
C CYS D 313 -28.88 -4.85 13.68
N LEU D 314 -29.45 -4.95 12.47
CA LEU D 314 -30.66 -5.76 12.32
C LEU D 314 -30.40 -7.22 12.68
N GLN D 315 -29.27 -7.78 12.24
CA GLN D 315 -29.07 -9.20 12.47
C GLN D 315 -28.67 -9.51 13.91
N CYS D 316 -27.81 -8.68 14.52
CA CYS D 316 -27.51 -8.88 15.94
C CYS D 316 -28.71 -8.64 16.83
N ARG D 317 -29.77 -8.02 16.28
CA ARG D 317 -31.05 -7.72 16.89
C ARG D 317 -30.99 -6.58 17.88
N ARG D 318 -29.91 -5.81 17.88
CA ARG D 318 -29.73 -4.71 18.81
C ARG D 318 -29.12 -3.54 18.06
N CYS D 319 -29.64 -2.35 18.32
CA CYS D 319 -29.13 -1.11 17.73
C CYS D 319 -29.01 -0.09 18.84
N PRO D 320 -27.80 0.25 19.28
CA PRO D 320 -27.65 1.11 20.46
C PRO D 320 -27.82 2.59 20.13
N HIS D 321 -28.24 3.34 21.13
CA HIS D 321 -28.32 4.78 20.99
C HIS D 321 -26.91 5.35 20.98
N TYR D 322 -26.70 6.43 20.23
CA TYR D 322 -25.34 6.95 20.06
C TYR D 322 -24.78 7.48 21.37
N PHE D 323 -25.52 8.36 22.03
CA PHE D 323 -24.99 9.02 23.21
C PHE D 323 -25.04 8.13 24.43
N LEU D 324 -26.07 7.29 24.52
CA LEU D 324 -26.33 6.44 25.68
C LEU D 324 -26.26 4.98 25.25
N PRO D 325 -25.12 4.30 25.45
CA PRO D 325 -25.00 2.90 25.02
C PRO D 325 -26.07 1.99 25.61
N ASN D 326 -26.65 2.37 26.75
CA ASN D 326 -27.62 1.52 27.43
C ASN D 326 -28.97 1.38 26.72
N LEU D 327 -29.35 2.30 25.83
CA LEU D 327 -30.66 2.22 25.20
C LEU D 327 -30.61 1.63 23.79
N ASP D 328 -31.50 0.69 23.55
CA ASP D 328 -31.57 -0.07 22.31
C ASP D 328 -32.75 0.43 21.49
N LEU D 329 -32.44 1.11 20.37
CA LEU D 329 -33.43 1.64 19.44
C LEU D 329 -34.23 0.55 18.71
N PHE D 330 -33.93 -0.73 18.91
CA PHE D 330 -34.84 -1.77 18.45
C PHE D 330 -35.79 -2.25 19.53
N GLN D 331 -35.77 -1.64 20.70
CA GLN D 331 -36.69 -2.04 21.75
C GLN D 331 -38.12 -2.00 21.24
N GLY D 332 -38.84 -3.08 21.43
CA GLY D 332 -40.23 -3.17 21.00
C GLY D 332 -40.44 -3.39 19.53
N LYS D 333 -39.41 -3.81 18.80
CA LYS D 333 -39.53 -4.22 17.40
C LYS D 333 -39.43 -5.74 17.32
N PRO D 334 -40.37 -6.40 16.65
CA PRO D 334 -40.32 -7.88 16.59
C PRO D 334 -39.11 -8.34 15.79
N HIS D 335 -38.46 -9.41 16.27
CA HIS D 335 -37.31 -9.95 15.54
C HIS D 335 -37.70 -10.32 14.11
N SER D 336 -38.93 -10.79 13.90
CA SER D 336 -39.38 -11.05 12.54
C SER D 336 -39.33 -9.79 11.68
N ALA D 337 -39.67 -8.65 12.26
CA ALA D 337 -39.62 -7.41 11.49
C ALA D 337 -38.18 -6.95 11.29
N LEU D 338 -37.34 -7.16 12.31
CA LEU D 338 -35.93 -6.88 12.15
C LEU D 338 -35.31 -7.74 11.07
N GLU D 339 -35.82 -8.97 10.86
CA GLU D 339 -35.20 -9.85 9.88
C GLU D 339 -35.59 -9.45 8.46
N ASN D 340 -36.89 -9.31 8.19
CA ASN D 340 -37.33 -8.79 6.91
C ASN D 340 -36.54 -7.54 6.55
N ALA D 341 -36.26 -6.69 7.53
CA ALA D 341 -35.44 -5.52 7.26
C ALA D 341 -34.02 -5.89 6.89
N ALA D 342 -33.43 -6.88 7.56
CA ALA D 342 -32.09 -7.30 7.17
C ALA D 342 -32.11 -7.92 5.78
N LYS D 343 -33.11 -8.76 5.50
CA LYS D 343 -33.20 -9.34 4.16
C LYS D 343 -33.32 -8.26 3.10
N GLN D 344 -34.17 -7.24 3.34
CA GLN D 344 -34.39 -6.19 2.34
C GLN D 344 -33.20 -5.24 2.23
N THR D 345 -32.58 -4.89 3.36
CA THR D 345 -31.40 -4.03 3.33
C THR D 345 -30.24 -4.70 2.63
N TRP D 346 -30.06 -6.00 2.87
CA TRP D 346 -29.01 -6.73 2.18
C TRP D 346 -29.27 -6.71 0.69
N ARG D 347 -30.49 -7.06 0.27
CA ARG D 347 -30.83 -7.03 -1.16
C ARG D 347 -30.54 -5.67 -1.76
N LEU D 348 -30.82 -4.61 -1.01
CA LEU D 348 -30.59 -3.26 -1.49
C LEU D 348 -29.11 -2.92 -1.50
N ALA D 349 -28.41 -3.18 -0.39
CA ALA D 349 -26.99 -2.86 -0.31
C ALA D 349 -26.23 -3.56 -1.42
N ARG D 350 -26.59 -4.82 -1.70
CA ARG D 350 -25.92 -5.54 -2.76
C ARG D 350 -26.24 -4.92 -4.13
N GLU D 351 -27.52 -4.66 -4.40
CA GLU D 351 -27.86 -4.11 -5.71
C GLU D 351 -27.08 -2.83 -5.98
N ILE D 352 -26.84 -2.03 -4.94
CA ILE D 352 -26.06 -0.80 -5.08
C ILE D 352 -24.61 -1.10 -5.42
N LEU D 353 -23.95 -1.96 -4.63
CA LEU D 353 -22.55 -2.25 -4.86
C LEU D 353 -22.33 -2.95 -6.20
N THR D 354 -23.11 -4.02 -6.45
CA THR D 354 -23.02 -4.74 -7.72
C THR D 354 -23.11 -3.81 -8.91
N ASN D 355 -24.07 -2.88 -8.91
CA ASN D 355 -24.25 -1.93 -10.00
C ASN D 355 -24.70 -0.58 -9.46
N PRO D 356 -23.80 0.39 -9.29
CA PRO D 356 -24.24 1.68 -8.74
C PRO D 356 -25.26 2.40 -9.62
N LYS D 357 -25.27 2.15 -10.94
CA LYS D 357 -26.26 2.75 -11.82
C LYS D 357 -27.69 2.33 -11.48
N SER D 358 -27.87 1.21 -10.77
CA SER D 358 -29.23 0.82 -10.41
C SER D 358 -29.93 1.91 -9.61
N LEU D 359 -29.16 2.78 -8.97
CA LEU D 359 -29.71 3.89 -8.22
C LEU D 359 -30.69 4.70 -9.07
N GLU D 360 -30.39 4.88 -10.35
CA GLU D 360 -31.30 5.61 -11.24
C GLU D 360 -32.71 5.04 -11.16
N LYS D 361 -32.81 3.71 -11.16
CA LYS D 361 -34.06 2.98 -11.11
C LYS D 361 -34.59 2.81 -9.68
N LEU D 362 -33.83 3.20 -8.67
CA LEU D 362 -34.31 3.17 -7.28
C LEU D 362 -34.73 4.56 -6.80
N ALA E 2 -1.78 -12.30 -5.42
CA ALA E 2 -2.58 -12.86 -6.50
C ALA E 2 -1.81 -12.74 -7.81
N MET E 3 -2.48 -12.20 -8.84
CA MET E 3 -1.87 -12.02 -10.14
C MET E 3 -1.19 -10.66 -10.25
N ASP E 4 -0.45 -10.28 -9.21
CA ASP E 4 0.25 -9.01 -9.19
C ASP E 4 1.76 -9.20 -9.27
N ILE E 5 2.33 -9.81 -8.23
CA ILE E 5 3.76 -10.06 -8.18
C ILE E 5 4.15 -11.28 -9.01
N ALA E 6 3.36 -12.35 -8.89
CA ALA E 6 3.61 -13.58 -9.63
C ALA E 6 3.95 -13.33 -11.09
N ALA E 7 3.38 -12.27 -11.69
CA ALA E 7 3.75 -11.88 -13.05
C ALA E 7 5.12 -11.22 -13.08
N GLN E 8 5.44 -10.50 -12.01
CA GLN E 8 6.76 -9.88 -11.88
C GLN E 8 7.91 -10.89 -11.91
N ALA E 9 7.75 -12.02 -11.23
CA ALA E 9 8.79 -13.03 -11.25
C ALA E 9 8.93 -13.66 -12.63
N LYS E 10 7.82 -13.80 -13.35
CA LYS E 10 7.90 -14.25 -14.74
C LYS E 10 8.73 -13.31 -15.58
N LEU E 11 8.58 -12.01 -15.36
CA LEU E 11 9.42 -11.03 -16.05
C LEU E 11 10.88 -11.22 -15.70
N VAL E 12 11.18 -11.31 -14.40
CA VAL E 12 12.57 -11.46 -13.95
C VAL E 12 13.16 -12.76 -14.48
N TYR E 13 12.33 -13.75 -14.72
CA TYR E 13 12.84 -14.99 -15.28
C TYR E 13 13.25 -14.79 -16.74
N HIS E 14 12.35 -14.24 -17.55
CA HIS E 14 12.64 -14.13 -18.97
C HIS E 14 13.71 -13.10 -19.24
N LEU E 15 13.83 -12.11 -18.37
CA LEU E 15 14.92 -11.14 -18.50
C LEU E 15 16.26 -11.80 -18.24
N ASN E 16 16.37 -12.55 -17.16
CA ASN E 16 17.59 -13.31 -16.91
C ASN E 16 17.87 -14.28 -18.05
N LYS E 17 16.82 -14.84 -18.66
CA LYS E 17 17.02 -15.60 -19.88
C LYS E 17 17.59 -14.71 -20.98
N TYR E 18 17.11 -13.47 -21.09
CA TYR E 18 17.64 -12.55 -22.09
C TYR E 18 19.10 -12.21 -21.81
N TYR E 19 19.43 -11.96 -20.54
CA TYR E 19 20.82 -11.63 -20.19
C TYR E 19 21.76 -12.80 -20.45
N ASN E 20 21.32 -14.01 -20.17
CA ASN E 20 22.24 -15.11 -20.41
C ASN E 20 22.32 -15.46 -21.89
N GLU E 21 21.23 -15.33 -22.64
CA GLU E 21 21.23 -15.72 -24.06
C GLU E 21 21.67 -14.59 -25.00
N LYS E 22 21.00 -13.44 -24.97
CA LYS E 22 21.33 -12.41 -25.95
C LYS E 22 22.45 -11.50 -25.46
N CYS E 23 22.45 -11.15 -24.18
CA CYS E 23 23.45 -10.21 -23.68
C CYS E 23 24.82 -10.85 -23.63
N GLN E 24 24.92 -12.03 -23.04
CA GLN E 24 26.22 -12.66 -22.94
C GLN E 24 26.76 -12.95 -24.33
N ALA E 25 25.87 -13.24 -25.28
CA ALA E 25 26.24 -13.29 -26.70
C ALA E 25 26.75 -11.95 -27.23
N ARG E 26 26.08 -10.84 -26.89
CA ARG E 26 26.59 -9.51 -27.26
C ARG E 26 27.99 -9.33 -26.70
N LYS E 27 28.13 -9.56 -25.40
CA LYS E 27 29.40 -9.35 -24.71
C LYS E 27 30.52 -10.19 -25.33
N ALA E 28 30.17 -11.29 -26.02
CA ALA E 28 31.14 -12.11 -26.73
C ALA E 28 31.57 -11.48 -28.05
N ALA E 29 30.61 -11.12 -28.88
CA ALA E 29 30.94 -10.52 -30.17
C ALA E 29 31.72 -9.22 -29.99
N ILE E 30 31.30 -8.36 -29.06
CA ILE E 30 32.03 -7.11 -28.84
C ILE E 30 33.48 -7.40 -28.47
N ALA E 31 33.69 -8.36 -27.56
CA ALA E 31 35.04 -8.61 -27.07
C ALA E 31 35.96 -9.12 -28.16
N LYS E 32 35.43 -9.89 -29.10
CA LYS E 32 36.23 -10.34 -30.24
C LYS E 32 36.60 -9.17 -31.16
N THR E 33 35.61 -8.39 -31.60
CA THR E 33 35.92 -7.26 -32.47
C THR E 33 36.83 -6.26 -31.79
N ILE E 34 36.74 -6.15 -30.46
CA ILE E 34 37.61 -5.21 -29.75
C ILE E 34 39.06 -5.66 -29.78
N ARG E 35 39.32 -6.95 -29.58
CA ARG E 35 40.70 -7.39 -29.66
C ARG E 35 41.24 -7.26 -31.07
N GLU E 36 40.41 -7.51 -32.08
CA GLU E 36 40.81 -7.30 -33.47
C GLU E 36 41.12 -5.85 -33.74
N VAL E 37 40.22 -4.97 -33.34
CA VAL E 37 40.38 -3.53 -33.48
C VAL E 37 41.56 -3.01 -32.67
N CYS E 38 41.77 -3.53 -31.46
CA CYS E 38 42.90 -3.08 -30.64
C CYS E 38 44.25 -3.56 -31.18
N LYS E 39 44.29 -4.66 -31.92
CA LYS E 39 45.51 -4.99 -32.64
C LYS E 39 45.80 -3.96 -33.72
N VAL E 40 44.78 -3.62 -34.51
CA VAL E 40 44.94 -2.63 -35.58
C VAL E 40 45.27 -1.25 -35.01
N VAL E 41 44.55 -0.84 -33.98
CA VAL E 41 44.80 0.50 -33.45
C VAL E 41 46.18 0.59 -32.84
N SER E 42 46.52 -0.36 -31.97
CA SER E 42 47.78 -0.21 -31.24
C SER E 42 48.93 -0.16 -32.21
N ASP E 43 48.77 -0.87 -33.33
CA ASP E 43 49.73 -0.83 -34.45
C ASP E 43 49.79 0.57 -35.07
N VAL E 44 48.63 1.13 -35.43
CA VAL E 44 48.59 2.47 -35.99
C VAL E 44 49.20 3.46 -35.00
N LEU E 45 48.92 3.28 -33.71
CA LEU E 45 49.54 4.13 -32.69
C LEU E 45 51.02 3.87 -32.56
N LYS E 46 51.46 2.63 -32.80
CA LYS E 46 52.88 2.35 -32.78
C LYS E 46 53.58 3.11 -33.88
N GLU E 47 52.95 3.17 -35.08
CA GLU E 47 53.54 3.84 -36.24
C GLU E 47 53.50 5.35 -36.10
N VAL E 48 52.34 5.89 -35.69
CA VAL E 48 52.24 7.32 -35.43
C VAL E 48 53.20 7.75 -34.32
N GLU E 49 53.51 6.85 -33.38
CA GLU E 49 54.45 7.19 -32.31
C GLU E 49 55.85 7.48 -32.83
N VAL E 50 56.24 6.89 -33.98
CA VAL E 50 57.61 7.09 -34.45
C VAL E 50 57.82 8.52 -34.94
N GLN E 51 56.79 9.12 -35.53
CA GLN E 51 56.88 10.51 -35.95
C GLN E 51 56.88 11.44 -34.74
N GLU E 52 55.96 11.20 -33.82
CA GLU E 52 55.81 11.99 -32.60
C GLU E 52 55.92 11.07 -31.39
N PRO E 53 57.03 11.07 -30.67
CA PRO E 53 57.12 10.18 -29.51
C PRO E 53 56.20 10.55 -28.35
N ARG E 54 55.73 11.81 -28.25
CA ARG E 54 54.85 12.15 -27.13
C ARG E 54 53.52 11.41 -27.19
N PHE E 55 53.09 10.96 -28.37
CA PHE E 55 51.90 10.12 -28.42
C PHE E 55 52.34 8.70 -28.13
N ILE E 56 51.71 8.08 -27.14
CA ILE E 56 52.14 6.77 -26.67
C ILE E 56 50.91 5.88 -26.56
N SER E 57 51.09 4.59 -26.85
CA SER E 57 49.99 3.64 -26.77
C SER E 57 49.48 3.52 -25.33
N SER E 58 48.20 3.80 -25.12
CA SER E 58 47.52 3.57 -23.85
C SER E 58 46.69 2.30 -23.88
N LEU E 59 46.89 1.43 -24.88
CA LEU E 59 46.11 0.22 -25.02
C LEU E 59 46.84 -0.93 -24.33
N ASN E 60 46.90 -0.84 -23.00
CA ASN E 60 47.55 -1.86 -22.20
C ASN E 60 46.71 -3.14 -22.18
N GLU E 61 47.35 -4.30 -22.10
CA GLU E 61 46.58 -5.54 -22.06
C GLU E 61 46.45 -6.03 -20.62
N MET E 62 45.24 -5.95 -20.07
CA MET E 62 44.97 -6.41 -18.71
C MET E 62 43.49 -6.72 -18.48
N ASP E 63 43.21 -7.53 -17.48
CA ASP E 63 41.84 -7.90 -17.14
C ASP E 63 41.09 -8.49 -18.34
N ASN E 64 39.89 -7.99 -18.59
CA ASN E 64 39.09 -8.45 -19.72
C ASN E 64 38.84 -7.37 -20.76
N ARG E 65 38.59 -6.15 -20.30
CA ARG E 65 38.33 -5.02 -21.19
C ARG E 65 39.51 -4.06 -21.24
N TYR E 66 39.89 -3.67 -22.45
CA TYR E 66 41.01 -2.78 -22.66
C TYR E 66 40.70 -1.42 -22.06
N GLU E 67 41.68 -0.84 -21.36
CA GLU E 67 41.43 0.37 -20.61
C GLU E 67 41.24 1.55 -21.54
N GLY E 68 40.32 2.44 -21.16
CA GLY E 68 40.09 3.63 -21.96
C GLY E 68 39.29 3.35 -23.21
N LEU E 69 38.37 2.44 -23.14
CA LEU E 69 37.62 2.02 -24.29
C LEU E 69 36.14 2.18 -24.00
N GLU E 70 35.40 2.66 -24.99
CA GLU E 70 33.97 2.80 -24.83
C GLU E 70 33.34 2.11 -26.01
N VAL E 71 32.39 1.23 -25.76
CA VAL E 71 31.68 0.62 -26.87
C VAL E 71 30.48 1.48 -27.19
N ILE E 72 30.42 1.95 -28.43
CA ILE E 72 29.36 2.82 -28.89
C ILE E 72 28.26 2.03 -29.58
N SER E 73 28.65 1.06 -30.37
CA SER E 73 27.81 0.25 -31.24
C SER E 73 28.48 -1.11 -31.38
N PRO E 74 27.88 -2.08 -32.06
CA PRO E 74 28.66 -3.26 -32.43
C PRO E 74 29.85 -2.93 -33.34
N THR E 75 29.71 -1.91 -34.19
CA THR E 75 30.71 -1.55 -35.17
C THR E 75 31.30 -0.16 -34.95
N GLU E 76 31.05 0.50 -33.82
CA GLU E 76 31.53 1.86 -33.64
C GLU E 76 32.13 2.01 -32.26
N PHE E 77 33.33 2.56 -32.18
CA PHE E 77 34.09 2.58 -30.95
C PHE E 77 34.77 3.95 -30.75
N GLU E 78 35.16 4.21 -29.51
CA GLU E 78 35.96 5.39 -29.20
C GLU E 78 37.10 5.00 -28.26
N VAL E 79 38.33 5.25 -28.68
CA VAL E 79 39.52 5.01 -27.86
C VAL E 79 40.05 6.33 -27.34
N VAL E 80 40.25 6.43 -26.04
CA VAL E 80 40.86 7.60 -25.43
C VAL E 80 42.34 7.33 -25.32
N LEU E 81 43.15 8.23 -25.85
CA LEU E 81 44.59 8.10 -25.80
C LEU E 81 45.09 9.09 -24.76
N TYR E 82 45.60 8.59 -23.65
CA TYR E 82 45.93 9.47 -22.55
C TYR E 82 47.31 10.07 -22.79
N LEU E 83 47.34 11.39 -22.97
CA LEU E 83 48.58 12.10 -23.21
C LEU E 83 49.33 12.32 -21.91
N ASN E 84 50.64 12.26 -21.98
CA ASN E 84 51.44 12.58 -20.82
C ASN E 84 51.43 14.09 -20.64
N GLN E 85 51.56 14.52 -19.39
CA GLN E 85 51.63 15.93 -19.11
C GLN E 85 52.63 16.14 -17.98
N MET E 86 53.27 17.30 -18.00
CA MET E 86 54.02 17.67 -16.82
C MET E 86 53.11 18.16 -15.70
N GLY E 87 51.80 18.22 -15.94
CA GLY E 87 50.90 18.88 -15.01
C GLY E 87 51.25 20.33 -14.75
N VAL E 88 51.59 21.08 -15.79
CA VAL E 88 51.87 22.51 -15.61
C VAL E 88 50.64 23.37 -15.78
N PHE E 89 49.47 22.77 -16.00
CA PHE E 89 48.28 23.50 -16.42
C PHE E 89 47.25 23.54 -15.29
N ASN E 90 46.50 24.64 -15.20
CA ASN E 90 45.39 24.77 -14.26
C ASN E 90 44.09 24.40 -14.96
N PHE E 91 43.37 23.44 -14.37
CA PHE E 91 42.00 23.15 -14.76
C PHE E 91 41.09 24.34 -14.46
N VAL E 92 40.29 24.76 -15.46
CA VAL E 92 39.45 25.94 -15.34
C VAL E 92 38.05 25.70 -15.91
N ASP E 93 37.09 25.42 -15.03
CA ASP E 93 35.70 25.23 -15.43
C ASP E 93 34.87 26.43 -14.98
N ASP E 94 34.13 27.00 -15.92
CA ASP E 94 33.16 28.05 -15.64
C ASP E 94 31.77 27.55 -16.02
N GLY E 95 30.90 28.47 -16.42
CA GLY E 95 29.63 28.05 -16.97
C GLY E 95 29.66 28.13 -18.46
N SER E 96 30.77 28.68 -18.97
CA SER E 96 30.85 29.15 -20.34
C SER E 96 30.42 28.08 -21.35
N LEU E 97 31.04 26.91 -21.30
CA LEU E 97 30.50 25.91 -22.20
C LEU E 97 29.95 24.70 -21.43
N PRO E 98 28.81 24.18 -21.83
CA PRO E 98 28.25 22.99 -21.16
C PRO E 98 29.06 21.76 -21.55
N GLY E 99 29.68 21.12 -20.57
CA GLY E 99 30.40 19.90 -20.86
C GLY E 99 31.79 20.11 -21.40
N CYS E 100 32.34 21.31 -21.23
CA CYS E 100 33.69 21.61 -21.65
C CYS E 100 34.43 22.29 -20.50
N ALA E 101 35.74 22.48 -20.68
CA ALA E 101 36.63 23.09 -19.71
C ALA E 101 37.85 23.54 -20.49
N VAL E 102 38.86 24.03 -19.79
CA VAL E 102 39.98 24.70 -20.43
C VAL E 102 41.20 24.54 -19.57
N LEU E 103 42.36 24.30 -20.18
CA LEU E 103 43.63 24.24 -19.46
C LEU E 103 44.43 25.53 -19.67
N LYS E 104 44.85 26.18 -18.57
CA LYS E 104 45.66 27.40 -18.63
C LYS E 104 46.95 27.23 -17.86
N LEU E 105 47.92 28.10 -18.12
CA LEU E 105 49.22 27.99 -17.45
C LEU E 105 49.16 28.57 -16.05
N SER E 106 49.64 27.79 -15.08
CA SER E 106 49.81 28.32 -13.73
C SER E 106 50.78 29.50 -13.72
N ASP E 107 51.74 29.49 -14.64
CA ASP E 107 52.73 30.55 -14.71
C ASP E 107 53.21 30.63 -16.14
N GLY E 108 53.25 31.84 -16.68
CA GLY E 108 53.89 32.05 -17.96
C GLY E 108 55.37 31.73 -17.88
N ARG E 109 55.79 31.13 -16.76
CA ARG E 109 57.12 30.61 -16.54
C ARG E 109 57.22 29.15 -16.96
N LYS E 110 56.31 28.32 -16.47
CA LYS E 110 56.26 26.90 -16.80
C LYS E 110 55.89 26.64 -18.30
N ARG E 111 55.89 27.67 -19.16
CA ARG E 111 55.45 27.51 -20.54
C ARG E 111 56.34 26.55 -21.30
N SER E 112 57.63 26.83 -21.29
CA SER E 112 58.66 26.03 -21.93
C SER E 112 59.00 24.79 -21.15
N MET E 113 58.21 24.47 -20.14
CA MET E 113 58.30 23.21 -19.41
C MET E 113 57.23 22.24 -19.88
N SER E 114 56.12 22.79 -20.36
CA SER E 114 55.04 22.01 -20.92
C SER E 114 55.52 21.18 -22.09
N LEU E 115 55.19 19.89 -22.03
CA LEU E 115 55.47 18.95 -23.11
C LEU E 115 54.79 19.34 -24.42
N TRP E 116 53.70 20.10 -24.36
CA TRP E 116 52.90 20.48 -25.52
C TRP E 116 53.05 21.94 -25.93
N VAL E 117 54.26 22.48 -25.86
CA VAL E 117 54.44 23.93 -25.91
C VAL E 117 53.94 24.54 -27.21
N GLU E 118 54.13 23.87 -28.34
CA GLU E 118 53.66 24.42 -29.62
C GLU E 118 52.15 24.61 -29.64
N PHE E 119 51.42 23.80 -28.89
CA PHE E 119 49.96 23.82 -28.92
C PHE E 119 49.35 24.80 -27.93
N ILE E 120 50.17 25.39 -27.06
CA ILE E 120 49.65 26.42 -26.16
C ILE E 120 49.38 27.69 -26.95
N THR E 121 48.22 28.28 -26.73
CA THR E 121 47.71 29.45 -27.43
C THR E 121 48.37 30.72 -26.90
N ALA E 122 48.23 31.82 -27.66
CA ALA E 122 48.75 33.11 -27.22
C ALA E 122 48.16 33.52 -25.87
N SER E 123 46.86 33.29 -25.68
CA SER E 123 46.21 33.59 -24.41
C SER E 123 46.74 32.75 -23.27
N GLY E 124 47.56 31.76 -23.53
CA GLY E 124 48.05 30.89 -22.49
C GLY E 124 47.27 29.61 -22.29
N TYR E 125 46.30 29.33 -23.15
CA TYR E 125 45.53 28.10 -23.09
C TYR E 125 46.16 27.01 -23.96
N LEU E 126 45.89 25.76 -23.59
CA LEU E 126 46.40 24.58 -24.30
C LEU E 126 45.35 24.09 -25.30
N SER E 127 45.72 24.05 -26.58
CA SER E 127 44.76 23.97 -27.66
C SER E 127 44.36 22.52 -27.96
N ALA E 128 43.10 22.19 -27.69
CA ALA E 128 42.62 20.88 -28.11
C ALA E 128 42.52 20.79 -29.62
N ARG E 129 42.26 21.90 -30.30
CA ARG E 129 42.09 21.81 -31.74
C ARG E 129 43.42 21.74 -32.42
N LYS E 130 44.39 22.51 -31.93
CA LYS E 130 45.73 22.41 -32.49
C LYS E 130 46.33 21.02 -32.25
N ILE E 131 46.11 20.43 -31.08
CA ILE E 131 46.54 19.06 -30.80
C ILE E 131 45.75 18.06 -31.62
N ARG E 132 44.44 18.21 -31.69
CA ARG E 132 43.69 17.27 -32.50
C ARG E 132 44.01 17.46 -33.97
N SER E 133 44.25 18.71 -34.40
CA SER E 133 44.67 18.92 -35.78
C SER E 133 45.99 18.19 -36.05
N ARG E 134 47.00 18.40 -35.19
CA ARG E 134 48.31 17.77 -35.39
C ARG E 134 48.21 16.26 -35.39
N PHE E 135 47.46 15.73 -34.42
CA PHE E 135 47.25 14.29 -34.34
C PHE E 135 46.56 13.77 -35.59
N GLN E 136 45.61 14.52 -36.14
CA GLN E 136 44.88 14.05 -37.31
C GLN E 136 45.80 13.93 -38.53
N THR E 137 46.75 14.85 -38.67
CA THR E 137 47.70 14.77 -39.76
C THR E 137 48.57 13.53 -39.62
N LEU E 138 49.06 13.28 -38.40
CA LEU E 138 49.91 12.12 -38.15
C LEU E 138 49.21 10.82 -38.48
N VAL E 139 47.96 10.65 -38.03
CA VAL E 139 47.23 9.43 -38.29
C VAL E 139 46.97 9.26 -39.79
N ALA E 140 46.61 10.34 -40.48
CA ALA E 140 46.32 10.21 -41.91
C ALA E 140 47.53 9.73 -42.68
N GLN E 141 48.73 10.11 -42.23
CA GLN E 141 49.98 9.58 -42.76
C GLN E 141 50.21 8.13 -42.33
N ALA E 142 49.94 7.82 -41.05
CA ALA E 142 50.21 6.48 -40.53
C ALA E 142 49.28 5.42 -41.15
N VAL E 143 48.06 5.82 -41.53
CA VAL E 143 47.11 4.87 -42.13
C VAL E 143 47.66 4.30 -43.44
N ASP E 144 48.55 5.05 -44.10
CA ASP E 144 49.20 4.63 -45.33
C ASP E 144 50.54 3.94 -45.10
N LYS E 145 51.22 4.21 -43.98
CA LYS E 145 52.50 3.62 -43.62
C LYS E 145 52.39 2.55 -42.55
N CYS E 146 51.18 2.23 -42.12
CA CYS E 146 51.00 1.21 -41.11
C CYS E 146 51.29 -0.18 -41.69
N SER E 147 51.50 -1.16 -40.80
CA SER E 147 51.54 -2.55 -41.27
C SER E 147 50.14 -3.10 -41.52
N TYR E 148 49.15 -2.61 -40.77
CA TYR E 148 47.75 -2.90 -41.03
C TYR E 148 47.13 -1.95 -42.05
N ARG E 149 47.95 -1.13 -42.70
CA ARG E 149 47.48 -0.11 -43.65
C ARG E 149 46.48 -0.64 -44.67
N ASP E 150 46.76 -1.83 -45.22
CA ASP E 150 45.95 -2.32 -46.32
C ASP E 150 44.50 -2.50 -45.91
N VAL E 151 44.23 -2.68 -44.62
CA VAL E 151 42.88 -2.87 -44.12
C VAL E 151 42.35 -1.68 -43.33
N VAL E 152 43.17 -0.66 -43.06
CA VAL E 152 42.78 0.49 -42.25
C VAL E 152 42.91 1.78 -43.06
N LYS E 153 41.87 2.61 -43.00
CA LYS E 153 41.81 3.91 -43.64
C LYS E 153 41.38 4.97 -42.65
N MET E 154 41.65 6.21 -43.02
CA MET E 154 41.34 7.39 -42.22
C MET E 154 40.08 8.03 -42.78
N VAL E 155 39.19 8.47 -41.88
CA VAL E 155 37.90 9.04 -42.26
C VAL E 155 38.01 10.56 -42.31
N ALA E 156 37.51 11.16 -43.40
CA ALA E 156 37.59 12.58 -43.66
C ALA E 156 36.20 13.20 -43.45
N ASP E 157 36.12 14.51 -43.66
CA ASP E 157 34.97 15.35 -43.37
C ASP E 157 34.77 15.54 -41.87
N THR E 158 35.67 15.04 -41.03
CA THR E 158 35.61 15.23 -39.59
C THR E 158 36.91 15.82 -39.07
N SER E 159 36.79 16.74 -38.10
CA SER E 159 37.98 17.33 -37.49
C SER E 159 38.66 16.36 -36.54
N GLU E 160 37.88 15.48 -35.90
CA GLU E 160 38.41 14.45 -35.02
C GLU E 160 38.86 13.22 -35.82
N VAL E 161 39.75 12.45 -35.20
CA VAL E 161 40.39 11.32 -35.84
C VAL E 161 39.54 10.06 -35.71
N LYS E 162 39.19 9.47 -36.85
CA LYS E 162 38.43 8.22 -36.88
C LYS E 162 39.00 7.31 -37.94
N LEU E 163 39.08 6.03 -37.62
CA LEU E 163 39.69 4.98 -38.45
C LEU E 163 38.60 4.05 -38.92
N ARG E 164 38.68 3.62 -40.17
CA ARG E 164 37.74 2.64 -40.69
C ARG E 164 38.52 1.37 -41.02
N ILE E 165 38.30 0.33 -40.21
CA ILE E 165 39.10 -0.90 -40.20
C ILE E 165 38.32 -2.02 -40.88
N ARG E 166 38.96 -2.73 -41.78
CA ARG E 166 38.32 -3.80 -42.53
C ARG E 166 37.06 -3.31 -43.25
N ASP E 167 36.93 -2.00 -43.44
CA ASP E 167 35.74 -1.37 -44.01
C ASP E 167 34.46 -1.72 -43.26
N ARG E 168 34.57 -2.34 -42.07
CA ARG E 168 33.43 -2.82 -41.29
C ARG E 168 33.27 -2.17 -39.93
N TYR E 169 34.35 -1.69 -39.31
CA TYR E 169 34.34 -1.14 -37.98
C TYR E 169 34.92 0.25 -38.08
N VAL E 170 34.46 1.15 -37.21
CA VAL E 170 34.94 2.52 -37.16
C VAL E 170 35.31 2.85 -35.73
N VAL E 171 36.55 3.29 -35.54
CA VAL E 171 37.11 3.62 -34.24
C VAL E 171 37.58 5.05 -34.25
N GLN E 172 37.16 5.81 -33.24
CA GLN E 172 37.58 7.19 -33.08
C GLN E 172 38.65 7.25 -32.01
N ILE E 173 39.75 7.92 -32.31
CA ILE E 173 40.85 8.07 -31.38
C ILE E 173 40.83 9.49 -30.85
N THR E 174 40.67 9.58 -29.55
CA THR E 174 40.52 10.88 -28.93
C THR E 174 41.72 11.13 -28.03
N PRO E 175 42.59 12.07 -28.35
CA PRO E 175 43.62 12.44 -27.38
C PRO E 175 42.95 13.00 -26.12
N ALA E 176 43.47 12.64 -24.95
CA ALA E 176 42.82 13.04 -23.72
C ALA E 176 43.84 13.32 -22.64
N PHE E 177 43.41 14.13 -21.66
CA PHE E 177 44.13 14.38 -20.41
C PHE E 177 43.31 13.83 -19.26
N LYS E 178 43.94 12.96 -18.47
CA LYS E 178 43.33 12.36 -17.29
C LYS E 178 43.71 13.21 -16.10
N CYS E 179 42.72 13.92 -15.58
CA CYS E 179 42.87 14.78 -14.43
C CYS E 179 42.41 13.98 -13.23
N THR E 180 43.29 13.82 -12.25
CA THR E 180 42.97 13.12 -11.02
C THR E 180 43.35 14.01 -9.85
N GLY E 181 42.48 14.02 -8.83
CA GLY E 181 42.68 14.83 -7.65
C GLY E 181 41.90 16.13 -7.62
N ILE E 182 41.05 16.39 -8.60
CA ILE E 182 40.17 17.56 -8.61
C ILE E 182 38.84 17.15 -9.22
N TRP E 183 37.77 17.74 -8.73
CA TRP E 183 36.41 17.51 -9.18
C TRP E 183 35.86 18.77 -9.82
N PRO E 184 35.22 18.66 -10.98
CA PRO E 184 34.78 19.85 -11.72
C PRO E 184 33.58 20.54 -11.08
N ARG E 185 33.59 21.86 -11.10
CA ARG E 185 32.55 22.63 -10.40
C ARG E 185 31.17 22.33 -10.95
N SER E 186 31.08 21.92 -12.22
CA SER E 186 29.76 21.58 -12.76
C SER E 186 29.21 20.34 -12.08
N ALA E 187 30.07 19.40 -11.75
CA ALA E 187 29.65 18.22 -11.03
C ALA E 187 29.76 18.36 -9.51
N ALA E 188 30.10 19.55 -9.00
CA ALA E 188 30.37 19.70 -7.57
C ALA E 188 29.11 19.47 -6.74
N HIS E 189 27.95 19.82 -7.28
CA HIS E 189 26.70 19.60 -6.56
C HIS E 189 26.54 18.13 -6.24
N TRP E 190 27.01 17.27 -7.13
CA TRP E 190 26.90 15.85 -6.97
C TRP E 190 27.89 15.44 -5.88
N PRO E 191 27.47 14.58 -4.93
CA PRO E 191 26.21 13.87 -4.79
C PRO E 191 25.13 14.75 -4.20
N LEU E 192 23.90 14.63 -4.69
CA LEU E 192 22.84 15.44 -4.10
C LEU E 192 22.66 15.05 -2.64
N PRO E 193 22.82 15.98 -1.69
CA PRO E 193 22.70 15.64 -0.27
C PRO E 193 21.33 15.11 0.13
N HIS E 194 20.35 15.15 -0.77
CA HIS E 194 18.99 14.73 -0.45
C HIS E 194 18.85 13.22 -0.37
N ILE E 195 19.72 12.50 -1.06
CA ILE E 195 19.51 11.09 -1.37
C ILE E 195 20.57 10.26 -0.65
N PRO E 196 20.18 9.21 0.08
CA PRO E 196 21.16 8.40 0.82
C PRO E 196 22.16 7.72 -0.09
N TRP E 197 21.82 7.54 -1.35
CA TRP E 197 22.69 7.01 -2.39
C TRP E 197 23.49 8.07 -3.18
N PRO E 198 24.77 7.80 -3.45
CA PRO E 198 25.52 6.63 -2.97
C PRO E 198 26.15 6.92 -1.61
N GLY E 199 26.63 5.89 -0.92
CA GLY E 199 27.23 6.10 0.38
C GLY E 199 28.40 7.05 0.33
N PRO E 200 28.63 7.77 1.42
CA PRO E 200 29.76 8.72 1.44
C PRO E 200 31.09 8.08 1.07
N ASN E 201 31.25 6.80 1.40
CA ASN E 201 32.45 6.05 1.02
C ASN E 201 32.52 5.81 -0.49
N ARG E 202 31.42 5.43 -1.12
CA ARG E 202 31.46 5.24 -2.57
C ARG E 202 31.57 6.55 -3.33
N VAL E 203 30.97 7.63 -2.84
CA VAL E 203 31.13 8.93 -3.51
C VAL E 203 32.60 9.33 -3.50
N ALA E 204 33.21 9.24 -2.32
CA ALA E 204 34.63 9.51 -2.22
C ALA E 204 35.45 8.57 -3.08
N GLU E 205 34.93 7.35 -3.29
CA GLU E 205 35.57 6.36 -4.15
C GLU E 205 35.42 6.73 -5.63
N VAL E 206 34.20 7.06 -6.05
CA VAL E 206 33.94 7.44 -7.44
C VAL E 206 34.67 8.74 -7.79
N LYS E 207 34.69 9.71 -6.87
CA LYS E 207 35.38 10.95 -7.16
C LYS E 207 36.88 10.77 -7.19
N ALA E 208 37.43 9.86 -6.38
CA ALA E 208 38.86 9.61 -6.45
C ALA E 208 39.28 9.12 -7.83
N GLU E 209 38.34 8.50 -8.57
CA GLU E 209 38.61 8.06 -9.92
C GLU E 209 39.04 9.23 -10.81
N GLY E 210 38.54 10.42 -10.51
CA GLY E 210 38.74 11.59 -11.34
C GLY E 210 37.84 11.54 -12.56
N PHE E 211 38.13 12.42 -13.50
CA PHE E 211 37.35 12.62 -14.72
C PHE E 211 38.33 12.82 -15.87
N ASN E 212 37.81 12.94 -17.10
CA ASN E 212 38.70 13.09 -18.26
C ASN E 212 38.36 14.32 -19.11
N LEU E 213 39.39 14.91 -19.67
CA LEU E 213 39.25 15.97 -20.65
C LEU E 213 39.63 15.42 -22.02
N LEU E 214 38.71 15.58 -22.98
CA LEU E 214 38.81 15.04 -24.33
C LEU E 214 38.92 16.17 -25.35
N SER E 215 39.82 16.01 -26.31
CA SER E 215 39.91 16.94 -27.44
C SER E 215 38.85 16.52 -28.45
N LYS E 216 37.66 17.11 -28.33
CA LYS E 216 36.53 16.80 -29.19
C LYS E 216 35.83 18.11 -29.55
N GLU E 217 34.89 18.05 -30.50
CA GLU E 217 34.13 19.24 -30.81
C GLU E 217 33.07 19.45 -29.75
N CYS E 218 32.62 20.69 -29.62
CA CYS E 218 31.74 21.15 -28.55
C CYS E 218 30.72 22.15 -29.06
N HIS E 219 29.48 22.01 -28.62
CA HIS E 219 28.46 23.01 -28.91
C HIS E 219 27.24 22.87 -28.02
N GLU E 229 34.21 28.80 -32.49
CA GLU E 229 35.66 28.85 -32.55
C GLU E 229 36.25 28.95 -31.14
N SER E 230 35.77 28.07 -30.26
CA SER E 230 36.27 27.95 -28.89
C SER E 230 36.96 26.60 -28.71
N ASP E 231 38.28 26.68 -28.51
CA ASP E 231 39.19 25.55 -28.40
C ASP E 231 39.14 25.02 -26.97
N ALA E 232 38.12 24.22 -26.71
CA ALA E 232 37.94 23.70 -25.38
C ALA E 232 38.06 22.17 -25.40
N TRP E 233 38.15 21.61 -24.20
CA TRP E 233 38.20 20.17 -23.98
C TRP E 233 36.86 19.70 -23.46
N VAL E 234 36.37 18.57 -23.98
CA VAL E 234 35.10 18.01 -23.52
C VAL E 234 35.30 17.22 -22.22
N LEU E 235 34.29 17.22 -21.35
CA LEU E 235 34.34 16.43 -20.11
C LEU E 235 33.67 15.09 -20.30
N GLN E 236 34.29 14.06 -19.74
CA GLN E 236 33.77 12.71 -19.79
C GLN E 236 34.13 12.07 -18.46
N PHE E 237 33.19 11.26 -17.89
CA PHE E 237 33.37 10.63 -16.58
C PHE E 237 33.31 9.11 -16.60
N ALA E 238 33.71 8.47 -17.70
CA ALA E 238 33.39 7.06 -17.87
C ALA E 238 33.90 6.19 -16.72
N GLU E 239 35.07 6.50 -16.16
CA GLU E 239 35.62 5.69 -15.06
C GLU E 239 34.86 5.93 -13.76
N ALA E 240 34.42 7.16 -13.52
CA ALA E 240 33.58 7.39 -12.35
C ALA E 240 32.19 6.78 -12.55
N GLU E 241 31.61 6.92 -13.75
CA GLU E 241 30.32 6.29 -14.02
C GLU E 241 30.40 4.77 -13.86
N ASN E 242 31.40 4.15 -14.48
CA ASN E 242 31.53 2.69 -14.43
C ASN E 242 31.67 2.21 -12.99
N ARG E 243 32.37 2.97 -12.15
CA ARG E 243 32.49 2.56 -10.76
C ARG E 243 31.23 2.84 -9.98
N LEU E 244 30.53 3.88 -10.36
CA LEU E 244 29.30 4.26 -9.67
C LEU E 244 28.27 3.15 -9.75
N GLN E 245 28.12 2.53 -10.90
CA GLN E 245 27.08 1.55 -11.14
C GLN E 245 27.43 0.12 -10.69
N MET E 246 28.54 -0.10 -9.98
CA MET E 246 28.79 -1.44 -9.46
C MET E 246 27.77 -1.78 -8.41
N GLY E 247 27.35 -3.05 -8.39
CA GLY E 247 26.35 -3.52 -7.45
C GLY E 247 25.06 -4.08 -8.04
N GLY E 248 24.56 -5.15 -7.43
CA GLY E 248 23.26 -5.70 -7.75
C GLY E 248 23.13 -6.08 -9.21
N CYS E 249 21.94 -5.82 -9.77
CA CYS E 249 21.69 -6.10 -11.17
C CYS E 249 21.80 -4.84 -12.06
N ARG E 250 22.40 -3.75 -11.57
CA ARG E 250 22.60 -2.53 -12.36
C ARG E 250 23.35 -2.79 -13.65
N LYS E 251 24.52 -3.40 -13.54
CA LYS E 251 25.24 -3.72 -14.75
C LYS E 251 24.45 -4.74 -15.56
N LYS E 252 23.81 -5.69 -14.89
CA LYS E 252 23.00 -6.64 -15.64
C LYS E 252 21.86 -5.94 -16.36
N CYS E 253 21.18 -5.03 -15.65
CA CYS E 253 20.13 -4.23 -16.25
C CYS E 253 20.69 -3.42 -17.42
N LEU E 254 21.80 -2.72 -17.19
CA LEU E 254 22.40 -1.90 -18.23
C LEU E 254 22.75 -2.76 -19.45
N SER E 255 23.35 -3.93 -19.21
CA SER E 255 23.69 -4.87 -20.27
C SER E 255 22.45 -5.30 -21.06
N ILE E 256 21.34 -5.59 -20.37
CA ILE E 256 20.09 -5.90 -21.07
C ILE E 256 19.63 -4.71 -21.92
N LEU E 257 19.70 -3.49 -21.37
CA LEU E 257 19.20 -2.32 -22.10
C LEU E 257 20.03 -2.07 -23.35
N LYS E 258 21.36 -2.02 -23.19
CA LYS E 258 22.24 -1.87 -24.34
C LYS E 258 21.89 -2.89 -25.43
N THR E 259 21.62 -4.14 -25.04
CA THR E 259 21.26 -5.16 -26.02
C THR E 259 19.96 -4.80 -26.73
N LEU E 260 18.93 -4.46 -25.96
CA LEU E 260 17.64 -4.08 -26.54
C LEU E 260 17.82 -2.89 -27.47
N ARG E 261 18.66 -1.93 -27.08
CA ARG E 261 18.89 -0.77 -27.93
C ARG E 261 19.48 -1.18 -29.28
N ASP E 262 20.52 -2.02 -29.27
CA ASP E 262 21.16 -2.45 -30.52
C ASP E 262 20.15 -3.11 -31.45
N ARG E 263 19.35 -4.03 -30.92
CA ARG E 263 18.51 -4.84 -31.78
C ARG E 263 17.23 -4.12 -32.20
N HIS E 264 16.69 -3.23 -31.38
CA HIS E 264 15.38 -2.67 -31.67
C HIS E 264 15.32 -1.15 -31.64
N LEU E 265 16.37 -0.47 -31.23
CA LEU E 265 16.36 0.98 -31.05
C LEU E 265 17.46 1.69 -31.83
N GLU E 266 18.13 1.01 -32.75
CA GLU E 266 18.87 1.71 -33.80
C GLU E 266 17.85 2.24 -34.79
N LEU E 267 17.60 3.53 -34.73
CA LEU E 267 16.49 4.21 -35.39
C LEU E 267 16.97 5.33 -36.31
N PRO E 268 16.14 5.72 -37.28
CA PRO E 268 16.45 6.90 -38.09
C PRO E 268 16.78 8.09 -37.21
N GLY E 269 17.84 8.81 -37.57
CA GLY E 269 18.22 9.96 -36.78
C GLY E 269 19.13 9.68 -35.61
N GLN E 270 19.46 8.42 -35.34
CA GLN E 270 20.26 8.02 -34.20
C GLN E 270 19.87 8.71 -32.90
N PRO E 271 18.58 8.71 -32.52
CA PRO E 271 18.20 9.41 -31.30
C PRO E 271 18.73 8.77 -30.02
N LEU E 272 19.00 7.47 -29.99
CA LEU E 272 19.28 6.78 -28.74
C LEU E 272 20.65 6.09 -28.75
N ASN E 273 21.41 6.29 -27.66
CA ASN E 273 22.76 5.79 -27.45
C ASN E 273 22.79 4.87 -26.24
N ASN E 274 23.81 4.03 -26.17
CA ASN E 274 24.13 3.35 -24.92
C ASN E 274 24.35 4.35 -23.80
N TYR E 275 24.85 5.54 -24.13
CA TYR E 275 25.13 6.48 -23.05
C TYR E 275 23.83 6.97 -22.39
N HIS E 276 22.76 7.06 -23.17
CA HIS E 276 21.45 7.37 -22.61
C HIS E 276 21.07 6.34 -21.57
N MET E 277 21.18 5.05 -21.94
CA MET E 277 20.88 3.99 -21.01
C MET E 277 21.83 4.03 -19.83
N LYS E 278 23.13 4.20 -20.08
CA LYS E 278 24.09 4.24 -18.98
C LYS E 278 23.72 5.38 -18.04
N THR E 279 23.47 6.54 -18.61
CA THR E 279 23.17 7.71 -17.81
C THR E 279 21.80 7.57 -17.14
N LEU E 280 20.84 6.88 -17.76
CA LEU E 280 19.53 6.67 -17.12
C LEU E 280 19.61 5.73 -15.94
N VAL E 281 20.31 4.61 -16.10
CA VAL E 281 20.55 3.71 -14.97
C VAL E 281 21.05 4.52 -13.79
N SER E 282 21.91 5.51 -14.05
CA SER E 282 22.38 6.36 -12.96
C SER E 282 21.23 7.11 -12.28
N TYR E 283 20.30 7.66 -13.06
CA TYR E 283 19.15 8.35 -12.46
C TYR E 283 18.28 7.36 -11.66
N GLU E 284 17.96 6.22 -12.27
CA GLU E 284 17.20 5.19 -11.55
C GLU E 284 17.89 4.79 -10.26
N CYS E 285 19.21 4.80 -10.23
CA CYS E 285 19.92 4.58 -8.97
C CYS E 285 19.63 5.70 -7.98
N GLU E 286 19.68 6.93 -8.48
CA GLU E 286 19.40 8.09 -7.64
C GLU E 286 17.97 8.03 -7.12
N LYS E 287 17.03 7.74 -8.03
CA LYS E 287 15.62 7.60 -7.66
C LYS E 287 15.38 6.48 -6.64
N HIS E 288 16.13 5.36 -6.72
CA HIS E 288 15.96 4.23 -5.79
C HIS E 288 17.22 3.97 -4.96
N PRO E 289 17.40 4.67 -3.84
CA PRO E 289 18.73 4.68 -3.19
C PRO E 289 19.19 3.35 -2.60
N ARG E 290 18.32 2.58 -1.95
CA ARG E 290 18.79 1.39 -1.25
C ARG E 290 19.09 0.23 -2.19
N GLU E 291 20.16 -0.53 -1.88
CA GLU E 291 20.59 -1.64 -2.72
C GLU E 291 19.51 -2.69 -2.86
N SER E 292 18.68 -2.84 -1.82
CA SER E 292 17.58 -3.78 -1.87
C SER E 292 16.69 -3.52 -3.07
N ASP E 293 16.63 -2.27 -3.52
CA ASP E 293 15.94 -1.95 -4.76
C ASP E 293 16.62 -2.56 -5.96
N TRP E 294 17.87 -2.99 -5.83
CA TRP E 294 18.63 -3.54 -6.94
C TRP E 294 18.92 -5.05 -6.82
N ASP E 295 18.28 -5.75 -5.88
CA ASP E 295 18.29 -7.20 -5.82
C ASP E 295 17.86 -7.83 -7.14
N GLU E 296 18.16 -9.12 -7.32
CA GLU E 296 17.76 -9.79 -8.55
C GLU E 296 16.24 -9.83 -8.66
N SER E 297 15.56 -9.85 -7.51
CA SER E 297 14.10 -9.78 -7.47
C SER E 297 13.57 -8.53 -8.16
N CYS E 298 14.26 -7.41 -7.97
CA CYS E 298 13.82 -6.14 -8.53
C CYS E 298 14.35 -5.87 -9.94
N LEU E 299 14.95 -6.85 -10.60
CA LEU E 299 15.49 -6.57 -11.93
C LEU E 299 14.39 -6.16 -12.89
N GLY E 300 13.30 -6.92 -12.90
CA GLY E 300 12.21 -6.59 -13.78
C GLY E 300 11.65 -5.20 -13.54
N ASP E 301 11.44 -4.87 -12.26
CA ASP E 301 10.97 -3.52 -11.93
C ASP E 301 11.94 -2.49 -12.45
N ARG E 302 13.24 -2.71 -12.21
CA ARG E 302 14.23 -1.69 -12.55
C ARG E 302 14.34 -1.48 -14.05
N LEU E 303 14.30 -2.56 -14.84
CA LEU E 303 14.30 -2.37 -16.28
C LEU E 303 13.06 -1.61 -16.74
N ASN E 304 11.89 -1.96 -16.20
CA ASN E 304 10.65 -1.26 -16.56
C ASN E 304 10.72 0.21 -16.19
N GLY E 305 11.23 0.53 -15.01
CA GLY E 305 11.35 1.92 -14.64
C GLY E 305 12.18 2.70 -15.63
N ILE E 306 13.24 2.09 -16.14
CA ILE E 306 14.14 2.80 -17.03
C ILE E 306 13.50 2.98 -18.41
N LEU E 307 12.95 1.91 -18.99
CA LEU E 307 12.30 2.03 -20.30
C LEU E 307 11.18 3.07 -20.30
N LEU E 308 10.36 3.08 -19.24
CA LEU E 308 9.35 4.12 -19.10
C LEU E 308 10.01 5.49 -18.98
N GLN E 309 11.00 5.60 -18.10
CA GLN E 309 11.74 6.86 -17.95
C GLN E 309 12.28 7.34 -19.29
N LEU E 310 12.78 6.42 -20.12
CA LEU E 310 13.28 6.78 -21.44
C LEU E 310 12.17 7.29 -22.33
N ILE E 311 11.00 6.63 -22.31
CA ILE E 311 9.86 7.11 -23.09
C ILE E 311 9.49 8.51 -22.66
N SER E 312 9.58 8.78 -21.37
CA SER E 312 9.28 10.12 -20.89
C SER E 312 10.30 11.12 -21.42
N CYS E 313 11.60 10.82 -21.26
CA CYS E 313 12.65 11.72 -21.74
C CYS E 313 12.51 12.06 -23.21
N LEU E 314 12.18 11.07 -24.06
CA LEU E 314 11.93 11.30 -25.47
C LEU E 314 10.74 12.23 -25.68
N GLN E 315 9.65 11.99 -24.97
CA GLN E 315 8.44 12.77 -25.20
C GLN E 315 8.59 14.18 -24.63
N CYS E 316 9.22 14.28 -23.46
CA CYS E 316 9.55 15.56 -22.83
C CYS E 316 10.58 16.34 -23.63
N ARG E 317 11.22 15.71 -24.61
CA ARG E 317 12.14 16.29 -25.57
C ARG E 317 13.47 16.70 -24.92
N ARG E 318 13.70 16.28 -23.67
CA ARG E 318 14.93 16.53 -22.92
C ARG E 318 15.30 15.31 -22.09
N CYS E 319 16.61 15.00 -22.09
CA CYS E 319 17.17 13.92 -21.29
C CYS E 319 18.48 14.40 -20.71
N PRO E 320 18.52 14.75 -19.43
CA PRO E 320 19.73 15.37 -18.88
C PRO E 320 20.80 14.36 -18.56
N HIS E 321 22.03 14.83 -18.69
CA HIS E 321 23.25 14.11 -18.33
C HIS E 321 23.32 13.98 -16.81
N TYR E 322 23.87 12.86 -16.33
CA TYR E 322 23.85 12.57 -14.90
C TYR E 322 24.76 13.50 -14.11
N PHE E 323 26.01 13.63 -14.53
CA PHE E 323 26.95 14.45 -13.77
C PHE E 323 26.82 15.94 -14.07
N LEU E 324 26.45 16.29 -15.29
CA LEU E 324 26.37 17.68 -15.72
C LEU E 324 24.91 17.91 -16.10
N PRO E 325 24.06 18.28 -15.14
CA PRO E 325 22.64 18.50 -15.43
C PRO E 325 22.38 19.55 -16.50
N ASN E 326 23.33 20.48 -16.69
CA ASN E 326 23.16 21.53 -17.67
C ASN E 326 23.12 20.97 -19.10
N LEU E 327 23.61 19.74 -19.30
CA LEU E 327 23.76 19.12 -20.61
C LEU E 327 22.59 18.22 -20.93
N ASP E 328 22.03 18.39 -22.12
CA ASP E 328 20.90 17.59 -22.59
C ASP E 328 21.40 16.69 -23.71
N LEU E 329 21.42 15.40 -23.46
CA LEU E 329 21.87 14.38 -24.39
C LEU E 329 20.97 14.28 -25.61
N PHE E 330 19.90 15.08 -25.68
CA PHE E 330 19.13 15.22 -26.90
C PHE E 330 19.40 16.54 -27.64
N GLN E 331 20.38 17.33 -27.20
CA GLN E 331 20.66 18.59 -27.85
C GLN E 331 20.92 18.34 -29.32
N GLY E 332 20.24 19.11 -30.17
CA GLY E 332 20.41 18.94 -31.59
C GLY E 332 19.71 17.75 -32.18
N LYS E 333 18.70 17.21 -31.51
CA LYS E 333 17.98 16.09 -32.07
C LYS E 333 16.61 16.49 -32.58
N PRO E 334 16.28 16.09 -33.80
CA PRO E 334 15.00 16.50 -34.40
C PRO E 334 13.82 15.93 -33.64
N HIS E 335 12.84 16.79 -33.37
CA HIS E 335 11.66 16.39 -32.64
C HIS E 335 10.93 15.23 -33.32
N SER E 336 10.98 15.17 -34.65
CA SER E 336 10.36 14.07 -35.38
C SER E 336 10.99 12.73 -35.06
N ALA E 337 12.32 12.70 -34.86
CA ALA E 337 13.03 11.45 -34.61
C ALA E 337 12.83 10.95 -33.19
N LEU E 338 12.85 11.88 -32.23
CA LEU E 338 12.53 11.54 -30.85
C LEU E 338 11.09 11.09 -30.75
N GLU E 339 10.21 11.60 -31.61
CA GLU E 339 8.84 11.12 -31.62
C GLU E 339 8.78 9.67 -32.06
N ASN E 340 9.50 9.32 -33.13
CA ASN E 340 9.49 7.94 -33.60
C ASN E 340 10.13 7.03 -32.57
N ALA E 341 11.24 7.45 -31.95
CA ALA E 341 11.87 6.61 -30.94
C ALA E 341 10.91 6.37 -29.79
N ALA E 342 10.15 7.39 -29.41
CA ALA E 342 9.17 7.23 -28.36
C ALA E 342 8.10 6.23 -28.77
N LYS E 343 7.67 6.29 -30.04
CA LYS E 343 6.71 5.31 -30.55
C LYS E 343 7.34 3.94 -30.45
N GLN E 344 8.60 3.82 -30.89
CA GLN E 344 9.22 2.50 -30.98
C GLN E 344 9.55 1.93 -29.61
N THR E 345 10.17 2.73 -28.74
CA THR E 345 10.42 2.25 -27.37
C THR E 345 9.17 1.93 -26.60
N TRP E 346 8.12 2.71 -26.79
CA TRP E 346 6.87 2.33 -26.16
C TRP E 346 6.40 0.99 -26.70
N ARG E 347 6.40 0.84 -28.03
CA ARG E 347 6.01 -0.44 -28.63
C ARG E 347 6.84 -1.58 -28.02
N LEU E 348 8.12 -1.33 -27.76
CA LEU E 348 8.95 -2.34 -27.12
C LEU E 348 8.58 -2.52 -25.67
N ALA E 349 8.50 -1.42 -24.91
CA ALA E 349 8.17 -1.50 -23.48
C ALA E 349 6.82 -2.13 -23.24
N ARG E 350 5.86 -1.87 -24.12
CA ARG E 350 4.56 -2.51 -23.99
C ARG E 350 4.67 -4.01 -24.20
N GLU E 351 5.34 -4.43 -25.28
CA GLU E 351 5.44 -5.85 -25.62
C GLU E 351 6.12 -6.66 -24.53
N ILE E 352 7.16 -6.13 -23.90
CA ILE E 352 7.83 -6.83 -22.80
C ILE E 352 6.92 -6.90 -21.58
N LEU E 353 6.39 -5.76 -21.15
CA LEU E 353 5.58 -5.72 -19.94
C LEU E 353 4.32 -6.55 -20.09
N THR E 354 3.61 -6.39 -21.21
CA THR E 354 2.46 -7.22 -21.53
C THR E 354 2.80 -8.70 -21.51
N ASN E 355 3.91 -9.08 -22.15
CA ASN E 355 4.25 -10.49 -22.29
C ASN E 355 5.76 -10.69 -22.22
N PRO E 356 6.29 -11.00 -21.03
CA PRO E 356 7.74 -11.10 -20.91
C PRO E 356 8.35 -12.21 -21.73
N LYS E 357 7.59 -13.23 -22.13
CA LYS E 357 8.13 -14.27 -22.98
C LYS E 357 8.53 -13.75 -24.35
N SER E 358 7.99 -12.63 -24.78
CA SER E 358 8.36 -12.08 -26.08
C SER E 358 9.85 -11.83 -26.19
N LEU E 359 10.55 -11.70 -25.05
CA LEU E 359 11.98 -11.49 -25.04
C LEU E 359 12.72 -12.51 -25.88
N GLU E 360 12.21 -13.74 -25.92
CA GLU E 360 12.81 -14.77 -26.74
C GLU E 360 13.02 -14.30 -28.18
N LYS E 361 11.99 -13.71 -28.79
CA LYS E 361 12.08 -13.19 -30.16
C LYS E 361 12.64 -11.77 -30.22
N LEU E 362 12.96 -11.15 -29.09
CA LEU E 362 13.63 -9.87 -29.10
C LEU E 362 15.10 -10.13 -28.86
#